data_4N76
#
_entry.id   4N76
#
_cell.length_a   110.918
_cell.length_b   117.420
_cell.length_c   160.457
_cell.angle_alpha   90.00
_cell.angle_beta   90.00
_cell.angle_gamma   90.00
#
_symmetry.space_group_name_H-M   'P 21 21 21'
#
loop_
_entity.id
_entity.type
_entity.pdbx_description
1 polymer Argonaute
2 polymer "5'-D(P*TP*GP*AP*GP*GP*TP*AP*GP*TP*AP*GP*GP*TP*TP*GP*TP*AP*TP*AP*GP*T)-3'"
3 polymer "5'-D(P*TP*AP*CP*TP*AP*CP*CP*TP*CP*G)-3'"
4 non-polymer 'MANGANESE (II) ION'
5 non-polymer "THYMIDINE-5'-PHOSPHATE"
6 water water
#
loop_
_entity_poly.entity_id
_entity_poly.type
_entity_poly.pdbx_seq_one_letter_code
_entity_poly.pdbx_strand_id
1 'polypeptide(L)'
;MNHLGKTEVFLNRFALRPLNPEELRPWRLEVVLDPPPGREEVYPLLAQVARRAGGVTVRMGDGLASWSPPEVLVLEGTLA
RMGQTYAYRLYPKGRRPLDPKDPGERSVLSALARRLLQERLRRLEGVWVEGLAVYRREHARGPGWRVLGGAVLDLWVSDS
GAFLLEVDPAYRILCEMSLEAWLAQGHPLPKRVRNAYDRRTWELLRLGEEDPKELPLPGGLSLLDYHASKGRLQGREGGR
VAWVADPKDPRKPIPHLTGLLVPVLTLEDLHEEEGSLALSLPWEERRRRTREIASWIGRRLGLGTPEAVRAQAYRLSIPK
LMGRRAVSKPADALRVGFYRAQETALALLRLDGAQGWPEFLRRALLRAFGASGASLRLHTLHAHPSQGLAFREALRKAKE
EGVQAVLVLTPPMAWEDRNRLKALLLREGLPSQILNVPLREEERHRWENALLGLLAKAGLQVVALSGAYPAELAVGFDAG
GRESFRFGGAACAVGGDGGHLLWTLPEAQAGERIPQEVVWDLLEETLWAFRRKAGRLPSRVLLLRDGRVPQDEFALALEA
LAREGIAYDLVSVRKSGGGRVYPVQGRLADGLYVPLEDKTFLLLTVHRDFRGTPRPLKLVHEAGDTPLEALAHQIFHLTR
LYPASGFAFPRLPAPLHLADRLVKEVGRLGIRHLKEVDREKLFFV
;
A,B
2 'polydeoxyribonucleotide'
;(DT)(DG)(DA)(DG)(DG)(DT)(DA)(DG)(DT)(DA)(DG)(DG)(DT)(DT)(DG)(DT)(DA)(DT)(DA)(DG)
(DT)
;
C,E
3 'polydeoxyribonucleotide' (DT)(DA)(DC)(DT)(DA)(DC)(DC)(DT)(DC)(DG) D,F
#
# COMPACT_ATOMS: atom_id res chain seq x y z
N HIS A 3 -30.65 -31.86 -8.59
CA HIS A 3 -31.82 -30.99 -8.43
C HIS A 3 -32.87 -31.35 -9.47
N LEU A 4 -32.53 -31.12 -10.71
CA LEU A 4 -33.29 -31.66 -11.79
C LEU A 4 -32.68 -33.00 -12.17
N GLY A 5 -32.22 -33.14 -13.39
CA GLY A 5 -31.66 -34.42 -13.83
C GLY A 5 -30.19 -34.60 -13.48
N LYS A 6 -29.87 -35.79 -12.96
CA LYS A 6 -28.49 -36.19 -12.74
C LYS A 6 -27.95 -36.90 -13.97
N THR A 7 -26.97 -36.30 -14.62
CA THR A 7 -26.41 -36.84 -15.86
C THR A 7 -24.95 -37.27 -15.70
N GLU A 8 -24.19 -37.16 -16.78
CA GLU A 8 -22.80 -37.59 -16.80
C GLU A 8 -21.97 -36.62 -17.65
N VAL A 9 -20.71 -36.46 -17.27
CA VAL A 9 -19.78 -35.62 -18.02
C VAL A 9 -18.37 -36.23 -18.13
N PHE A 10 -17.56 -35.60 -18.97
CA PHE A 10 -16.16 -35.90 -19.19
C PHE A 10 -15.40 -34.69 -18.65
N LEU A 11 -14.30 -34.89 -17.94
CA LEU A 11 -13.42 -33.75 -17.66
C LEU A 11 -12.28 -33.82 -18.69
N ASN A 12 -11.59 -32.70 -18.90
CA ASN A 12 -10.44 -32.72 -19.82
C ASN A 12 -9.20 -33.35 -19.18
N ARG A 13 -9.44 -34.32 -18.30
CA ARG A 13 -8.35 -35.11 -17.73
C ARG A 13 -8.40 -36.49 -18.34
N PHE A 14 -7.26 -37.17 -18.34
CA PHE A 14 -7.19 -38.51 -18.88
C PHE A 14 -6.34 -39.41 -17.99
N ALA A 15 -6.87 -40.59 -17.69
CA ALA A 15 -6.17 -41.56 -16.84
C ALA A 15 -5.27 -42.45 -17.69
N LEU A 16 -3.97 -42.40 -17.40
CA LEU A 16 -2.99 -43.19 -18.15
C LEU A 16 -2.53 -44.39 -17.32
N ARG A 17 -1.37 -44.92 -17.67
CA ARG A 17 -0.84 -46.10 -17.00
C ARG A 17 -0.58 -45.83 -15.52
N PRO A 18 -0.66 -46.88 -14.68
CA PRO A 18 -0.30 -46.72 -13.27
C PRO A 18 1.21 -46.57 -13.12
N LEU A 19 1.67 -46.32 -11.90
CA LEU A 19 3.09 -46.14 -11.66
C LEU A 19 3.83 -47.47 -11.52
N ASN A 20 4.72 -47.77 -12.46
CA ASN A 20 5.53 -48.98 -12.41
C ASN A 20 6.42 -48.98 -11.15
N PRO A 21 6.86 -50.17 -10.69
CA PRO A 21 7.59 -50.28 -9.42
C PRO A 21 8.81 -49.36 -9.24
N GLU A 22 9.29 -48.72 -10.30
CA GLU A 22 10.39 -47.77 -10.15
C GLU A 22 9.84 -46.42 -9.65
N GLU A 23 8.54 -46.24 -9.83
CA GLU A 23 7.89 -44.94 -9.60
C GLU A 23 7.17 -44.80 -8.25
N LEU A 24 6.82 -45.93 -7.64
CA LEU A 24 6.11 -45.90 -6.36
C LEU A 24 7.07 -45.70 -5.19
N ARG A 25 8.34 -46.01 -5.43
CA ARG A 25 9.37 -45.86 -4.41
C ARG A 25 10.51 -45.00 -4.95
N PRO A 26 10.32 -43.66 -4.93
CA PRO A 26 11.32 -42.73 -5.47
C PRO A 26 12.61 -42.73 -4.67
N TRP A 27 13.70 -42.30 -5.30
CA TRP A 27 14.98 -42.17 -4.63
C TRP A 27 15.01 -40.97 -3.70
N ARG A 28 15.57 -41.19 -2.50
CA ARG A 28 15.78 -40.12 -1.53
C ARG A 28 17.18 -39.56 -1.68
N LEU A 29 17.28 -38.25 -1.91
CA LEU A 29 18.55 -37.57 -2.05
C LEU A 29 18.72 -36.51 -0.97
N GLU A 30 19.73 -36.67 -0.13
CA GLU A 30 20.07 -35.66 0.84
C GLU A 30 20.91 -34.60 0.15
N VAL A 31 20.60 -33.34 0.40
CA VAL A 31 21.26 -32.24 -0.29
C VAL A 31 22.24 -31.51 0.64
N VAL A 32 23.39 -31.11 0.10
CA VAL A 32 24.36 -30.33 0.86
C VAL A 32 24.78 -29.09 0.08
N LEU A 33 24.54 -27.91 0.66
CA LEU A 33 24.94 -26.66 0.04
C LEU A 33 26.11 -26.00 0.79
N ASP A 34 26.79 -25.09 0.11
CA ASP A 34 27.97 -24.43 0.68
C ASP A 34 28.11 -23.05 0.08
N PRO A 35 27.81 -22.00 0.87
CA PRO A 35 27.49 -22.11 2.30
C PRO A 35 26.03 -22.49 2.54
N PRO A 36 25.72 -23.03 3.73
CA PRO A 36 24.32 -23.27 4.12
C PRO A 36 23.49 -22.01 3.92
N PRO A 37 22.29 -22.15 3.35
CA PRO A 37 21.52 -21.00 2.84
C PRO A 37 20.99 -20.07 3.93
N GLY A 38 19.96 -19.30 3.60
CA GLY A 38 19.32 -18.43 4.57
C GLY A 38 17.85 -18.75 4.69
N ARG A 39 17.25 -18.75 5.83
CA ARG A 39 16.03 -19.49 5.93
C ARG A 39 15.03 -19.13 4.89
N GLU A 40 14.77 -17.87 4.66
CA GLU A 40 13.67 -17.52 3.76
C GLU A 40 14.07 -18.06 2.39
N GLU A 41 15.37 -18.10 2.13
CA GLU A 41 15.88 -18.57 0.83
C GLU A 41 16.55 -19.93 0.97
N VAL A 42 15.75 -20.98 1.14
CA VAL A 42 16.26 -22.34 1.27
C VAL A 42 15.48 -23.29 0.37
N TYR A 43 14.19 -23.44 0.63
CA TYR A 43 13.31 -24.26 -0.19
C TYR A 43 13.28 -23.89 -1.68
N PRO A 44 13.24 -22.58 -2.01
CA PRO A 44 13.34 -22.23 -3.43
C PRO A 44 14.69 -22.65 -4.00
N LEU A 45 15.75 -22.46 -3.22
CA LEU A 45 17.10 -22.82 -3.61
C LEU A 45 17.25 -24.32 -3.76
N LEU A 46 16.53 -25.06 -2.91
CA LEU A 46 16.54 -26.52 -2.92
C LEU A 46 15.85 -27.02 -4.19
N ALA A 47 14.68 -26.45 -4.49
CA ALA A 47 13.95 -26.77 -5.71
C ALA A 47 14.78 -26.40 -6.93
N GLN A 48 15.60 -25.37 -6.79
CA GLN A 48 16.52 -24.96 -7.83
C GLN A 48 17.60 -26.01 -8.05
N VAL A 49 18.09 -26.59 -6.95
CA VAL A 49 19.00 -27.72 -7.02
C VAL A 49 18.36 -28.90 -7.75
N ALA A 50 17.11 -29.19 -7.42
CA ALA A 50 16.38 -30.24 -8.11
C ALA A 50 16.26 -29.94 -9.60
N ARG A 51 16.08 -28.66 -9.93
CA ARG A 51 15.95 -28.24 -11.32
C ARG A 51 17.32 -28.21 -12.01
N ARG A 52 18.38 -28.34 -11.23
CA ARG A 52 19.74 -28.32 -11.76
C ARG A 52 20.36 -29.71 -11.94
N ALA A 53 19.93 -30.66 -11.13
CA ALA A 53 20.46 -32.02 -11.24
C ALA A 53 19.97 -32.69 -12.51
N GLY A 54 19.05 -32.04 -13.21
CA GLY A 54 18.44 -32.62 -14.39
C GLY A 54 17.59 -33.82 -14.02
N GLY A 55 17.09 -34.53 -15.03
CA GLY A 55 16.24 -35.68 -14.78
C GLY A 55 14.93 -35.28 -14.13
N VAL A 56 14.14 -36.28 -13.76
CA VAL A 56 12.84 -36.02 -13.15
C VAL A 56 12.92 -36.09 -11.61
N THR A 57 13.38 -35.00 -11.02
CA THR A 57 13.49 -34.91 -9.56
C THR A 57 12.79 -33.65 -9.03
N VAL A 58 12.23 -33.76 -7.83
CA VAL A 58 11.56 -32.64 -7.18
C VAL A 58 12.04 -32.51 -5.75
N ARG A 59 11.64 -31.44 -5.08
CA ARG A 59 11.98 -31.26 -3.68
C ARG A 59 11.00 -32.04 -2.82
N MET A 60 11.52 -32.92 -1.97
CA MET A 60 10.68 -33.68 -1.05
C MET A 60 10.94 -33.24 0.38
N GLY A 61 10.17 -32.26 0.84
CA GLY A 61 10.34 -31.72 2.17
C GLY A 61 11.71 -31.11 2.37
N ASP A 62 12.52 -31.73 3.22
CA ASP A 62 13.85 -31.21 3.52
C ASP A 62 14.90 -31.88 2.64
N GLY A 63 14.46 -32.68 1.69
CA GLY A 63 15.38 -33.37 0.80
C GLY A 63 14.94 -33.34 -0.65
N LEU A 64 15.35 -34.34 -1.41
CA LEU A 64 15.01 -34.45 -2.82
C LEU A 64 14.46 -35.84 -3.14
N ALA A 65 13.48 -35.90 -4.06
CA ALA A 65 12.94 -37.16 -4.52
C ALA A 65 13.17 -37.31 -6.01
N SER A 66 13.59 -38.49 -6.45
CA SER A 66 13.93 -38.68 -7.86
C SER A 66 13.42 -39.98 -8.48
N TRP A 67 12.80 -39.87 -9.65
CA TRP A 67 12.44 -41.04 -10.45
C TRP A 67 13.57 -41.42 -11.38
N SER A 68 14.46 -40.46 -11.62
CA SER A 68 15.66 -40.71 -12.40
C SER A 68 16.70 -41.34 -11.50
N PRO A 69 17.42 -42.34 -12.01
CA PRO A 69 18.53 -42.92 -11.27
C PRO A 69 19.53 -41.84 -10.87
N PRO A 70 20.07 -41.93 -9.64
CA PRO A 70 21.05 -40.95 -9.14
C PRO A 70 22.33 -40.87 -9.96
N GLU A 71 22.58 -41.86 -10.80
CA GLU A 71 23.81 -41.89 -11.60
C GLU A 71 23.70 -41.13 -12.93
N VAL A 72 22.47 -40.77 -13.30
CA VAL A 72 22.24 -39.95 -14.50
C VAL A 72 21.72 -38.57 -14.11
N LEU A 73 22.16 -38.09 -12.95
CA LEU A 73 21.86 -36.74 -12.48
C LEU A 73 23.17 -36.01 -12.25
N VAL A 74 23.18 -34.69 -12.40
CA VAL A 74 24.33 -33.90 -11.99
C VAL A 74 24.28 -33.77 -10.48
N LEU A 75 24.88 -34.73 -9.78
CA LEU A 75 24.86 -34.75 -8.32
C LEU A 75 25.59 -33.57 -7.69
N GLU A 76 26.81 -33.31 -8.14
CA GLU A 76 27.60 -32.19 -7.64
C GLU A 76 27.58 -31.10 -8.69
N GLY A 77 27.25 -29.87 -8.27
CA GLY A 77 27.21 -28.76 -9.22
C GLY A 77 27.30 -27.39 -8.59
N THR A 78 27.30 -26.36 -9.43
CA THR A 78 27.32 -24.98 -8.96
C THR A 78 26.02 -24.28 -9.33
N LEU A 79 25.63 -23.30 -8.52
CA LEU A 79 24.30 -22.70 -8.64
C LEU A 79 24.32 -21.21 -8.32
N ALA A 80 23.71 -20.42 -9.20
CA ALA A 80 23.60 -18.98 -8.99
C ALA A 80 22.17 -18.60 -8.60
N ARG A 81 22.03 -17.82 -7.54
CA ARG A 81 20.72 -17.39 -7.06
C ARG A 81 20.71 -15.94 -6.61
N MET A 82 20.19 -15.06 -7.47
CA MET A 82 20.02 -13.63 -7.18
C MET A 82 21.20 -12.96 -6.48
N GLY A 83 22.41 -13.37 -6.85
CA GLY A 83 23.61 -12.79 -6.28
C GLY A 83 24.20 -13.58 -5.13
N GLN A 84 24.46 -14.87 -5.38
CA GLN A 84 25.12 -15.75 -4.40
C GLN A 84 25.49 -17.06 -5.06
N THR A 85 26.75 -17.48 -4.91
CA THR A 85 27.23 -18.72 -5.49
C THR A 85 27.17 -19.89 -4.50
N TYR A 86 26.36 -20.88 -4.82
CA TYR A 86 26.23 -22.08 -3.99
C TYR A 86 26.86 -23.28 -4.67
N ALA A 87 27.50 -24.15 -3.88
CA ALA A 87 28.04 -25.39 -4.42
C ALA A 87 27.27 -26.56 -3.82
N TYR A 88 26.42 -27.20 -4.63
CA TYR A 88 25.58 -28.28 -4.13
C TYR A 88 26.16 -29.66 -4.39
N ARG A 89 25.77 -30.61 -3.55
CA ARG A 89 26.17 -32.00 -3.71
C ARG A 89 25.05 -32.91 -3.21
N LEU A 90 24.73 -33.94 -3.99
CA LEU A 90 23.61 -34.83 -3.67
C LEU A 90 24.07 -36.22 -3.24
N TYR A 91 23.60 -36.66 -2.07
CA TYR A 91 23.91 -37.99 -1.57
C TYR A 91 22.67 -38.88 -1.69
N PRO A 92 22.79 -39.98 -2.46
CA PRO A 92 21.68 -40.94 -2.57
C PRO A 92 21.48 -41.74 -1.29
N LYS A 93 20.32 -41.57 -0.65
CA LYS A 93 20.01 -42.26 0.60
C LYS A 93 18.88 -43.27 0.42
N GLY A 94 19.04 -44.18 -0.55
CA GLY A 94 18.05 -45.22 -0.80
C GLY A 94 16.70 -44.71 -1.29
N ARG A 95 15.75 -45.62 -1.42
CA ARG A 95 14.41 -45.27 -1.88
C ARG A 95 13.42 -45.18 -0.73
N ARG A 96 12.55 -44.17 -0.76
CA ARG A 96 11.52 -44.02 0.25
C ARG A 96 10.15 -44.22 -0.37
N PRO A 97 9.42 -45.25 0.09
CA PRO A 97 8.10 -45.59 -0.47
C PRO A 97 7.06 -44.50 -0.20
N LEU A 98 6.32 -44.13 -1.24
CA LEU A 98 5.27 -43.12 -1.12
C LEU A 98 3.90 -43.72 -1.41
N ASP A 99 2.92 -43.36 -0.58
CA ASP A 99 1.55 -43.82 -0.73
C ASP A 99 0.68 -42.71 -1.31
N PRO A 100 0.01 -42.99 -2.44
CA PRO A 100 -0.89 -42.02 -3.08
C PRO A 100 -2.11 -41.71 -2.21
N LYS A 101 -2.55 -42.68 -1.41
CA LYS A 101 -3.68 -42.47 -0.52
C LYS A 101 -3.39 -41.35 0.47
N ASP A 102 -2.16 -41.29 0.95
CA ASP A 102 -1.70 -40.17 1.76
C ASP A 102 -1.51 -38.98 0.83
N PRO A 103 -2.37 -37.95 0.97
CA PRO A 103 -2.35 -36.80 0.06
C PRO A 103 -1.05 -36.01 0.16
N GLY A 104 -0.49 -35.94 1.36
CA GLY A 104 0.77 -35.24 1.58
C GLY A 104 1.91 -35.78 0.74
N GLU A 105 1.91 -37.09 0.52
CA GLU A 105 2.92 -37.72 -0.33
C GLU A 105 2.47 -37.72 -1.79
N ARG A 106 1.16 -37.69 -1.99
CA ARG A 106 0.59 -37.59 -3.34
C ARG A 106 1.00 -36.27 -3.97
N SER A 107 1.24 -35.27 -3.13
CA SER A 107 1.80 -34.00 -3.59
C SER A 107 3.12 -34.25 -4.30
N VAL A 108 4.02 -34.96 -3.61
CA VAL A 108 5.34 -35.30 -4.15
C VAL A 108 5.22 -36.11 -5.44
N LEU A 109 4.43 -37.19 -5.40
CA LEU A 109 4.24 -38.03 -6.58
C LEU A 109 3.74 -37.23 -7.79
N SER A 110 2.79 -36.34 -7.54
CA SER A 110 2.23 -35.50 -8.61
C SER A 110 3.26 -34.50 -9.14
N ALA A 111 4.10 -33.99 -8.26
CA ALA A 111 5.20 -33.11 -8.66
C ALA A 111 6.15 -33.83 -9.60
N LEU A 112 6.60 -35.01 -9.15
CA LEU A 112 7.41 -35.89 -9.98
C LEU A 112 6.76 -36.16 -11.34
N ALA A 113 5.45 -36.41 -11.33
CA ALA A 113 4.71 -36.62 -12.59
C ALA A 113 4.80 -35.41 -13.51
N ARG A 114 4.69 -34.22 -12.92
CA ARG A 114 4.73 -32.98 -13.68
C ARG A 114 6.08 -32.79 -14.33
N ARG A 115 7.14 -33.05 -13.55
CA ARG A 115 8.49 -32.96 -14.06
C ARG A 115 8.73 -34.01 -15.15
N LEU A 116 8.08 -35.16 -14.99
CA LEU A 116 8.14 -36.25 -15.97
C LEU A 116 7.62 -35.71 -17.29
N LEU A 117 6.41 -35.15 -17.25
CA LEU A 117 5.80 -34.60 -18.45
C LEU A 117 6.69 -33.54 -19.10
N GLN A 118 7.21 -32.64 -18.28
CA GLN A 118 8.10 -31.57 -18.75
C GLN A 118 9.31 -32.13 -19.50
N GLU A 119 10.11 -32.92 -18.79
CA GLU A 119 11.35 -33.48 -19.32
C GLU A 119 11.11 -34.30 -20.57
N ARG A 120 10.06 -35.11 -20.57
CA ARG A 120 9.76 -35.93 -21.75
C ARG A 120 9.28 -35.09 -22.93
N LEU A 121 8.61 -33.98 -22.64
CA LEU A 121 8.17 -33.07 -23.70
C LEU A 121 9.37 -32.37 -24.32
N ARG A 122 10.43 -32.21 -23.53
CA ARG A 122 11.65 -31.56 -24.04
C ARG A 122 12.26 -32.32 -25.22
N ARG A 123 12.13 -33.64 -25.20
CA ARG A 123 12.77 -34.51 -26.19
C ARG A 123 11.86 -34.87 -27.35
N LEU A 124 10.82 -34.07 -27.56
CA LEU A 124 9.95 -34.24 -28.72
C LEU A 124 10.45 -33.39 -29.88
N GLU A 125 10.78 -34.04 -30.99
CA GLU A 125 11.08 -33.34 -32.22
C GLU A 125 9.84 -33.40 -33.11
N GLY A 126 9.48 -32.27 -33.72
CA GLY A 126 10.15 -31.00 -33.50
C GLY A 126 9.14 -29.93 -33.17
N VAL A 127 8.15 -30.29 -32.34
CA VAL A 127 7.10 -29.37 -31.96
C VAL A 127 7.61 -28.24 -31.07
N TRP A 128 6.79 -27.21 -30.89
CA TRP A 128 7.18 -26.06 -30.06
C TRP A 128 6.78 -26.31 -28.61
N VAL A 129 7.74 -26.24 -27.68
CA VAL A 129 7.43 -26.54 -26.28
C VAL A 129 7.80 -25.41 -25.32
N GLU A 130 6.79 -24.79 -24.71
CA GLU A 130 6.99 -23.79 -23.67
C GLU A 130 6.33 -24.23 -22.37
N GLY A 131 7.14 -24.67 -21.41
CA GLY A 131 6.61 -25.19 -20.17
C GLY A 131 5.81 -26.45 -20.42
N LEU A 132 4.66 -26.56 -19.78
CA LEU A 132 3.78 -27.71 -19.97
C LEU A 132 2.85 -27.53 -21.16
N ALA A 133 3.13 -26.52 -21.98
CA ALA A 133 2.38 -26.31 -23.21
C ALA A 133 3.14 -26.90 -24.39
N VAL A 134 2.39 -27.30 -25.42
CA VAL A 134 2.98 -27.87 -26.64
C VAL A 134 2.17 -27.40 -27.83
N TYR A 135 2.82 -26.80 -28.81
CA TYR A 135 2.15 -26.41 -30.04
C TYR A 135 2.73 -27.25 -31.19
N ARG A 136 1.86 -28.04 -31.79
CA ARG A 136 2.27 -29.12 -32.68
C ARG A 136 1.64 -29.02 -34.06
N ARG A 137 1.25 -27.81 -34.43
CA ARG A 137 0.65 -27.55 -35.75
C ARG A 137 0.57 -26.06 -36.04
N GLU A 138 0.29 -25.74 -37.31
CA GLU A 138 0.01 -24.38 -37.71
C GLU A 138 -1.19 -24.37 -38.65
N HIS A 139 -2.15 -23.49 -38.37
CA HIS A 139 -3.34 -23.38 -39.20
C HIS A 139 -3.58 -21.92 -39.57
N ALA A 140 -2.73 -21.03 -39.04
CA ALA A 140 -2.85 -19.60 -39.31
C ALA A 140 -1.47 -18.94 -39.44
N ARG A 141 -1.33 -18.11 -40.46
CA ARG A 141 -0.09 -17.37 -40.69
C ARG A 141 -0.37 -15.87 -40.61
N GLY A 142 0.33 -15.08 -41.43
CA GLY A 142 0.11 -13.64 -41.47
C GLY A 142 1.17 -12.84 -42.20
N PRO A 143 1.17 -11.54 -41.96
CA PRO A 143 2.12 -10.64 -42.61
C PRO A 143 3.36 -10.43 -41.75
N GLY A 144 4.02 -11.53 -41.38
CA GLY A 144 5.20 -11.47 -40.55
C GLY A 144 4.95 -12.03 -39.16
N TRP A 145 3.92 -12.86 -39.04
CA TRP A 145 3.56 -13.49 -37.77
C TRP A 145 2.73 -14.74 -38.01
N ARG A 146 3.00 -15.80 -37.24
CA ARG A 146 2.25 -17.04 -37.39
C ARG A 146 1.62 -17.50 -36.07
N VAL A 147 0.54 -18.28 -36.18
CA VAL A 147 -0.14 -18.82 -35.02
C VAL A 147 -0.03 -20.34 -34.94
N LEU A 148 0.62 -20.82 -33.89
CA LEU A 148 0.75 -22.25 -33.69
C LEU A 148 -0.43 -22.78 -32.87
N GLY A 149 -0.74 -24.06 -33.04
CA GLY A 149 -1.88 -24.66 -32.36
C GLY A 149 -1.55 -25.97 -31.67
N GLY A 150 -1.78 -26.02 -30.37
CA GLY A 150 -1.55 -27.23 -29.59
C GLY A 150 -2.45 -27.35 -28.38
N ALA A 151 -1.83 -27.50 -27.21
CA ALA A 151 -2.55 -27.65 -25.95
C ALA A 151 -1.63 -27.43 -24.75
N VAL A 152 -2.21 -26.93 -23.67
CA VAL A 152 -1.53 -26.83 -22.39
C VAL A 152 -1.86 -28.10 -21.63
N LEU A 153 -0.87 -28.65 -20.93
CA LEU A 153 -1.02 -29.96 -20.31
C LEU A 153 -0.76 -29.95 -18.81
N ASP A 154 -0.98 -31.11 -18.21
CA ASP A 154 -0.53 -31.37 -16.85
C ASP A 154 -0.60 -32.87 -16.57
N LEU A 155 0.27 -33.32 -15.67
CA LEU A 155 0.37 -34.73 -15.35
C LEU A 155 0.48 -34.85 -13.85
N TRP A 156 -0.49 -35.51 -13.22
CA TRP A 156 -0.39 -35.77 -11.78
C TRP A 156 -0.85 -37.18 -11.45
N VAL A 157 -0.86 -37.51 -10.17
CA VAL A 157 -1.20 -38.87 -9.75
C VAL A 157 -2.51 -38.88 -8.95
N SER A 158 -3.24 -39.98 -9.07
CA SER A 158 -4.51 -40.14 -8.35
C SER A 158 -4.30 -40.91 -7.06
N ASP A 159 -5.30 -40.89 -6.19
CA ASP A 159 -5.24 -41.60 -4.92
C ASP A 159 -5.26 -43.12 -5.15
N SER A 160 -5.70 -43.51 -6.35
CA SER A 160 -5.59 -44.90 -6.79
C SER A 160 -4.13 -45.24 -7.08
N GLY A 161 -3.40 -44.29 -7.62
CA GLY A 161 -2.01 -44.47 -7.94
C GLY A 161 -1.77 -44.71 -9.43
N ALA A 162 -2.35 -43.85 -10.25
CA ALA A 162 -2.14 -43.92 -11.70
C ALA A 162 -2.04 -42.52 -12.29
N PHE A 163 -1.49 -42.44 -13.50
CA PHE A 163 -1.28 -41.15 -14.14
C PHE A 163 -2.57 -40.53 -14.67
N LEU A 164 -2.79 -39.27 -14.32
CA LEU A 164 -3.89 -38.48 -14.85
C LEU A 164 -3.33 -37.29 -15.63
N LEU A 165 -3.87 -37.10 -16.84
CA LEU A 165 -3.31 -36.18 -17.81
C LEU A 165 -4.37 -35.17 -18.25
N GLU A 166 -4.17 -33.91 -17.85
CA GLU A 166 -5.09 -32.84 -18.24
C GLU A 166 -4.62 -32.17 -19.53
N VAL A 167 -5.54 -32.02 -20.47
CA VAL A 167 -5.25 -31.49 -21.81
C VAL A 167 -6.24 -30.40 -22.20
N ASP A 168 -5.73 -29.23 -22.60
CA ASP A 168 -6.61 -28.16 -23.05
C ASP A 168 -6.03 -27.41 -24.25
N PRO A 169 -6.66 -27.60 -25.44
CA PRO A 169 -6.30 -26.94 -26.70
C PRO A 169 -5.95 -25.47 -26.53
N ALA A 170 -4.82 -25.05 -27.09
CA ALA A 170 -4.37 -23.66 -27.00
C ALA A 170 -3.71 -23.17 -28.30
N TYR A 171 -3.39 -21.88 -28.33
CA TYR A 171 -2.72 -21.28 -29.48
C TYR A 171 -1.56 -20.40 -29.02
N ARG A 172 -0.58 -20.21 -29.90
CA ARG A 172 0.57 -19.38 -29.60
C ARG A 172 0.85 -18.36 -30.71
N ILE A 173 1.01 -17.10 -30.32
CA ILE A 173 1.30 -16.02 -31.26
C ILE A 173 2.81 -15.82 -31.40
N LEU A 174 3.32 -15.96 -32.62
CA LEU A 174 4.76 -15.85 -32.85
C LEU A 174 5.13 -14.88 -33.96
N CYS A 175 5.73 -13.75 -33.57
CA CYS A 175 6.33 -12.82 -34.51
C CYS A 175 7.63 -13.42 -35.04
N GLU A 176 7.78 -13.47 -36.36
CA GLU A 176 8.92 -14.14 -36.97
C GLU A 176 9.91 -13.19 -37.64
N MET A 177 9.75 -11.89 -37.39
CA MET A 177 10.67 -10.89 -37.94
C MET A 177 11.14 -9.93 -36.85
N SER A 178 12.44 -9.65 -36.86
CA SER A 178 13.03 -8.69 -35.92
C SER A 178 12.34 -7.33 -36.03
N LEU A 179 12.26 -6.60 -34.92
CA LEU A 179 11.60 -5.30 -34.89
C LEU A 179 12.14 -4.33 -35.95
N GLU A 180 13.36 -4.60 -36.41
CA GLU A 180 13.90 -3.93 -37.59
C GLU A 180 13.14 -4.41 -38.81
N ALA A 181 13.34 -5.67 -39.17
CA ALA A 181 12.70 -6.28 -40.35
C ALA A 181 11.17 -6.20 -40.33
N TRP A 182 10.59 -6.33 -39.14
CA TRP A 182 9.13 -6.33 -39.00
C TRP A 182 8.52 -4.96 -39.31
N LEU A 183 9.16 -3.91 -38.82
CA LEU A 183 8.70 -2.55 -39.09
C LEU A 183 9.02 -2.14 -40.53
N ALA A 184 9.77 -2.99 -41.22
CA ALA A 184 10.18 -2.73 -42.59
C ALA A 184 9.23 -3.39 -43.60
N GLN A 185 8.31 -4.20 -43.10
CA GLN A 185 7.32 -4.85 -43.96
C GLN A 185 6.07 -3.99 -44.08
N GLY A 186 5.80 -3.19 -43.05
CA GLY A 186 4.66 -2.30 -43.07
C GLY A 186 3.63 -2.61 -42.00
N HIS A 187 4.10 -2.85 -40.78
CA HIS A 187 3.21 -3.12 -39.65
C HIS A 187 3.39 -2.07 -38.56
N PRO A 188 2.26 -1.61 -37.97
CA PRO A 188 2.25 -0.57 -36.94
C PRO A 188 3.09 -0.91 -35.70
N LEU A 189 3.31 0.08 -34.84
CA LEU A 189 4.19 -0.07 -33.69
C LEU A 189 3.59 -0.90 -32.56
N PRO A 190 4.22 -2.04 -32.25
CA PRO A 190 3.83 -2.92 -31.14
C PRO A 190 3.97 -2.21 -29.80
N LYS A 191 2.98 -2.39 -28.93
CA LYS A 191 2.97 -1.75 -27.62
C LYS A 191 3.79 -2.54 -26.59
N ARG A 192 4.60 -3.47 -27.07
CA ARG A 192 5.48 -4.28 -26.24
C ARG A 192 6.48 -5.02 -27.14
N VAL A 193 7.68 -5.24 -26.63
CA VAL A 193 8.71 -5.93 -27.42
C VAL A 193 9.75 -6.67 -26.57
N ARG A 194 9.67 -7.99 -26.57
CA ARG A 194 10.65 -8.84 -25.91
C ARG A 194 11.94 -8.92 -26.71
N ASN A 195 13.07 -8.72 -26.04
CA ASN A 195 14.36 -8.95 -26.68
C ASN A 195 14.50 -10.43 -27.03
N ALA A 196 15.54 -10.78 -27.77
CA ALA A 196 15.83 -12.18 -28.03
C ALA A 196 16.37 -12.80 -26.74
N LEU A 217 25.54 8.87 -23.83
CA LEU A 217 25.05 8.04 -22.73
C LEU A 217 25.21 8.75 -21.40
N PRO A 218 24.50 8.27 -20.37
CA PRO A 218 24.63 8.85 -19.03
C PRO A 218 25.71 8.14 -18.21
N GLY A 219 26.78 7.70 -18.89
CA GLY A 219 27.86 7.01 -18.23
C GLY A 219 28.95 6.51 -19.16
N GLY A 220 29.34 7.35 -20.12
CA GLY A 220 30.47 7.03 -20.98
C GLY A 220 30.13 6.28 -22.25
N LEU A 221 30.11 4.95 -22.16
CA LEU A 221 29.93 4.07 -23.32
C LEU A 221 28.70 4.45 -24.14
N SER A 222 28.94 5.04 -25.31
CA SER A 222 27.86 5.56 -26.17
C SER A 222 26.92 4.47 -26.63
N LEU A 223 25.82 4.88 -27.27
CA LEU A 223 24.80 3.94 -27.74
C LEU A 223 25.39 2.81 -28.58
N LEU A 224 25.92 3.15 -29.75
CA LEU A 224 26.51 2.18 -30.66
C LEU A 224 27.67 1.44 -30.00
N ASP A 225 28.52 2.19 -29.32
CA ASP A 225 29.69 1.62 -28.63
C ASP A 225 29.28 0.60 -27.57
N TYR A 226 28.46 1.02 -26.60
CA TYR A 226 28.03 0.13 -25.53
C TYR A 226 27.23 -1.06 -26.07
N HIS A 227 26.55 -0.86 -27.20
CA HIS A 227 25.79 -1.94 -27.82
C HIS A 227 26.69 -3.00 -28.46
N ALA A 228 27.43 -2.60 -29.48
CA ALA A 228 28.30 -3.52 -30.21
C ALA A 228 29.39 -4.14 -29.33
N SER A 229 29.94 -3.35 -28.40
CA SER A 229 30.98 -3.84 -27.51
C SER A 229 30.42 -4.78 -26.43
N LYS A 230 29.10 -4.76 -26.25
CA LYS A 230 28.44 -5.72 -25.38
C LYS A 230 28.27 -7.04 -26.14
N GLY A 231 28.64 -7.02 -27.41
CA GLY A 231 28.56 -8.21 -28.25
C GLY A 231 27.13 -8.51 -28.68
N ARG A 232 26.22 -7.58 -28.40
CA ARG A 232 24.82 -7.75 -28.73
C ARG A 232 24.53 -7.42 -30.20
N LEU A 233 25.59 -7.32 -30.99
CA LEU A 233 25.47 -7.00 -32.41
C LEU A 233 26.09 -8.09 -33.28
N GLN A 234 26.33 -9.26 -32.68
CA GLN A 234 26.96 -10.37 -33.39
C GLN A 234 25.96 -11.19 -34.20
N GLY A 235 25.61 -10.70 -35.38
CA GLY A 235 24.73 -11.42 -36.27
C GLY A 235 23.61 -10.60 -36.90
N ARG A 236 22.84 -9.92 -36.05
CA ARG A 236 21.66 -9.18 -36.51
C ARG A 236 22.01 -7.85 -37.17
N GLU A 237 21.00 -7.20 -37.75
CA GLU A 237 21.18 -5.92 -38.43
C GLU A 237 21.35 -4.77 -37.44
N GLY A 238 21.35 -3.55 -37.95
CA GLY A 238 21.57 -2.38 -37.12
C GLY A 238 20.40 -2.03 -36.22
N GLY A 239 19.51 -1.17 -36.72
CA GLY A 239 18.39 -0.70 -35.93
C GLY A 239 18.58 0.73 -35.47
N HIS A 256 16.23 2.91 -27.42
CA HIS A 256 16.81 1.58 -27.56
C HIS A 256 17.21 1.30 -29.00
N LEU A 257 17.06 0.05 -29.43
CA LEU A 257 17.37 -0.34 -30.80
C LEU A 257 16.13 -0.86 -31.53
N THR A 258 16.34 -1.40 -32.72
CA THR A 258 15.26 -1.99 -33.51
C THR A 258 15.60 -3.41 -33.92
N GLY A 259 16.82 -3.60 -34.43
CA GLY A 259 17.28 -4.92 -34.81
C GLY A 259 17.78 -5.72 -33.63
N LEU A 260 17.68 -5.15 -32.43
CA LEU A 260 18.15 -5.79 -31.21
C LEU A 260 16.99 -6.19 -30.28
N LEU A 261 15.78 -6.21 -30.83
CA LEU A 261 14.60 -6.63 -30.07
C LEU A 261 13.65 -7.43 -30.96
N VAL A 262 12.53 -7.84 -30.40
CA VAL A 262 11.50 -8.57 -31.14
C VAL A 262 10.11 -8.18 -30.62
N PRO A 263 9.22 -7.76 -31.53
CA PRO A 263 7.86 -7.39 -31.13
C PRO A 263 7.08 -8.58 -30.62
N VAL A 264 6.58 -8.51 -29.39
CA VAL A 264 5.68 -9.54 -28.88
C VAL A 264 4.24 -9.21 -29.24
N LEU A 265 3.80 -9.69 -30.39
CA LEU A 265 2.47 -9.39 -30.91
C LEU A 265 1.36 -9.97 -30.05
N THR A 266 0.33 -9.17 -29.81
CA THR A 266 -0.82 -9.60 -29.02
C THR A 266 -2.10 -9.40 -29.82
N LEU A 267 -2.96 -8.52 -29.33
CA LEU A 267 -4.17 -8.15 -30.06
C LEU A 267 -3.80 -7.18 -31.19
N GLU A 268 -2.55 -6.78 -31.23
CA GLU A 268 -2.16 -5.75 -32.15
C GLU A 268 -2.31 -6.19 -33.59
N ASP A 269 -1.37 -6.93 -34.11
CA ASP A 269 -1.43 -7.28 -35.52
C ASP A 269 -2.61 -8.23 -35.73
N SER A 276 -11.02 -10.86 -37.40
CA SER A 276 -9.80 -11.66 -37.39
C SER A 276 -10.11 -13.15 -37.34
N LEU A 277 -9.14 -13.94 -36.88
CA LEU A 277 -9.33 -15.37 -36.74
C LEU A 277 -9.71 -15.73 -35.31
N ALA A 278 -10.92 -16.26 -35.13
CA ALA A 278 -11.39 -16.65 -33.80
C ALA A 278 -10.56 -17.80 -33.23
N LEU A 279 -9.87 -17.52 -32.13
CA LEU A 279 -9.07 -18.54 -31.45
C LEU A 279 -9.90 -19.29 -30.41
N SER A 280 -11.17 -18.92 -30.32
CA SER A 280 -12.11 -19.62 -29.45
C SER A 280 -12.74 -20.80 -30.21
N LEU A 281 -12.82 -21.94 -29.55
CA LEU A 281 -13.36 -23.15 -30.16
C LEU A 281 -14.73 -23.47 -29.60
N PRO A 282 -15.66 -23.87 -30.48
CA PRO A 282 -16.93 -24.46 -30.03
C PRO A 282 -16.61 -25.70 -29.19
N TRP A 283 -17.40 -25.99 -28.16
CA TRP A 283 -17.06 -27.08 -27.24
C TRP A 283 -16.84 -28.43 -27.92
N GLU A 284 -17.52 -28.65 -29.04
CA GLU A 284 -17.41 -29.90 -29.77
C GLU A 284 -16.01 -30.13 -30.34
N GLU A 285 -15.56 -29.17 -31.15
CA GLU A 285 -14.23 -29.22 -31.78
C GLU A 285 -13.13 -29.29 -30.74
N ARG A 286 -13.28 -28.50 -29.68
CA ARG A 286 -12.33 -28.49 -28.58
C ARG A 286 -12.26 -29.85 -27.90
N ARG A 287 -13.42 -30.47 -27.70
CA ARG A 287 -13.51 -31.81 -27.11
C ARG A 287 -12.76 -32.81 -27.97
N ARG A 288 -12.98 -32.71 -29.28
CA ARG A 288 -12.32 -33.58 -30.26
C ARG A 288 -10.80 -33.45 -30.18
N ARG A 289 -10.30 -32.22 -30.34
CA ARG A 289 -8.87 -31.97 -30.28
C ARG A 289 -8.27 -32.40 -28.94
N THR A 290 -9.06 -32.27 -27.88
CA THR A 290 -8.64 -32.72 -26.56
C THR A 290 -8.38 -34.22 -26.61
N ARG A 291 -9.33 -34.96 -27.16
CA ARG A 291 -9.17 -36.40 -27.36
C ARG A 291 -7.91 -36.73 -28.15
N GLU A 292 -7.82 -36.14 -29.35
CA GLU A 292 -6.72 -36.41 -30.27
C GLU A 292 -5.34 -36.16 -29.66
N ILE A 293 -5.18 -34.99 -29.07
CA ILE A 293 -3.91 -34.63 -28.45
C ILE A 293 -3.62 -35.53 -27.24
N ALA A 294 -4.65 -35.85 -26.47
CA ALA A 294 -4.50 -36.77 -25.34
C ALA A 294 -3.90 -38.11 -25.80
N SER A 295 -4.54 -38.71 -26.81
CA SER A 295 -4.07 -39.98 -27.36
C SER A 295 -2.64 -39.86 -27.91
N TRP A 296 -2.39 -38.79 -28.66
CA TRP A 296 -1.07 -38.55 -29.25
C TRP A 296 0.03 -38.52 -28.19
N ILE A 297 -0.12 -37.65 -27.20
CA ILE A 297 0.89 -37.50 -26.16
C ILE A 297 1.03 -38.76 -25.31
N GLY A 298 -0.10 -39.42 -25.05
CA GLY A 298 -0.05 -40.67 -24.29
C GLY A 298 0.77 -41.71 -25.02
N ARG A 299 0.63 -41.73 -26.34
CA ARG A 299 1.34 -42.70 -27.20
C ARG A 299 2.80 -42.31 -27.45
N ARG A 300 3.03 -41.05 -27.80
CA ARG A 300 4.36 -40.57 -28.17
C ARG A 300 5.27 -40.31 -26.99
N LEU A 301 4.81 -40.62 -25.77
CA LEU A 301 5.61 -40.39 -24.57
C LEU A 301 5.75 -41.64 -23.69
N GLY A 302 5.21 -42.76 -24.16
CA GLY A 302 5.24 -43.99 -23.39
C GLY A 302 4.50 -43.82 -22.08
N LEU A 303 3.28 -43.33 -22.16
CA LEU A 303 2.44 -43.14 -20.99
C LEU A 303 1.16 -43.98 -21.07
N GLY A 304 0.92 -44.59 -22.23
CA GLY A 304 -0.14 -45.56 -22.37
C GLY A 304 -1.30 -45.14 -23.24
N THR A 305 -2.48 -45.66 -22.94
CA THR A 305 -3.70 -45.33 -23.66
C THR A 305 -4.69 -44.62 -22.74
N PRO A 306 -5.08 -43.39 -23.12
CA PRO A 306 -5.89 -42.51 -22.27
C PRO A 306 -7.36 -42.92 -22.24
N GLU A 307 -7.98 -42.79 -21.06
CA GLU A 307 -9.40 -43.01 -20.93
C GLU A 307 -10.04 -41.76 -20.35
N ALA A 308 -10.78 -41.03 -21.17
CA ALA A 308 -11.47 -39.81 -20.76
C ALA A 308 -12.29 -40.08 -19.50
N VAL A 309 -11.97 -39.39 -18.41
CA VAL A 309 -12.65 -39.65 -17.14
C VAL A 309 -14.08 -39.13 -17.12
N ARG A 310 -14.97 -39.89 -16.50
CA ARG A 310 -16.37 -39.53 -16.42
C ARG A 310 -16.73 -39.15 -14.99
N ALA A 311 -17.35 -37.99 -14.82
CA ALA A 311 -17.83 -37.55 -13.52
C ALA A 311 -19.35 -37.45 -13.53
N GLN A 312 -19.95 -37.63 -12.36
CA GLN A 312 -21.41 -37.53 -12.23
C GLN A 312 -21.80 -36.06 -12.19
N ALA A 313 -22.73 -35.67 -13.05
CA ALA A 313 -23.21 -34.29 -13.10
C ALA A 313 -24.66 -34.18 -12.65
N TYR A 314 -25.05 -32.98 -12.22
CA TYR A 314 -26.42 -32.71 -11.79
C TYR A 314 -26.90 -31.41 -12.42
N ARG A 315 -28.09 -31.44 -13.01
CA ARG A 315 -28.67 -30.23 -13.58
C ARG A 315 -29.42 -29.43 -12.52
N LEU A 316 -29.05 -28.16 -12.37
CA LEU A 316 -29.63 -27.32 -11.33
C LEU A 316 -30.94 -26.67 -11.77
N SER A 317 -31.75 -26.28 -10.78
CA SER A 317 -33.04 -25.67 -11.03
C SER A 317 -32.92 -24.33 -11.75
N ILE A 318 -33.90 -24.03 -12.60
CA ILE A 318 -33.93 -22.77 -13.32
C ILE A 318 -34.24 -21.61 -12.38
N PRO A 319 -33.38 -20.60 -12.36
CA PRO A 319 -33.59 -19.44 -11.49
C PRO A 319 -34.82 -18.64 -11.91
N LYS A 320 -35.52 -18.09 -10.92
CA LYS A 320 -36.67 -17.24 -11.22
C LYS A 320 -36.29 -15.77 -11.11
N LEU A 321 -35.85 -15.20 -12.22
CA LEU A 321 -35.60 -13.76 -12.27
C LEU A 321 -36.93 -13.03 -12.21
N MET A 322 -36.91 -11.85 -11.61
CA MET A 322 -38.13 -11.09 -11.38
C MET A 322 -37.88 -9.58 -11.36
N GLY A 323 -38.63 -8.85 -12.18
CA GLY A 323 -38.70 -7.41 -12.06
C GLY A 323 -39.95 -7.08 -11.28
N ARG A 324 -40.83 -6.27 -11.87
CA ARG A 324 -42.17 -6.10 -11.32
C ARG A 324 -42.90 -7.44 -11.44
N ARG A 325 -42.54 -8.19 -12.49
CA ARG A 325 -42.97 -9.57 -12.65
C ARG A 325 -41.86 -10.38 -13.35
N ALA A 326 -42.16 -11.64 -13.67
CA ALA A 326 -41.16 -12.55 -14.26
C ALA A 326 -40.47 -11.98 -15.50
N VAL A 327 -39.15 -12.12 -15.54
CA VAL A 327 -38.34 -11.70 -16.69
C VAL A 327 -37.36 -12.81 -17.06
N SER A 328 -36.82 -12.75 -18.28
CA SER A 328 -35.83 -13.72 -18.72
C SER A 328 -34.44 -13.10 -18.70
N LYS A 329 -34.40 -11.78 -18.76
CA LYS A 329 -33.15 -11.01 -18.71
C LYS A 329 -33.44 -9.65 -18.07
N PRO A 330 -32.44 -9.06 -17.41
CA PRO A 330 -32.63 -7.78 -16.70
C PRO A 330 -33.13 -6.66 -17.61
N ALA A 331 -32.86 -6.77 -18.91
CA ALA A 331 -33.29 -5.74 -19.86
C ALA A 331 -34.82 -5.67 -19.99
N ASP A 332 -35.49 -6.77 -19.66
CA ASP A 332 -36.94 -6.84 -19.74
C ASP A 332 -37.63 -6.08 -18.61
N ALA A 333 -36.85 -5.67 -17.60
CA ALA A 333 -37.40 -4.87 -16.52
C ALA A 333 -37.76 -3.47 -17.01
N LEU A 334 -37.18 -3.07 -18.14
CA LEU A 334 -37.47 -1.79 -18.76
C LEU A 334 -38.86 -1.74 -19.40
N ARG A 335 -39.49 -2.90 -19.54
CA ARG A 335 -40.83 -3.00 -20.11
C ARG A 335 -41.81 -3.53 -19.09
N VAL A 336 -41.31 -4.41 -18.23
CA VAL A 336 -42.15 -5.10 -17.26
C VAL A 336 -42.24 -4.32 -15.95
N GLY A 337 -41.16 -3.64 -15.59
CA GLY A 337 -41.12 -2.88 -14.36
C GLY A 337 -40.00 -3.37 -13.46
N PHE A 338 -39.64 -2.56 -12.46
CA PHE A 338 -38.54 -2.89 -11.58
C PHE A 338 -39.01 -3.63 -10.34
N TYR A 339 -38.13 -4.47 -9.80
CA TYR A 339 -38.46 -5.26 -8.62
C TYR A 339 -38.82 -4.37 -7.44
N ARG A 340 -38.14 -3.24 -7.36
CA ARG A 340 -38.41 -2.25 -6.33
C ARG A 340 -37.88 -0.90 -6.80
N ALA A 341 -38.80 0.01 -7.07
CA ALA A 341 -38.44 1.36 -7.50
C ALA A 341 -39.23 2.38 -6.70
N GLN A 342 -38.55 3.43 -6.26
CA GLN A 342 -39.20 4.51 -5.51
C GLN A 342 -39.31 5.74 -6.38
N GLU A 343 -39.62 6.87 -5.76
CA GLU A 343 -39.62 8.15 -6.45
C GLU A 343 -38.18 8.57 -6.70
N THR A 344 -37.77 8.59 -7.97
CA THR A 344 -36.37 8.87 -8.31
C THR A 344 -36.16 10.06 -9.24
N ALA A 345 -34.99 10.68 -9.11
CA ALA A 345 -34.60 11.83 -9.92
C ALA A 345 -33.27 11.56 -10.63
N LEU A 346 -33.30 11.57 -11.95
CA LEU A 346 -32.08 11.33 -12.73
C LEU A 346 -31.75 12.58 -13.53
N ALA A 347 -30.45 12.88 -13.68
CA ALA A 347 -30.07 14.08 -14.43
C ALA A 347 -29.30 13.73 -15.69
N LEU A 348 -29.36 14.61 -16.68
CA LEU A 348 -28.59 14.42 -17.92
C LEU A 348 -27.48 15.45 -18.05
N LEU A 349 -26.30 15.00 -18.48
CA LEU A 349 -25.19 15.89 -18.77
C LEU A 349 -24.66 15.63 -20.17
N ARG A 350 -24.90 16.59 -21.07
CA ARG A 350 -24.42 16.49 -22.44
C ARG A 350 -23.13 17.28 -22.63
N LEU A 351 -22.07 16.59 -23.04
CA LEU A 351 -20.77 17.25 -23.26
C LEU A 351 -20.53 17.48 -24.74
N ASP A 352 -21.39 16.92 -25.58
CA ASP A 352 -21.30 17.10 -27.01
C ASP A 352 -21.91 18.44 -27.41
N GLY A 353 -22.43 19.16 -26.43
CA GLY A 353 -23.12 20.41 -26.67
C GLY A 353 -24.39 20.18 -27.48
N ALA A 354 -25.49 19.91 -26.80
CA ALA A 354 -26.77 19.69 -27.46
C ALA A 354 -27.95 20.00 -26.55
N GLN A 355 -29.10 19.41 -26.85
CA GLN A 355 -30.35 19.75 -26.16
C GLN A 355 -30.67 18.84 -24.97
N GLY A 356 -31.95 18.51 -24.80
CA GLY A 356 -32.39 17.70 -23.69
C GLY A 356 -32.23 16.21 -23.92
N TRP A 357 -33.12 15.43 -23.31
CA TRP A 357 -33.09 13.98 -23.45
C TRP A 357 -33.57 13.54 -24.84
N PRO A 358 -32.72 12.76 -25.54
CA PRO A 358 -33.14 12.10 -26.79
C PRO A 358 -34.40 11.25 -26.54
N GLU A 359 -35.49 11.61 -27.21
CA GLU A 359 -36.84 11.13 -26.90
C GLU A 359 -36.99 9.64 -26.58
N PHE A 360 -36.17 8.79 -27.20
CA PHE A 360 -36.26 7.35 -26.95
C PHE A 360 -35.78 6.93 -25.56
N LEU A 361 -34.81 7.66 -25.02
CA LEU A 361 -34.36 7.41 -23.64
C LEU A 361 -35.42 7.88 -22.65
N ARG A 362 -36.02 9.03 -22.94
CA ARG A 362 -37.08 9.58 -22.11
C ARG A 362 -38.25 8.62 -22.06
N ARG A 363 -38.70 8.17 -23.24
CA ARG A 363 -39.81 7.24 -23.37
C ARG A 363 -39.49 5.88 -22.73
N ALA A 364 -38.27 5.40 -22.91
CA ALA A 364 -37.86 4.14 -22.30
C ALA A 364 -37.96 4.22 -20.79
N LEU A 365 -37.42 5.29 -20.22
CA LEU A 365 -37.50 5.52 -18.78
C LEU A 365 -38.94 5.65 -18.28
N LEU A 366 -39.76 6.36 -19.05
CA LEU A 366 -41.18 6.52 -18.70
C LEU A 366 -41.94 5.19 -18.72
N ARG A 367 -41.62 4.34 -19.69
CA ARG A 367 -42.21 3.01 -19.74
C ARG A 367 -41.79 2.22 -18.52
N ALA A 368 -40.50 2.22 -18.25
CA ALA A 368 -39.95 1.47 -17.12
C ALA A 368 -40.57 1.88 -15.77
N PHE A 369 -40.66 3.18 -15.54
CA PHE A 369 -41.19 3.69 -14.26
C PHE A 369 -42.72 3.63 -14.16
N GLY A 370 -43.39 3.78 -15.30
CA GLY A 370 -44.84 3.60 -15.35
C GLY A 370 -45.18 2.16 -15.04
N ALA A 371 -44.35 1.24 -15.52
CA ALA A 371 -44.53 -0.18 -15.25
C ALA A 371 -44.14 -0.55 -13.82
N SER A 372 -43.19 0.17 -13.25
CA SER A 372 -42.71 -0.14 -11.91
C SER A 372 -43.60 0.46 -10.83
N GLY A 373 -44.53 1.32 -11.23
CA GLY A 373 -45.42 1.96 -10.29
C GLY A 373 -44.72 3.00 -9.44
N ALA A 374 -43.87 3.80 -10.08
CA ALA A 374 -43.12 4.84 -9.39
C ALA A 374 -43.00 6.09 -10.24
N SER A 375 -42.96 7.26 -9.60
CA SER A 375 -42.81 8.52 -10.33
C SER A 375 -41.35 8.81 -10.66
N LEU A 376 -41.13 9.33 -11.87
CA LEU A 376 -39.79 9.63 -12.36
C LEU A 376 -39.63 11.13 -12.56
N ARG A 377 -38.43 11.65 -12.32
CA ARG A 377 -38.14 13.06 -12.53
C ARG A 377 -36.80 13.26 -13.24
N LEU A 378 -36.87 13.74 -14.49
CA LEU A 378 -35.67 13.92 -15.30
C LEU A 378 -35.23 15.38 -15.31
N HIS A 379 -33.94 15.59 -15.05
CA HIS A 379 -33.34 16.91 -15.06
C HIS A 379 -32.33 17.01 -16.19
N THR A 380 -31.98 18.25 -16.55
CA THR A 380 -30.87 18.49 -17.45
C THR A 380 -29.90 19.44 -16.77
N LEU A 381 -28.63 19.04 -16.69
CA LEU A 381 -27.59 19.88 -16.12
C LEU A 381 -27.10 20.90 -17.14
N HIS A 382 -27.29 22.18 -16.83
CA HIS A 382 -26.77 23.23 -17.69
C HIS A 382 -25.39 23.64 -17.17
N ALA A 383 -24.44 22.72 -17.27
CA ALA A 383 -23.09 22.90 -16.76
C ALA A 383 -22.08 22.11 -17.56
N HIS A 384 -20.81 22.48 -17.45
CA HIS A 384 -19.75 21.83 -18.21
C HIS A 384 -18.44 21.85 -17.41
N PRO A 385 -17.64 20.78 -17.52
CA PRO A 385 -16.36 20.62 -16.81
C PRO A 385 -15.40 21.80 -16.99
N SER A 386 -15.50 22.49 -18.12
CA SER A 386 -14.64 23.63 -18.41
C SER A 386 -15.04 24.89 -17.64
N GLN A 387 -16.07 24.79 -16.79
CA GLN A 387 -16.50 25.92 -15.98
C GLN A 387 -15.64 26.07 -14.74
N GLY A 388 -14.84 25.05 -14.45
CA GLY A 388 -14.07 25.00 -13.23
C GLY A 388 -14.93 24.64 -12.04
N LEU A 389 -14.74 25.35 -10.93
CA LEU A 389 -15.46 25.07 -9.70
C LEU A 389 -16.97 25.29 -9.82
N ALA A 390 -17.38 26.15 -10.76
CA ALA A 390 -18.79 26.41 -11.00
C ALA A 390 -19.52 25.12 -11.40
N PHE A 391 -18.77 24.20 -12.01
CA PHE A 391 -19.30 22.91 -12.43
C PHE A 391 -19.60 22.03 -11.23
N ARG A 392 -18.67 22.01 -10.28
CA ARG A 392 -18.86 21.26 -9.04
C ARG A 392 -20.01 21.88 -8.27
N GLU A 393 -20.16 23.19 -8.38
CA GLU A 393 -21.27 23.88 -7.73
C GLU A 393 -22.60 23.44 -8.34
N ALA A 394 -22.59 23.34 -9.66
CA ALA A 394 -23.76 22.85 -10.39
C ALA A 394 -24.13 21.45 -9.89
N LEU A 395 -23.11 20.60 -9.77
CA LEU A 395 -23.30 19.23 -9.28
C LEU A 395 -23.86 19.20 -7.87
N ARG A 396 -23.35 20.09 -7.02
CA ARG A 396 -23.79 20.18 -5.64
C ARG A 396 -25.28 20.55 -5.60
N LYS A 397 -25.66 21.53 -6.40
CA LYS A 397 -27.06 21.94 -6.48
C LYS A 397 -27.94 20.80 -6.99
N ALA A 398 -27.44 20.06 -7.97
CA ALA A 398 -28.18 18.92 -8.51
C ALA A 398 -28.43 17.89 -7.43
N LYS A 399 -27.37 17.55 -6.70
CA LYS A 399 -27.44 16.59 -5.60
C LYS A 399 -28.44 17.04 -4.54
N GLU A 400 -28.42 18.33 -4.25
CA GLU A 400 -29.27 18.88 -3.18
C GLU A 400 -30.75 18.87 -3.55
N GLU A 401 -31.04 18.78 -4.85
CA GLU A 401 -32.42 18.70 -5.31
C GLU A 401 -32.86 17.26 -5.57
N GLY A 402 -32.13 16.31 -4.96
CA GLY A 402 -32.54 14.92 -4.97
C GLY A 402 -32.12 14.08 -6.17
N VAL A 403 -31.26 14.62 -7.02
CA VAL A 403 -30.75 13.86 -8.15
C VAL A 403 -29.91 12.69 -7.67
N GLN A 404 -30.21 11.48 -8.15
CA GLN A 404 -29.58 10.28 -7.64
C GLN A 404 -28.40 9.80 -8.50
N ALA A 405 -28.47 10.07 -9.80
CA ALA A 405 -27.41 9.70 -10.72
C ALA A 405 -27.47 10.53 -11.99
N VAL A 406 -26.36 10.62 -12.69
CA VAL A 406 -26.35 11.37 -13.94
C VAL A 406 -25.90 10.52 -15.14
N LEU A 407 -26.56 10.76 -16.27
CA LEU A 407 -26.23 10.09 -17.51
C LEU A 407 -25.42 11.05 -18.36
N VAL A 408 -24.23 10.65 -18.75
CA VAL A 408 -23.31 11.52 -19.46
C VAL A 408 -23.24 11.18 -20.95
N LEU A 409 -23.91 12.00 -21.77
CA LEU A 409 -23.85 11.81 -23.21
C LEU A 409 -22.60 12.48 -23.78
N THR A 410 -21.66 11.67 -24.29
CA THR A 410 -20.38 12.23 -24.71
C THR A 410 -19.62 11.38 -25.72
N PRO A 411 -18.91 12.03 -26.65
CA PRO A 411 -17.99 11.31 -27.54
C PRO A 411 -16.99 10.52 -26.71
N PRO A 412 -16.42 9.45 -27.28
CA PRO A 412 -15.42 8.62 -26.60
C PRO A 412 -14.38 9.46 -25.87
N MET A 413 -14.38 9.36 -24.55
CA MET A 413 -13.43 10.10 -23.72
C MET A 413 -12.15 9.29 -23.55
N ALA A 414 -11.05 9.98 -23.24
CA ALA A 414 -9.82 9.30 -22.89
C ALA A 414 -9.90 8.82 -21.44
N TRP A 415 -9.11 7.80 -21.11
CA TRP A 415 -9.10 7.23 -19.76
C TRP A 415 -8.92 8.31 -18.68
N GLU A 416 -7.98 9.22 -18.91
CA GLU A 416 -7.68 10.29 -17.98
C GLU A 416 -8.93 11.13 -17.67
N ASP A 417 -9.52 11.70 -18.72
CA ASP A 417 -10.65 12.60 -18.57
C ASP A 417 -11.90 11.89 -18.05
N ARG A 418 -12.12 10.67 -18.54
CA ARG A 418 -13.22 9.85 -18.05
C ARG A 418 -13.09 9.64 -16.55
N ASN A 419 -11.91 9.23 -16.11
CA ASN A 419 -11.63 9.06 -14.69
C ASN A 419 -11.83 10.33 -13.87
N ARG A 420 -11.23 11.42 -14.31
CA ARG A 420 -11.37 12.70 -13.61
C ARG A 420 -12.83 13.09 -13.47
N LEU A 421 -13.60 12.92 -14.54
CA LEU A 421 -15.01 13.29 -14.55
C LEU A 421 -15.80 12.43 -13.58
N LYS A 422 -15.59 11.13 -13.67
CA LYS A 422 -16.21 10.16 -12.77
C LYS A 422 -15.98 10.53 -11.31
N ALA A 423 -14.71 10.69 -10.95
CA ALA A 423 -14.35 11.01 -9.58
C ALA A 423 -14.92 12.35 -9.13
N LEU A 424 -14.92 13.32 -10.04
CA LEU A 424 -15.45 14.65 -9.74
C LEU A 424 -16.93 14.59 -9.40
N LEU A 425 -17.72 13.92 -10.23
CA LEU A 425 -19.14 13.74 -9.96
C LEU A 425 -19.30 13.01 -8.63
N LEU A 426 -18.47 11.98 -8.45
CA LEU A 426 -18.52 11.12 -7.27
C LEU A 426 -18.31 11.89 -5.98
N ARG A 427 -17.47 12.93 -6.02
CA ARG A 427 -17.20 13.74 -4.84
C ARG A 427 -18.39 14.59 -4.41
N GLU A 428 -19.39 14.69 -5.27
CA GLU A 428 -20.65 15.33 -4.88
C GLU A 428 -21.74 14.30 -4.63
N GLY A 429 -21.36 13.03 -4.62
CA GLY A 429 -22.28 11.95 -4.29
C GLY A 429 -23.11 11.45 -5.46
N LEU A 430 -22.70 11.80 -6.67
CA LEU A 430 -23.45 11.44 -7.87
C LEU A 430 -22.73 10.40 -8.73
N PRO A 431 -23.25 9.16 -8.75
CA PRO A 431 -22.74 8.18 -9.71
C PRO A 431 -23.09 8.60 -11.14
N SER A 432 -22.26 8.21 -12.08
CA SER A 432 -22.45 8.60 -13.48
C SER A 432 -22.39 7.39 -14.41
N GLN A 433 -23.27 7.38 -15.40
CA GLN A 433 -23.27 6.38 -16.45
C GLN A 433 -22.94 7.04 -17.77
N ILE A 434 -21.81 6.67 -18.38
CA ILE A 434 -21.43 7.26 -19.66
C ILE A 434 -22.09 6.55 -20.85
N LEU A 435 -22.57 7.35 -21.80
CA LEU A 435 -23.11 6.83 -23.06
C LEU A 435 -22.51 7.62 -24.22
N ASN A 436 -21.84 6.90 -25.13
CA ASN A 436 -21.15 7.55 -26.24
C ASN A 436 -22.11 8.14 -27.26
N VAL A 437 -21.81 9.35 -27.74
CA VAL A 437 -22.79 10.18 -28.46
C VAL A 437 -23.21 9.75 -29.88
N PRO A 438 -22.30 9.16 -30.68
CA PRO A 438 -22.87 8.64 -31.94
C PRO A 438 -23.84 7.51 -31.63
N LEU A 439 -25.07 7.89 -31.28
CA LEU A 439 -26.06 6.95 -30.75
C LEU A 439 -27.37 7.04 -31.52
N ARG A 440 -27.66 6.01 -32.31
CA ARG A 440 -28.93 5.90 -33.03
C ARG A 440 -29.92 5.09 -32.22
N GLU A 441 -31.21 5.27 -32.48
CA GLU A 441 -32.25 4.59 -31.70
C GLU A 441 -32.23 3.07 -31.88
N GLU A 442 -31.70 2.61 -33.01
CA GLU A 442 -31.66 1.17 -33.30
C GLU A 442 -30.60 0.41 -32.49
N GLU A 443 -29.59 1.11 -32.00
CA GLU A 443 -28.56 0.49 -31.14
C GLU A 443 -29.12 0.19 -29.76
N ARG A 444 -30.23 -0.56 -29.71
CA ARG A 444 -30.96 -0.78 -28.47
C ARG A 444 -30.15 -1.45 -27.37
N HIS A 445 -29.27 -2.38 -27.73
CA HIS A 445 -28.46 -3.08 -26.74
C HIS A 445 -27.61 -2.12 -25.92
N ARG A 446 -26.90 -1.24 -26.62
CA ARG A 446 -26.02 -0.25 -25.98
C ARG A 446 -26.76 0.67 -25.01
N TRP A 447 -27.81 1.32 -25.47
CA TRP A 447 -28.49 2.30 -24.61
C TRP A 447 -29.44 1.69 -23.57
N GLU A 448 -29.94 0.47 -23.82
CA GLU A 448 -30.68 -0.22 -22.79
C GLU A 448 -29.73 -0.66 -21.69
N ASN A 449 -28.52 -1.05 -22.07
CA ASN A 449 -27.50 -1.36 -21.09
C ASN A 449 -27.03 -0.13 -20.32
N ALA A 450 -26.96 1.01 -21.00
CA ALA A 450 -26.60 2.26 -20.35
C ALA A 450 -27.69 2.66 -19.35
N LEU A 451 -28.94 2.45 -19.76
CA LEU A 451 -30.08 2.73 -18.89
C LEU A 451 -30.07 1.84 -17.65
N LEU A 452 -29.89 0.54 -17.88
CA LEU A 452 -29.78 -0.41 -16.77
C LEU A 452 -28.67 -0.03 -15.81
N GLY A 453 -27.51 0.33 -16.38
CA GLY A 453 -26.40 0.79 -15.58
C GLY A 453 -26.76 2.01 -14.74
N LEU A 454 -27.44 2.96 -15.36
CA LEU A 454 -27.92 4.17 -14.68
C LEU A 454 -28.78 3.80 -13.48
N LEU A 455 -29.86 3.09 -13.74
CA LEU A 455 -30.79 2.66 -12.71
C LEU A 455 -30.10 1.92 -11.57
N ALA A 456 -29.15 1.05 -11.93
CA ALA A 456 -28.36 0.34 -10.93
C ALA A 456 -27.53 1.31 -10.10
N LYS A 457 -27.09 2.38 -10.75
CA LYS A 457 -26.24 3.39 -10.09
C LYS A 457 -27.04 4.36 -9.23
N ALA A 458 -28.34 4.48 -9.48
CA ALA A 458 -29.18 5.39 -8.70
C ALA A 458 -29.73 4.70 -7.45
N GLY A 459 -29.44 3.42 -7.29
CA GLY A 459 -29.87 2.70 -6.10
C GLY A 459 -31.16 1.92 -6.23
N LEU A 460 -31.60 1.67 -7.46
CA LEU A 460 -32.80 0.87 -7.69
C LEU A 460 -32.48 -0.61 -7.71
N GLN A 461 -33.43 -1.42 -7.25
CA GLN A 461 -33.35 -2.86 -7.47
C GLN A 461 -34.13 -3.22 -8.73
N VAL A 462 -33.41 -3.62 -9.76
CA VAL A 462 -34.04 -3.85 -11.06
C VAL A 462 -34.54 -5.28 -11.19
N VAL A 463 -33.82 -6.23 -10.60
CA VAL A 463 -34.23 -7.63 -10.62
C VAL A 463 -34.01 -8.29 -9.27
N ALA A 464 -34.64 -9.45 -9.08
CA ALA A 464 -34.46 -10.21 -7.86
C ALA A 464 -34.76 -11.68 -8.13
N LEU A 465 -34.39 -12.54 -7.17
CA LEU A 465 -34.69 -13.96 -7.29
C LEU A 465 -35.90 -14.32 -6.44
N SER A 466 -36.70 -15.26 -6.92
CA SER A 466 -37.79 -15.79 -6.11
C SER A 466 -37.62 -17.29 -5.95
N GLY A 467 -37.09 -17.69 -4.81
CA GLY A 467 -36.85 -19.10 -4.52
C GLY A 467 -36.56 -19.30 -3.04
N ALA A 468 -36.13 -20.51 -2.69
CA ALA A 468 -35.71 -20.78 -1.32
C ALA A 468 -34.22 -21.06 -1.29
N TYR A 469 -33.48 -20.22 -0.56
CA TYR A 469 -32.03 -20.32 -0.50
C TYR A 469 -31.54 -20.43 0.95
N PRO A 470 -30.43 -21.16 1.17
CA PRO A 470 -29.92 -21.39 2.52
C PRO A 470 -29.44 -20.12 3.23
N ALA A 471 -28.94 -19.16 2.46
CA ALA A 471 -28.47 -17.90 3.03
C ALA A 471 -29.35 -16.74 2.61
N GLU A 472 -29.43 -15.69 3.43
CA GLU A 472 -30.21 -14.51 3.08
C GLU A 472 -29.34 -13.25 3.02
N LEU A 473 -28.04 -13.45 3.22
CA LEU A 473 -27.06 -12.40 2.99
C LEU A 473 -25.88 -13.05 2.31
N ALA A 474 -25.60 -12.67 1.08
CA ALA A 474 -24.44 -13.22 0.37
C ALA A 474 -23.43 -12.14 0.07
N VAL A 475 -22.23 -12.27 0.63
CA VAL A 475 -21.22 -11.24 0.45
C VAL A 475 -19.91 -11.76 -0.16
N GLY A 476 -19.41 -11.04 -1.15
CA GLY A 476 -18.18 -11.41 -1.85
C GLY A 476 -17.00 -10.50 -1.55
N PHE A 477 -15.84 -11.12 -1.41
CA PHE A 477 -14.61 -10.42 -1.07
C PHE A 477 -13.56 -10.60 -2.18
N ASP A 478 -12.85 -9.52 -2.48
CA ASP A 478 -11.78 -9.57 -3.47
C ASP A 478 -10.71 -8.52 -3.19
N ALA A 479 -9.51 -8.74 -3.72
CA ALA A 479 -8.45 -7.72 -3.65
C ALA A 479 -7.96 -7.37 -5.04
N GLY A 480 -7.74 -6.08 -5.31
CA GLY A 480 -7.34 -5.65 -6.64
C GLY A 480 -6.92 -4.19 -6.75
N GLY A 481 -6.97 -3.66 -7.97
CA GLY A 481 -6.49 -2.31 -8.24
C GLY A 481 -5.00 -2.22 -8.00
N ARG A 482 -4.32 -3.34 -8.23
CA ARG A 482 -2.94 -3.57 -7.78
C ARG A 482 -1.90 -2.57 -8.28
N GLU A 483 -0.70 -2.74 -7.74
CA GLU A 483 0.44 -1.87 -7.90
C GLU A 483 1.34 -2.08 -6.69
N SER A 484 2.00 -1.05 -6.23
CA SER A 484 2.69 -1.14 -4.95
C SER A 484 1.84 -1.67 -3.80
N PHE A 485 0.52 -1.70 -4.02
CA PHE A 485 -0.42 -2.14 -3.00
C PHE A 485 -1.76 -2.49 -3.62
N ARG A 486 -2.66 -3.04 -2.82
CA ARG A 486 -3.97 -3.44 -3.31
C ARG A 486 -5.11 -2.91 -2.44
N PHE A 487 -6.33 -3.11 -2.93
CA PHE A 487 -7.54 -2.77 -2.18
C PHE A 487 -8.36 -4.02 -1.92
N GLY A 488 -8.68 -4.27 -0.66
CA GLY A 488 -9.56 -5.36 -0.29
C GLY A 488 -10.98 -4.83 -0.14
N GLY A 489 -11.90 -5.40 -0.90
CA GLY A 489 -13.27 -4.91 -0.92
C GLY A 489 -14.33 -5.98 -0.85
N ALA A 490 -15.52 -5.58 -0.43
CA ALA A 490 -16.65 -6.48 -0.29
C ALA A 490 -17.90 -5.89 -0.94
N ALA A 491 -18.70 -6.76 -1.57
CA ALA A 491 -20.00 -6.35 -2.10
C ALA A 491 -21.03 -7.35 -1.58
N CYS A 492 -22.28 -6.94 -1.43
CA CYS A 492 -23.27 -7.84 -0.84
C CYS A 492 -24.63 -7.81 -1.49
N ALA A 493 -25.33 -8.93 -1.38
CA ALA A 493 -26.73 -9.05 -1.77
C ALA A 493 -27.49 -9.39 -0.51
N VAL A 494 -28.38 -8.49 -0.08
CA VAL A 494 -29.09 -8.66 1.19
C VAL A 494 -30.54 -9.09 0.97
N GLY A 495 -31.01 -10.00 1.83
CA GLY A 495 -32.32 -10.59 1.65
C GLY A 495 -32.21 -11.88 0.84
N GLY A 496 -33.21 -12.75 0.98
CA GLY A 496 -33.23 -13.99 0.23
C GLY A 496 -33.34 -13.74 -1.26
N ASP A 497 -34.18 -12.77 -1.62
CA ASP A 497 -34.38 -12.39 -3.02
C ASP A 497 -33.13 -11.80 -3.68
N GLY A 498 -32.17 -11.37 -2.87
CA GLY A 498 -31.03 -10.65 -3.37
C GLY A 498 -31.49 -9.30 -3.90
N GLY A 499 -32.65 -8.86 -3.42
CA GLY A 499 -33.24 -7.61 -3.85
C GLY A 499 -32.62 -6.43 -3.13
N HIS A 500 -31.29 -6.41 -3.08
CA HIS A 500 -30.53 -5.32 -2.47
C HIS A 500 -29.04 -5.56 -2.67
N LEU A 501 -28.44 -4.84 -3.61
CA LEU A 501 -27.00 -4.91 -3.84
C LEU A 501 -26.30 -3.68 -3.25
N LEU A 502 -25.27 -3.93 -2.44
CA LEU A 502 -24.52 -2.86 -1.79
C LEU A 502 -23.03 -3.06 -1.92
N TRP A 503 -22.28 -1.98 -1.69
CA TRP A 503 -20.83 -2.07 -1.60
C TRP A 503 -20.38 -1.49 -0.26
N THR A 504 -19.20 -1.87 0.18
CA THR A 504 -18.61 -1.30 1.39
C THR A 504 -17.34 -0.55 1.01
N LEU A 505 -16.89 0.34 1.89
CA LEU A 505 -15.65 1.09 1.64
C LEU A 505 -14.45 0.14 1.64
N PRO A 506 -13.73 0.07 0.51
CA PRO A 506 -12.57 -0.83 0.44
C PRO A 506 -11.44 -0.38 1.37
N GLU A 507 -10.44 -1.23 1.54
CA GLU A 507 -9.33 -0.92 2.43
C GLU A 507 -8.00 -1.19 1.76
N ALA A 508 -7.09 -0.22 1.83
CA ALA A 508 -5.75 -0.39 1.28
C ALA A 508 -4.96 -1.40 2.11
N GLN A 509 -4.19 -2.24 1.42
CA GLN A 509 -3.46 -3.34 2.04
C GLN A 509 -2.22 -3.67 1.21
N ALA A 510 -1.26 -4.37 1.81
CA ALA A 510 0.01 -4.63 1.16
C ALA A 510 -0.06 -5.62 -0.01
N GLY A 511 -0.88 -6.66 0.14
CA GLY A 511 -0.96 -7.71 -0.87
C GLY A 511 -2.34 -8.19 -1.24
N GLU A 512 -2.41 -9.45 -1.65
CA GLU A 512 -3.68 -10.10 -2.03
C GLU A 512 -4.44 -10.55 -0.79
N ARG A 513 -3.71 -10.87 0.26
CA ARG A 513 -4.34 -11.23 1.53
C ARG A 513 -5.07 -10.04 2.14
N ILE A 514 -6.32 -10.25 2.53
CA ILE A 514 -7.05 -9.25 3.27
C ILE A 514 -6.81 -9.51 4.75
N PRO A 515 -6.60 -8.46 5.55
CA PRO A 515 -6.47 -8.64 6.99
C PRO A 515 -7.75 -9.17 7.62
N GLN A 516 -7.62 -9.94 8.70
CA GLN A 516 -8.77 -10.57 9.35
C GLN A 516 -9.76 -9.53 9.87
N GLU A 517 -9.20 -8.45 10.41
CA GLU A 517 -10.01 -7.38 10.98
C GLU A 517 -10.73 -6.61 9.88
N VAL A 518 -10.08 -6.47 8.74
CA VAL A 518 -10.71 -5.82 7.59
C VAL A 518 -11.89 -6.67 7.10
N VAL A 519 -11.65 -7.98 7.03
CA VAL A 519 -12.70 -8.93 6.67
C VAL A 519 -13.90 -8.78 7.59
N TRP A 520 -13.68 -8.92 8.89
CA TRP A 520 -14.79 -8.82 9.83
C TRP A 520 -15.46 -7.44 9.81
N ASP A 521 -14.70 -6.39 9.55
CA ASP A 521 -15.28 -5.05 9.52
C ASP A 521 -16.22 -4.88 8.33
N LEU A 522 -15.78 -5.30 7.15
CA LEU A 522 -16.62 -5.22 5.95
C LEU A 522 -17.85 -6.09 6.10
N LEU A 523 -17.65 -7.31 6.59
CA LEU A 523 -18.77 -8.22 6.85
C LEU A 523 -19.75 -7.61 7.85
N GLU A 524 -19.22 -6.90 8.84
CA GLU A 524 -20.03 -6.22 9.85
C GLU A 524 -20.88 -5.16 9.19
N GLU A 525 -20.30 -4.42 8.25
CA GLU A 525 -21.09 -3.43 7.52
C GLU A 525 -22.21 -4.09 6.72
N THR A 526 -21.90 -5.20 6.06
CA THR A 526 -22.93 -5.96 5.33
C THR A 526 -24.08 -6.40 6.27
N LEU A 527 -23.72 -6.95 7.42
CA LEU A 527 -24.70 -7.32 8.45
C LEU A 527 -25.56 -6.13 8.81
N TRP A 528 -24.90 -5.02 9.16
CA TRP A 528 -25.57 -3.81 9.63
C TRP A 528 -26.56 -3.30 8.60
N ALA A 529 -26.17 -3.40 7.33
CA ALA A 529 -27.06 -3.11 6.22
C ALA A 529 -28.28 -4.02 6.28
N PHE A 530 -28.03 -5.32 6.38
CA PHE A 530 -29.11 -6.29 6.44
C PHE A 530 -30.11 -5.95 7.54
N ARG A 531 -29.59 -5.55 8.69
CA ARG A 531 -30.46 -5.21 9.83
C ARG A 531 -31.18 -3.90 9.56
N ARG A 532 -30.57 -3.02 8.77
CA ARG A 532 -31.21 -1.77 8.38
C ARG A 532 -32.40 -2.02 7.45
N LYS A 533 -32.34 -3.09 6.66
CA LYS A 533 -33.44 -3.40 5.75
C LYS A 533 -34.47 -4.40 6.28
N ALA A 534 -34.06 -5.27 7.21
CA ALA A 534 -34.92 -6.35 7.69
C ALA A 534 -35.34 -6.20 9.15
N GLY A 535 -34.58 -5.42 9.91
CA GLY A 535 -34.89 -5.20 11.31
C GLY A 535 -34.47 -6.37 12.18
N ARG A 536 -33.48 -7.12 11.72
CA ARG A 536 -32.98 -8.28 12.44
C ARG A 536 -31.63 -8.72 11.87
N LEU A 537 -31.00 -9.68 12.53
CA LEU A 537 -29.75 -10.25 12.02
C LEU A 537 -30.06 -11.40 11.07
N PRO A 538 -29.19 -11.64 10.07
CA PRO A 538 -29.42 -12.73 9.12
C PRO A 538 -29.32 -14.10 9.78
N SER A 539 -30.23 -14.99 9.40
CA SER A 539 -30.22 -16.37 9.88
C SER A 539 -28.92 -17.06 9.45
N ARG A 540 -28.53 -16.83 8.22
CA ARG A 540 -27.35 -17.47 7.64
C ARG A 540 -26.72 -16.62 6.55
N VAL A 541 -25.40 -16.50 6.57
CA VAL A 541 -24.71 -15.76 5.51
C VAL A 541 -23.83 -16.66 4.65
N LEU A 542 -23.62 -16.25 3.41
CA LEU A 542 -22.77 -16.95 2.48
C LEU A 542 -21.56 -16.08 2.15
N LEU A 543 -20.39 -16.50 2.64
CA LEU A 543 -19.16 -15.78 2.34
C LEU A 543 -18.51 -16.35 1.07
N LEU A 544 -18.34 -15.50 0.07
CA LEU A 544 -17.69 -15.90 -1.18
C LEU A 544 -16.37 -15.15 -1.32
N ARG A 545 -15.29 -15.90 -1.59
CA ARG A 545 -13.97 -15.29 -1.77
C ARG A 545 -13.45 -15.48 -3.20
N ASP A 546 -13.04 -14.39 -3.85
CA ASP A 546 -12.43 -14.51 -5.17
C ASP A 546 -11.04 -15.09 -5.06
N GLY A 547 -10.88 -16.34 -5.50
CA GLY A 547 -9.60 -17.01 -5.46
C GLY A 547 -9.43 -17.84 -4.20
N ARG A 548 -8.24 -18.42 -4.04
CA ARG A 548 -7.97 -19.24 -2.86
C ARG A 548 -8.00 -18.39 -1.60
N VAL A 549 -8.49 -18.96 -0.51
CA VAL A 549 -8.57 -18.26 0.76
C VAL A 549 -7.30 -18.49 1.56
N PRO A 550 -6.48 -17.43 1.73
CA PRO A 550 -5.26 -17.52 2.53
C PRO A 550 -5.56 -18.00 3.95
N GLN A 551 -4.58 -18.65 4.59
CA GLN A 551 -4.77 -19.24 5.91
C GLN A 551 -5.32 -18.26 6.95
N ASP A 552 -6.41 -18.67 7.61
CA ASP A 552 -6.96 -17.96 8.76
C ASP A 552 -7.46 -16.54 8.46
N GLU A 553 -7.60 -16.22 7.17
CA GLU A 553 -8.09 -14.91 6.74
C GLU A 553 -9.49 -14.63 7.26
N PHE A 554 -10.31 -15.68 7.36
CA PHE A 554 -11.69 -15.54 7.81
C PHE A 554 -11.91 -16.05 9.24
N ALA A 555 -10.82 -16.31 9.96
CA ALA A 555 -10.88 -16.83 11.32
C ALA A 555 -11.70 -15.92 12.23
N LEU A 556 -11.21 -14.69 12.37
CA LEU A 556 -11.86 -13.67 13.19
C LEU A 556 -13.34 -13.51 12.85
N ALA A 557 -13.62 -13.31 11.56
CA ALA A 557 -14.99 -13.13 11.08
C ALA A 557 -15.89 -14.30 11.46
N LEU A 558 -15.39 -15.51 11.22
CA LEU A 558 -16.17 -16.71 11.50
C LEU A 558 -16.45 -16.86 13.00
N GLU A 559 -15.46 -16.51 13.82
CA GLU A 559 -15.64 -16.53 15.27
C GLU A 559 -16.74 -15.56 15.69
N ALA A 560 -16.67 -14.35 15.15
CA ALA A 560 -17.66 -13.31 15.47
C ALA A 560 -19.07 -13.76 15.08
N LEU A 561 -19.20 -14.22 13.84
CA LEU A 561 -20.46 -14.77 13.34
C LEU A 561 -20.98 -15.87 14.25
N ALA A 562 -20.09 -16.75 14.67
CA ALA A 562 -20.43 -17.85 15.57
C ALA A 562 -20.99 -17.34 16.89
N ARG A 563 -20.36 -16.31 17.45
CA ARG A 563 -20.82 -15.74 18.71
C ARG A 563 -22.20 -15.09 18.59
N GLU A 564 -22.43 -14.38 17.49
CA GLU A 564 -23.70 -13.68 17.34
C GLU A 564 -24.89 -14.59 17.05
N GLY A 565 -24.61 -15.86 16.76
CA GLY A 565 -25.67 -16.82 16.46
C GLY A 565 -26.02 -16.83 14.99
N ILE A 566 -25.02 -16.54 14.15
CA ILE A 566 -25.22 -16.48 12.71
C ILE A 566 -24.52 -17.64 12.02
N ALA A 567 -25.29 -18.47 11.32
CA ALA A 567 -24.72 -19.60 10.59
C ALA A 567 -24.04 -19.10 9.32
N TYR A 568 -22.93 -19.72 8.96
CA TYR A 568 -22.17 -19.25 7.80
C TYR A 568 -21.75 -20.36 6.87
N ASP A 569 -21.32 -19.97 5.68
CA ASP A 569 -20.67 -20.87 4.75
C ASP A 569 -19.58 -20.07 4.03
N LEU A 570 -18.35 -20.54 4.14
CA LEU A 570 -17.24 -19.92 3.42
C LEU A 570 -16.99 -20.74 2.16
N VAL A 571 -17.04 -20.09 1.01
CA VAL A 571 -16.75 -20.79 -0.25
C VAL A 571 -15.70 -20.06 -1.09
N SER A 572 -14.62 -20.76 -1.40
CA SER A 572 -13.59 -20.22 -2.27
C SER A 572 -13.96 -20.45 -3.74
N VAL A 573 -14.04 -19.36 -4.50
CA VAL A 573 -14.41 -19.45 -5.91
C VAL A 573 -13.23 -19.17 -6.83
N ARG A 574 -12.68 -20.22 -7.43
CA ARG A 574 -11.55 -20.09 -8.34
C ARG A 574 -12.00 -20.10 -9.79
N LYS A 575 -11.63 -19.05 -10.52
CA LYS A 575 -12.11 -18.83 -11.89
C LYS A 575 -11.34 -19.65 -12.94
N SER A 576 -10.30 -20.34 -12.49
CA SER A 576 -9.46 -21.13 -13.39
C SER A 576 -8.91 -22.36 -12.68
N GLY A 577 -8.43 -23.33 -13.46
CA GLY A 577 -7.95 -24.57 -12.90
C GLY A 577 -9.07 -25.57 -12.67
N GLY A 578 -10.27 -25.20 -13.09
CA GLY A 578 -11.40 -26.10 -13.05
C GLY A 578 -11.42 -26.98 -14.29
N GLY A 579 -10.52 -26.65 -15.23
CA GLY A 579 -10.42 -27.38 -16.47
C GLY A 579 -11.67 -27.21 -17.31
N ARG A 580 -11.93 -28.18 -18.18
CA ARG A 580 -13.11 -28.15 -19.02
C ARG A 580 -14.09 -29.26 -18.64
N VAL A 581 -15.35 -29.08 -19.01
CA VAL A 581 -16.39 -30.07 -18.79
C VAL A 581 -17.14 -30.34 -20.09
N TYR A 582 -17.24 -31.60 -20.49
CA TYR A 582 -17.95 -31.96 -21.71
C TYR A 582 -19.06 -32.97 -21.46
N PRO A 583 -20.17 -32.84 -22.19
CA PRO A 583 -21.23 -33.85 -22.08
C PRO A 583 -20.78 -35.19 -22.69
N VAL A 584 -20.85 -36.26 -21.91
CA VAL A 584 -20.50 -37.60 -22.37
C VAL A 584 -21.30 -37.97 -23.62
N GLN A 585 -22.50 -37.41 -23.71
CA GLN A 585 -23.39 -37.60 -24.85
C GLN A 585 -24.51 -36.55 -24.77
N GLY A 586 -24.84 -35.95 -25.91
CA GLY A 586 -25.90 -34.96 -25.95
C GLY A 586 -25.40 -33.53 -25.96
N ARG A 587 -26.30 -32.59 -25.66
CA ARG A 587 -25.96 -31.17 -25.68
C ARG A 587 -25.34 -30.69 -24.38
N LEU A 588 -24.50 -29.67 -24.47
CA LEU A 588 -23.88 -29.07 -23.28
C LEU A 588 -24.82 -28.05 -22.66
N ALA A 589 -25.20 -28.29 -21.41
CA ALA A 589 -26.18 -27.46 -20.75
C ALA A 589 -25.55 -26.29 -20.00
N ASP A 590 -26.39 -25.57 -19.25
CA ASP A 590 -25.97 -24.38 -18.54
C ASP A 590 -26.58 -24.38 -17.15
N GLY A 591 -25.75 -24.51 -16.13
CA GLY A 591 -26.22 -24.72 -14.78
C GLY A 591 -25.80 -26.10 -14.31
N LEU A 592 -24.54 -26.45 -14.56
CA LEU A 592 -24.05 -27.78 -14.20
C LEU A 592 -23.37 -27.79 -12.84
N TYR A 593 -23.75 -28.75 -12.01
CA TYR A 593 -23.08 -28.97 -10.72
C TYR A 593 -22.35 -30.31 -10.76
N VAL A 594 -21.02 -30.26 -10.75
CA VAL A 594 -20.21 -31.47 -10.85
C VAL A 594 -19.41 -31.71 -9.58
N PRO A 595 -20.01 -32.40 -8.60
CA PRO A 595 -19.27 -32.66 -7.36
C PRO A 595 -18.09 -33.58 -7.62
N LEU A 596 -16.87 -33.08 -7.39
CA LEU A 596 -15.68 -33.88 -7.56
C LEU A 596 -15.33 -34.61 -6.27
N GLU A 597 -14.18 -34.27 -5.69
CA GLU A 597 -13.81 -34.81 -4.38
C GLU A 597 -14.71 -34.23 -3.29
N ASP A 598 -14.36 -34.51 -2.04
CA ASP A 598 -15.13 -33.97 -0.91
C ASP A 598 -14.92 -32.48 -0.77
N LYS A 599 -16.01 -31.74 -0.53
CA LYS A 599 -15.99 -30.30 -0.28
C LYS A 599 -15.58 -29.41 -1.46
N THR A 600 -15.20 -30.02 -2.57
CA THR A 600 -14.91 -29.27 -3.79
C THR A 600 -15.77 -29.75 -4.96
N PHE A 601 -16.10 -28.83 -5.86
CA PHE A 601 -16.97 -29.15 -7.00
C PHE A 601 -16.81 -28.16 -8.14
N LEU A 602 -17.26 -28.56 -9.33
CA LEU A 602 -17.27 -27.67 -10.48
C LEU A 602 -18.66 -27.10 -10.68
N LEU A 603 -18.73 -25.93 -11.31
CA LEU A 603 -20.01 -25.26 -11.52
C LEU A 603 -20.00 -24.50 -12.83
N LEU A 604 -20.76 -25.02 -13.80
CA LEU A 604 -20.91 -24.36 -15.08
C LEU A 604 -22.10 -23.40 -14.98
N THR A 605 -21.81 -22.11 -14.86
CA THR A 605 -22.82 -21.10 -14.55
C THR A 605 -23.39 -20.39 -15.78
N VAL A 606 -22.55 -20.23 -16.81
CA VAL A 606 -22.98 -19.55 -18.03
C VAL A 606 -22.46 -20.26 -19.26
N HIS A 607 -23.30 -20.38 -20.28
CA HIS A 607 -22.89 -20.94 -21.55
C HIS A 607 -23.76 -20.43 -22.70
N ARG A 608 -23.10 -19.96 -23.74
CA ARG A 608 -23.75 -19.56 -24.98
C ARG A 608 -22.83 -20.06 -26.09
N ASP A 609 -23.34 -20.90 -26.98
CA ASP A 609 -22.47 -21.58 -27.94
C ASP A 609 -21.56 -20.65 -28.74
N PHE A 610 -22.09 -19.49 -29.13
CA PHE A 610 -21.39 -18.57 -30.03
C PHE A 610 -20.09 -17.99 -29.48
N ARG A 611 -19.95 -17.99 -28.15
CA ARG A 611 -18.80 -17.37 -27.50
C ARG A 611 -17.62 -18.32 -27.37
N GLY A 612 -17.86 -19.62 -27.54
CA GLY A 612 -16.79 -20.59 -27.49
C GLY A 612 -17.08 -21.77 -26.57
N THR A 613 -16.09 -22.15 -25.77
CA THR A 613 -16.23 -23.27 -24.84
C THR A 613 -16.21 -22.77 -23.41
N PRO A 614 -17.28 -23.07 -22.66
CA PRO A 614 -17.39 -22.56 -21.28
C PRO A 614 -16.28 -23.06 -20.37
N ARG A 615 -15.82 -22.19 -19.46
CA ARG A 615 -14.85 -22.57 -18.45
C ARG A 615 -15.55 -22.60 -17.10
N PRO A 616 -15.77 -23.81 -16.56
CA PRO A 616 -16.48 -23.96 -15.28
C PRO A 616 -15.69 -23.37 -14.12
N LEU A 617 -16.40 -22.97 -13.06
CA LEU A 617 -15.76 -22.45 -11.86
C LEU A 617 -15.39 -23.62 -10.95
N LYS A 618 -14.27 -23.50 -10.25
CA LYS A 618 -13.91 -24.51 -9.27
C LYS A 618 -14.18 -23.95 -7.89
N LEU A 619 -15.09 -24.57 -7.15
CA LEU A 619 -15.51 -24.05 -5.85
C LEU A 619 -15.17 -25.00 -4.71
N VAL A 620 -14.65 -24.43 -3.62
CA VAL A 620 -14.31 -25.23 -2.45
C VAL A 620 -15.08 -24.77 -1.23
N HIS A 621 -15.82 -25.70 -0.61
CA HIS A 621 -16.48 -25.44 0.65
C HIS A 621 -15.41 -25.41 1.73
N GLU A 622 -14.99 -24.21 2.13
CA GLU A 622 -13.87 -24.04 3.05
C GLU A 622 -14.31 -24.14 4.51
N ALA A 623 -15.54 -23.75 4.79
CA ALA A 623 -16.10 -23.80 6.14
C ALA A 623 -17.61 -23.69 6.10
N GLY A 624 -18.29 -24.43 6.98
CA GLY A 624 -19.75 -24.43 7.00
C GLY A 624 -20.36 -25.81 7.05
N ASP A 625 -21.68 -25.87 7.19
CA ASP A 625 -22.39 -27.14 7.34
C ASP A 625 -23.49 -27.31 6.29
N THR A 626 -23.58 -26.37 5.36
CA THR A 626 -24.58 -26.44 4.29
C THR A 626 -24.15 -27.47 3.25
N PRO A 627 -25.10 -28.30 2.77
CA PRO A 627 -24.85 -29.26 1.70
C PRO A 627 -24.37 -28.61 0.39
N LEU A 628 -23.41 -29.24 -0.26
CA LEU A 628 -22.80 -28.74 -1.49
C LEU A 628 -23.79 -28.38 -2.61
N GLU A 629 -24.79 -29.24 -2.80
CA GLU A 629 -25.77 -29.01 -3.85
C GLU A 629 -26.55 -27.73 -3.60
N ALA A 630 -26.82 -27.43 -2.33
CA ALA A 630 -27.53 -26.23 -1.95
C ALA A 630 -26.70 -24.97 -2.24
N LEU A 631 -25.40 -25.05 -1.97
CA LEU A 631 -24.49 -23.95 -2.23
C LEU A 631 -24.35 -23.69 -3.72
N ALA A 632 -24.19 -24.78 -4.48
CA ALA A 632 -24.11 -24.68 -5.94
C ALA A 632 -25.36 -24.02 -6.47
N HIS A 633 -26.50 -24.45 -5.92
CA HIS A 633 -27.81 -23.89 -6.25
C HIS A 633 -27.82 -22.37 -6.05
N GLN A 634 -27.51 -21.96 -4.82
CA GLN A 634 -27.54 -20.54 -4.47
C GLN A 634 -26.58 -19.69 -5.31
N ILE A 635 -25.36 -20.15 -5.47
CA ILE A 635 -24.36 -19.43 -6.26
C ILE A 635 -24.77 -19.28 -7.72
N PHE A 636 -25.15 -20.40 -8.33
CA PHE A 636 -25.63 -20.39 -9.70
C PHE A 636 -26.77 -19.40 -9.88
N HIS A 637 -27.72 -19.38 -8.95
CA HIS A 637 -28.81 -18.41 -9.03
C HIS A 637 -28.36 -16.97 -8.80
N LEU A 638 -27.35 -16.80 -7.95
CA LEU A 638 -26.76 -15.49 -7.68
C LEU A 638 -26.10 -14.94 -8.92
N THR A 639 -25.75 -15.83 -9.84
CA THR A 639 -25.17 -15.42 -11.11
C THR A 639 -26.10 -14.54 -11.97
N ARG A 640 -27.41 -14.68 -11.79
CA ARG A 640 -28.40 -13.93 -12.58
C ARG A 640 -28.79 -12.57 -12.01
N LEU A 641 -28.29 -12.24 -10.82
CA LEU A 641 -28.70 -11.02 -10.12
C LEU A 641 -28.14 -9.73 -10.71
N TYR A 642 -27.04 -9.84 -11.45
CA TYR A 642 -26.32 -8.66 -11.93
C TYR A 642 -27.16 -7.85 -12.91
N PRO A 643 -27.52 -6.61 -12.51
CA PRO A 643 -28.48 -5.76 -13.22
C PRO A 643 -27.91 -4.92 -14.36
N ALA A 644 -26.59 -4.65 -14.34
CA ALA A 644 -25.99 -3.77 -15.34
C ALA A 644 -25.71 -4.45 -16.68
N SER A 645 -25.82 -5.77 -16.71
CA SER A 645 -25.74 -6.53 -17.96
C SER A 645 -27.11 -7.07 -18.32
N GLY A 646 -27.72 -6.49 -19.35
CA GLY A 646 -29.12 -6.77 -19.64
C GLY A 646 -29.45 -7.95 -20.52
N PHE A 647 -28.47 -8.46 -21.26
CA PHE A 647 -28.72 -9.53 -22.23
C PHE A 647 -27.77 -10.70 -22.06
N ALA A 648 -26.94 -10.64 -21.02
CA ALA A 648 -25.97 -11.69 -20.75
C ALA A 648 -25.64 -11.75 -19.27
N PHE A 649 -25.65 -12.95 -18.69
CA PHE A 649 -25.31 -13.12 -17.29
C PHE A 649 -23.82 -13.35 -17.10
N PRO A 650 -23.24 -12.77 -16.03
CA PRO A 650 -21.83 -12.95 -15.72
C PRO A 650 -21.56 -14.36 -15.22
N ARG A 651 -20.31 -14.80 -15.33
CA ARG A 651 -19.90 -16.14 -14.91
C ARG A 651 -19.86 -16.28 -13.39
N LEU A 652 -19.48 -15.19 -12.72
CA LEU A 652 -19.36 -15.18 -11.27
C LEU A 652 -20.70 -14.83 -10.62
N PRO A 653 -20.89 -15.23 -9.36
CA PRO A 653 -22.07 -14.76 -8.62
C PRO A 653 -22.01 -13.25 -8.45
N ALA A 654 -23.17 -12.60 -8.50
CA ALA A 654 -23.26 -11.13 -8.46
C ALA A 654 -22.38 -10.42 -7.42
N PRO A 655 -22.35 -10.89 -6.16
CA PRO A 655 -21.50 -10.19 -5.19
C PRO A 655 -20.02 -10.19 -5.56
N LEU A 656 -19.51 -11.28 -6.13
CA LEU A 656 -18.10 -11.36 -6.53
C LEU A 656 -17.81 -10.49 -7.75
N HIS A 657 -18.73 -10.47 -8.70
CA HIS A 657 -18.60 -9.65 -9.89
C HIS A 657 -18.55 -8.19 -9.47
N LEU A 658 -19.50 -7.82 -8.62
CA LEU A 658 -19.57 -6.47 -8.06
C LEU A 658 -18.30 -6.12 -7.29
N ALA A 659 -17.78 -7.07 -6.51
CA ALA A 659 -16.58 -6.82 -5.72
C ALA A 659 -15.38 -6.58 -6.62
N ASP A 660 -15.32 -7.34 -7.70
CA ASP A 660 -14.28 -7.22 -8.70
C ASP A 660 -14.31 -5.83 -9.32
N ARG A 661 -15.45 -5.48 -9.92
CA ARG A 661 -15.66 -4.15 -10.50
C ARG A 661 -15.35 -3.05 -9.50
N LEU A 662 -15.73 -3.27 -8.24
CA LEU A 662 -15.55 -2.31 -7.17
C LEU A 662 -14.09 -2.02 -6.90
N VAL A 663 -13.33 -3.05 -6.53
CA VAL A 663 -11.92 -2.85 -6.25
C VAL A 663 -11.16 -2.34 -7.47
N LYS A 664 -11.62 -2.72 -8.67
CA LYS A 664 -11.02 -2.17 -9.88
C LYS A 664 -11.25 -0.67 -9.98
N GLU A 665 -12.50 -0.23 -9.83
CA GLU A 665 -12.84 1.18 -9.98
C GLU A 665 -12.26 2.05 -8.87
N VAL A 666 -12.13 1.49 -7.68
CA VAL A 666 -11.55 2.21 -6.55
C VAL A 666 -10.05 2.33 -6.72
N GLY A 667 -9.42 1.24 -7.14
CA GLY A 667 -7.99 1.27 -7.43
C GLY A 667 -7.68 2.21 -8.58
N ARG A 668 -8.65 2.38 -9.48
CA ARG A 668 -8.47 3.18 -10.68
C ARG A 668 -8.69 4.67 -10.44
N LEU A 669 -9.74 4.99 -9.69
CA LEU A 669 -10.11 6.39 -9.42
C LEU A 669 -9.45 6.91 -8.14
N GLY A 670 -9.47 6.09 -7.10
CA GLY A 670 -9.01 6.51 -5.79
C GLY A 670 -10.15 6.46 -4.78
N ILE A 671 -9.81 6.20 -3.53
CA ILE A 671 -10.82 5.98 -2.49
C ILE A 671 -11.37 7.29 -1.94
N ARG A 672 -10.63 8.37 -2.19
CA ARG A 672 -10.92 9.67 -1.58
C ARG A 672 -12.25 10.31 -2.02
N HIS A 673 -12.87 9.75 -3.04
CA HIS A 673 -14.09 10.33 -3.61
C HIS A 673 -15.37 9.69 -3.03
N LEU A 674 -15.22 8.60 -2.30
CA LEU A 674 -16.35 7.75 -1.93
C LEU A 674 -16.99 8.11 -0.59
N LYS A 675 -16.62 9.24 -0.02
CA LYS A 675 -17.08 9.56 1.32
C LYS A 675 -18.56 9.95 1.38
N GLU A 676 -19.04 10.60 0.32
CA GLU A 676 -20.44 11.03 0.27
C GLU A 676 -21.28 10.24 -0.74
N VAL A 677 -20.84 9.02 -1.05
CA VAL A 677 -21.57 8.19 -2.00
C VAL A 677 -22.38 7.13 -1.26
N ASP A 678 -23.66 6.98 -1.61
CA ASP A 678 -24.52 5.99 -0.97
C ASP A 678 -24.07 4.57 -1.32
N ARG A 679 -24.20 3.65 -0.37
CA ARG A 679 -23.75 2.28 -0.56
C ARG A 679 -24.76 1.46 -1.36
N GLU A 680 -26.00 1.94 -1.42
CA GLU A 680 -27.03 1.27 -2.21
C GLU A 680 -26.80 1.49 -3.69
N LYS A 681 -25.97 2.49 -4.00
CA LYS A 681 -25.69 2.90 -5.38
C LYS A 681 -24.44 2.20 -5.93
N LEU A 682 -24.60 1.47 -7.04
CA LEU A 682 -23.49 0.72 -7.62
C LEU A 682 -22.67 1.56 -8.59
N PHE A 683 -21.95 2.55 -8.05
CA PHE A 683 -21.25 3.55 -8.86
C PHE A 683 -20.19 3.01 -9.83
N PHE A 684 -19.87 1.73 -9.67
CA PHE A 684 -18.71 1.13 -10.32
C PHE A 684 -19.04 0.17 -11.47
N VAL A 685 -20.31 -0.10 -11.68
CA VAL A 685 -20.73 -1.02 -12.74
C VAL A 685 -20.67 -0.36 -14.11
N HIS B 3 10.43 42.92 13.71
CA HIS B 3 9.49 44.00 13.97
C HIS B 3 9.20 44.13 15.46
N LEU B 4 9.72 43.22 16.27
CA LEU B 4 9.54 43.29 17.70
C LEU B 4 10.87 43.07 18.41
N GLY B 5 11.96 43.35 17.69
CA GLY B 5 13.28 43.13 18.22
C GLY B 5 14.18 42.48 17.19
N LYS B 6 15.32 43.10 16.94
CA LYS B 6 16.29 42.59 15.99
C LYS B 6 17.59 42.27 16.69
N THR B 7 17.97 40.99 16.69
CA THR B 7 19.22 40.61 17.32
C THR B 7 20.07 39.86 16.31
N GLU B 8 21.36 39.74 16.60
CA GLU B 8 22.23 38.95 15.75
C GLU B 8 22.29 37.57 16.34
N VAL B 9 22.21 36.55 15.49
CA VAL B 9 22.33 35.18 15.99
C VAL B 9 23.47 34.52 15.26
N PHE B 10 24.05 33.51 15.89
CA PHE B 10 24.96 32.66 15.13
C PHE B 10 24.40 31.26 15.00
N LEU B 11 24.59 30.70 13.81
CA LEU B 11 24.14 29.35 13.48
C LEU B 11 25.23 28.39 13.93
N ASN B 12 24.91 27.11 14.04
CA ASN B 12 25.91 26.11 14.40
C ASN B 12 26.79 25.74 13.21
N ARG B 13 27.03 26.71 12.33
CA ARG B 13 27.99 26.55 11.25
C ARG B 13 29.22 27.37 11.57
N PHE B 14 30.35 26.97 10.99
CA PHE B 14 31.59 27.68 11.20
C PHE B 14 32.36 27.82 9.89
N ALA B 15 32.81 29.04 9.61
CA ALA B 15 33.58 29.33 8.40
C ALA B 15 35.06 29.10 8.65
N LEU B 16 35.63 28.17 7.89
CA LEU B 16 37.04 27.84 8.01
C LEU B 16 37.84 28.46 6.87
N ARG B 17 39.01 27.87 6.61
CA ARG B 17 39.91 28.39 5.58
C ARG B 17 39.28 28.31 4.20
N PRO B 18 39.67 29.22 3.30
CA PRO B 18 39.21 29.13 1.91
C PRO B 18 39.86 27.95 1.21
N LEU B 19 39.46 27.68 -0.02
CA LEU B 19 40.02 26.56 -0.77
C LEU B 19 41.34 26.93 -1.44
N ASN B 20 42.43 26.29 -1.01
CA ASN B 20 43.74 26.51 -1.61
C ASN B 20 43.74 26.10 -3.09
N PRO B 21 44.67 26.64 -3.90
CA PRO B 21 44.64 26.43 -5.36
C PRO B 21 44.67 24.96 -5.79
N GLU B 22 45.10 24.09 -4.88
CA GLU B 22 45.31 22.67 -5.19
C GLU B 22 44.06 21.81 -5.01
N GLU B 23 43.34 22.01 -3.90
CA GLU B 23 42.09 21.30 -3.65
C GLU B 23 41.04 21.71 -4.68
N LEU B 24 41.25 22.87 -5.27
CA LEU B 24 40.37 23.39 -6.31
C LEU B 24 40.63 22.69 -7.63
N ARG B 25 41.65 21.85 -7.67
CA ARG B 25 41.95 21.02 -8.84
C ARG B 25 42.32 19.61 -8.42
N PRO B 26 41.32 18.75 -8.20
CA PRO B 26 41.55 17.35 -7.82
C PRO B 26 42.03 16.50 -8.99
N TRP B 27 42.47 15.28 -8.69
CA TRP B 27 42.90 14.32 -9.70
C TRP B 27 41.71 13.57 -10.31
N ARG B 28 41.75 13.39 -11.63
CA ARG B 28 40.77 12.55 -12.31
C ARG B 28 41.30 11.13 -12.42
N LEU B 29 40.46 10.15 -12.08
CA LEU B 29 40.88 8.76 -12.11
C LEU B 29 39.89 7.90 -12.91
N GLU B 30 40.35 7.33 -14.02
CA GLU B 30 39.54 6.40 -14.79
C GLU B 30 39.52 5.05 -14.10
N VAL B 31 38.35 4.44 -14.00
CA VAL B 31 38.22 3.16 -13.32
C VAL B 31 38.13 1.99 -14.31
N VAL B 32 38.82 0.90 -14.00
CA VAL B 32 38.63 -0.35 -14.74
C VAL B 32 38.27 -1.48 -13.80
N LEU B 33 37.13 -2.12 -14.04
CA LEU B 33 36.64 -3.19 -13.19
C LEU B 33 36.55 -4.50 -13.96
N ASP B 34 36.75 -5.62 -13.27
CA ASP B 34 36.51 -6.93 -13.87
C ASP B 34 36.00 -7.90 -12.81
N PRO B 35 34.76 -8.38 -12.98
CA PRO B 35 33.88 -8.18 -14.14
C PRO B 35 33.21 -6.82 -14.14
N PRO B 36 33.06 -6.21 -15.32
CA PRO B 36 32.33 -4.94 -15.45
C PRO B 36 30.91 -5.06 -14.88
N PRO B 37 30.42 -3.97 -14.25
CA PRO B 37 29.09 -3.97 -13.62
C PRO B 37 27.97 -3.84 -14.65
N GLY B 38 27.14 -2.81 -14.50
CA GLY B 38 26.06 -2.55 -15.43
C GLY B 38 24.99 -1.66 -14.83
N ARG B 39 24.25 -2.21 -13.86
CA ARG B 39 23.17 -1.48 -13.21
C ARG B 39 23.55 -1.08 -11.78
N VAL B 42 26.84 0.07 -10.82
CA VAL B 42 27.98 0.78 -11.41
C VAL B 42 28.37 2.01 -10.59
N TYR B 43 27.42 2.92 -10.38
CA TYR B 43 27.64 4.10 -9.55
C TYR B 43 28.07 3.71 -8.12
N PRO B 44 27.31 2.82 -7.46
CA PRO B 44 27.78 2.42 -6.12
C PRO B 44 29.06 1.60 -6.22
N LEU B 45 29.24 0.88 -7.32
CA LEU B 45 30.48 0.15 -7.54
C LEU B 45 31.64 1.13 -7.54
N LEU B 46 31.49 2.20 -8.31
CA LEU B 46 32.49 3.27 -8.38
C LEU B 46 32.75 3.91 -7.01
N ALA B 47 31.69 4.17 -6.26
CA ALA B 47 31.81 4.75 -4.94
C ALA B 47 32.60 3.85 -3.98
N GLN B 48 32.24 2.57 -3.97
CA GLN B 48 32.90 1.58 -3.11
C GLN B 48 34.35 1.36 -3.54
N VAL B 49 34.62 1.56 -4.82
CA VAL B 49 35.99 1.56 -5.32
C VAL B 49 36.74 2.74 -4.72
N ALA B 50 36.11 3.91 -4.76
CA ALA B 50 36.68 5.11 -4.15
C ALA B 50 36.97 4.91 -2.67
N ARG B 51 36.18 4.06 -2.02
CA ARG B 51 36.44 3.67 -0.64
C ARG B 51 37.61 2.70 -0.51
N ARG B 52 37.68 1.71 -1.41
CA ARG B 52 38.70 0.67 -1.33
C ARG B 52 40.09 1.22 -1.61
N ALA B 53 40.15 2.25 -2.45
CA ALA B 53 41.41 2.89 -2.79
C ALA B 53 42.07 3.54 -1.58
N GLY B 54 41.26 3.89 -0.59
CA GLY B 54 41.75 4.59 0.59
C GLY B 54 42.03 6.04 0.30
N GLY B 55 42.18 6.84 1.35
CA GLY B 55 42.44 8.26 1.17
C GLY B 55 41.22 9.02 0.70
N VAL B 56 41.41 10.31 0.41
CA VAL B 56 40.30 11.19 0.04
C VAL B 56 39.96 11.14 -1.44
N THR B 57 39.21 10.12 -1.83
CA THR B 57 38.73 9.98 -3.20
C THR B 57 37.23 9.72 -3.19
N VAL B 58 36.52 10.36 -4.12
CA VAL B 58 35.07 10.19 -4.24
C VAL B 58 34.74 9.81 -5.67
N ARG B 59 33.46 9.62 -5.96
CA ARG B 59 33.03 9.36 -7.33
C ARG B 59 32.72 10.66 -8.07
N MET B 60 33.20 10.76 -9.30
CA MET B 60 32.91 11.90 -10.16
C MET B 60 32.57 11.42 -11.56
N GLY B 61 31.27 11.45 -11.88
CA GLY B 61 30.80 11.03 -13.18
C GLY B 61 31.18 9.61 -13.53
N ASP B 62 32.02 9.47 -14.54
CA ASP B 62 32.47 8.16 -15.00
C ASP B 62 33.66 7.65 -14.23
N GLY B 63 34.38 8.57 -13.59
CA GLY B 63 35.57 8.21 -12.85
C GLY B 63 35.49 8.55 -11.39
N LEU B 64 36.66 8.80 -10.81
CA LEU B 64 36.77 9.18 -9.40
C LEU B 64 37.52 10.50 -9.35
N ALA B 65 37.24 11.31 -8.32
CA ALA B 65 38.01 12.53 -8.09
C ALA B 65 38.83 12.36 -6.81
N SER B 66 40.06 12.84 -6.79
CA SER B 66 40.91 12.63 -5.62
C SER B 66 41.63 13.88 -5.12
N TRP B 67 41.81 13.95 -3.80
CA TRP B 67 42.58 15.02 -3.19
C TRP B 67 43.87 14.45 -2.62
N SER B 68 43.93 13.13 -2.55
CA SER B 68 45.14 12.44 -2.19
C SER B 68 45.86 12.10 -3.49
N PRO B 69 47.19 12.20 -3.49
CA PRO B 69 47.95 11.81 -4.69
C PRO B 69 47.67 10.36 -5.03
N PRO B 70 47.44 10.06 -6.32
CA PRO B 70 47.11 8.69 -6.73
C PRO B 70 48.23 7.69 -6.45
N GLU B 71 49.42 8.17 -6.08
CA GLU B 71 50.53 7.30 -5.74
C GLU B 71 50.39 6.70 -4.34
N VAL B 72 49.70 7.40 -3.46
CA VAL B 72 49.43 6.87 -2.11
C VAL B 72 48.00 6.34 -1.98
N LEU B 73 47.52 5.74 -3.05
CA LEU B 73 46.24 5.02 -3.02
C LEU B 73 46.48 3.57 -3.42
N VAL B 74 45.61 2.69 -2.96
CA VAL B 74 45.60 1.33 -3.45
C VAL B 74 44.96 1.36 -4.83
N LEU B 75 45.73 1.73 -5.85
CA LEU B 75 45.22 1.90 -7.21
C LEU B 75 44.78 0.58 -7.83
N GLU B 76 45.42 -0.51 -7.43
CA GLU B 76 45.06 -1.84 -7.93
C GLU B 76 44.66 -2.75 -6.79
N GLY B 77 43.46 -3.33 -6.87
CA GLY B 77 42.99 -4.21 -5.81
C GLY B 77 41.71 -4.95 -6.13
N THR B 78 41.00 -5.37 -5.10
CA THR B 78 39.73 -6.08 -5.26
C THR B 78 38.70 -5.62 -4.25
N LEU B 79 37.44 -5.99 -4.51
CA LEU B 79 36.33 -5.74 -3.58
C LEU B 79 35.20 -6.73 -3.78
N ALA B 80 34.46 -7.00 -2.71
CA ALA B 80 33.31 -7.91 -2.76
C ALA B 80 32.00 -7.13 -2.68
N ARG B 81 31.15 -7.32 -3.68
CA ARG B 81 29.88 -6.60 -3.78
C ARG B 81 28.70 -7.50 -3.41
N GLN B 84 29.71 -10.88 -5.06
CA GLN B 84 30.65 -11.21 -6.13
C GLN B 84 32.00 -10.53 -5.95
N THR B 85 33.00 -11.00 -6.68
CA THR B 85 34.35 -10.44 -6.60
C THR B 85 34.65 -9.59 -7.83
N TYR B 86 35.08 -8.35 -7.59
CA TYR B 86 35.49 -7.48 -8.70
C TYR B 86 36.90 -6.92 -8.46
N ALA B 87 37.71 -6.92 -9.52
CA ALA B 87 39.07 -6.39 -9.46
C ALA B 87 39.10 -5.00 -10.07
N TYR B 88 39.60 -4.05 -9.31
CA TYR B 88 39.66 -2.66 -9.75
C TYR B 88 41.09 -2.20 -10.04
N ARG B 89 41.21 -1.29 -11.00
CA ARG B 89 42.47 -0.65 -11.35
C ARG B 89 42.19 0.79 -11.75
N LEU B 90 42.81 1.72 -11.05
CA LEU B 90 42.60 3.15 -11.31
C LEU B 90 43.74 3.72 -12.15
N TYR B 91 43.40 4.59 -13.08
CA TYR B 91 44.38 5.28 -13.91
C TYR B 91 44.25 6.78 -13.74
N PRO B 92 45.30 7.43 -13.21
CA PRO B 92 45.30 8.89 -13.09
C PRO B 92 45.22 9.57 -14.47
N LYS B 93 44.40 10.60 -14.60
CA LYS B 93 44.24 11.31 -15.87
C LYS B 93 44.35 12.82 -15.67
N GLY B 94 45.32 13.23 -14.86
CA GLY B 94 45.59 14.64 -14.64
C GLY B 94 44.57 15.32 -13.74
N ARG B 95 44.86 16.56 -13.35
CA ARG B 95 43.99 17.30 -12.46
C ARG B 95 43.01 18.19 -13.23
N ARG B 96 41.76 18.25 -12.75
CA ARG B 96 40.80 19.19 -13.32
C ARG B 96 40.32 20.20 -12.27
N PRO B 97 40.53 21.50 -12.54
CA PRO B 97 39.99 22.52 -11.65
C PRO B 97 38.47 22.49 -11.62
N LEU B 98 37.90 22.64 -10.43
CA LEU B 98 36.45 22.59 -10.26
C LEU B 98 35.90 23.94 -9.83
N ASP B 99 34.74 24.30 -10.38
CA ASP B 99 34.13 25.61 -10.14
C ASP B 99 33.15 25.55 -8.97
N PRO B 100 33.51 26.22 -7.86
CA PRO B 100 32.71 26.24 -6.62
C PRO B 100 31.31 26.80 -6.86
N LYS B 101 31.20 27.75 -7.77
CA LYS B 101 29.93 28.38 -8.10
C LYS B 101 29.02 27.43 -8.90
N ASP B 102 29.61 26.36 -9.43
CA ASP B 102 28.86 25.34 -10.13
C ASP B 102 28.37 24.31 -9.12
N PRO B 103 27.04 24.17 -8.98
CA PRO B 103 26.40 23.27 -8.01
C PRO B 103 26.82 21.80 -8.15
N GLY B 104 27.13 21.35 -9.36
CA GLY B 104 27.61 19.99 -9.56
C GLY B 104 29.05 19.82 -9.12
N GLU B 105 29.91 20.71 -9.61
CA GLU B 105 31.31 20.72 -9.22
C GLU B 105 31.43 21.00 -7.72
N ARG B 106 30.51 21.79 -7.19
CA ARG B 106 30.45 22.05 -5.75
C ARG B 106 29.97 20.81 -5.00
N SER B 107 29.09 20.03 -5.63
CA SER B 107 28.66 18.77 -5.05
C SER B 107 29.86 17.84 -4.89
N VAL B 108 30.65 17.72 -5.97
CA VAL B 108 31.86 16.91 -5.93
C VAL B 108 32.83 17.41 -4.85
N LEU B 109 33.06 18.73 -4.83
CA LEU B 109 33.93 19.33 -3.82
C LEU B 109 33.46 19.02 -2.40
N SER B 110 32.15 19.06 -2.18
CA SER B 110 31.58 18.77 -0.86
C SER B 110 31.75 17.31 -0.47
N ALA B 111 31.59 16.41 -1.44
CA ALA B 111 31.87 15.00 -1.20
C ALA B 111 33.33 14.82 -0.77
N LEU B 112 34.23 15.46 -1.50
CA LEU B 112 35.65 15.45 -1.17
C LEU B 112 35.89 15.98 0.24
N ALA B 113 35.15 17.03 0.62
CA ALA B 113 35.27 17.60 1.95
C ALA B 113 34.86 16.59 3.00
N ARG B 114 33.77 15.88 2.73
CA ARG B 114 33.26 14.88 3.67
C ARG B 114 34.28 13.76 3.88
N ARG B 115 34.75 13.18 2.78
CA ARG B 115 35.79 12.16 2.83
C ARG B 115 37.01 12.65 3.58
N LEU B 116 37.40 13.89 3.30
CA LEU B 116 38.55 14.52 3.96
C LEU B 116 38.37 14.48 5.47
N LEU B 117 37.25 15.04 5.93
CA LEU B 117 36.90 15.09 7.33
C LEU B 117 36.97 13.71 7.99
N GLN B 118 36.34 12.73 7.34
CA GLN B 118 36.27 11.36 7.88
C GLN B 118 37.64 10.70 7.98
N GLU B 119 38.37 10.72 6.87
CA GLU B 119 39.71 10.14 6.79
C GLU B 119 40.64 10.74 7.83
N ARG B 120 40.47 12.04 8.11
CA ARG B 120 41.27 12.67 9.15
C ARG B 120 40.76 12.33 10.56
N LEU B 121 39.47 12.04 10.66
CA LEU B 121 38.91 11.62 11.94
C LEU B 121 39.47 10.26 12.34
N ARG B 122 39.74 9.42 11.34
CA ARG B 122 40.33 8.11 11.59
C ARG B 122 41.66 8.18 12.35
N ARG B 123 42.51 9.13 11.96
CA ARG B 123 43.87 9.23 12.50
C ARG B 123 43.92 9.86 13.89
N LEU B 124 42.75 10.19 14.44
CA LEU B 124 42.67 10.73 15.79
C LEU B 124 42.74 9.61 16.82
N GLU B 125 43.53 9.82 17.88
CA GLU B 125 43.73 8.79 18.89
C GLU B 125 43.88 9.39 20.29
N GLY B 126 43.00 8.97 21.20
CA GLY B 126 41.99 7.98 20.90
C GLY B 126 40.58 8.46 21.10
N VAL B 127 39.77 8.37 20.04
CA VAL B 127 38.37 8.78 20.11
C VAL B 127 37.49 7.90 19.21
N TRP B 128 36.32 7.54 19.71
CA TRP B 128 35.36 6.76 18.94
C TRP B 128 34.88 7.56 17.73
N VAL B 129 34.86 6.93 16.56
CA VAL B 129 34.37 7.59 15.34
C VAL B 129 33.40 6.71 14.56
N GLU B 130 32.15 7.13 14.51
CA GLU B 130 31.11 6.44 13.72
C GLU B 130 30.76 7.26 12.48
N GLY B 131 31.60 7.16 11.45
CA GLY B 131 31.40 7.95 10.25
C GLY B 131 31.60 9.43 10.53
N LEU B 132 30.56 10.22 10.29
CA LEU B 132 30.61 11.67 10.53
C LEU B 132 30.27 12.02 11.98
N ALA B 133 30.48 11.08 12.89
CA ALA B 133 30.24 11.30 14.30
C ALA B 133 31.53 11.08 15.09
N VAL B 134 31.75 11.92 16.09
CA VAL B 134 32.95 11.85 16.91
C VAL B 134 32.56 11.85 18.37
N TYR B 135 33.08 10.90 19.13
CA TYR B 135 32.76 10.81 20.55
C TYR B 135 34.03 10.90 21.39
N ARG B 136 34.35 12.14 21.77
CA ARG B 136 35.63 12.46 22.41
C ARG B 136 35.73 12.02 23.88
N ARG B 137 34.59 11.90 24.55
CA ARG B 137 34.59 11.57 25.98
C ARG B 137 33.61 10.45 26.31
N GLU B 138 33.79 9.84 27.48
CA GLU B 138 32.85 8.87 28.02
C GLU B 138 31.99 9.52 29.09
N HIS B 139 30.68 9.52 28.88
CA HIS B 139 29.75 10.20 29.79
C HIS B 139 29.22 9.28 30.88
N ALA B 140 28.72 8.12 30.47
CA ALA B 140 28.16 7.16 31.42
C ALA B 140 28.74 5.76 31.24
N ARG B 141 28.76 4.99 32.31
CA ARG B 141 29.25 3.62 32.28
C ARG B 141 28.36 2.72 33.14
N GLY B 142 27.27 2.22 32.56
CA GLY B 142 26.34 1.39 33.30
C GLY B 142 26.84 -0.02 33.53
N PRO B 143 25.93 -0.92 33.89
CA PRO B 143 26.28 -2.31 34.14
C PRO B 143 26.48 -3.07 32.83
N GLY B 144 27.65 -2.88 32.22
CA GLY B 144 27.96 -3.54 30.96
C GLY B 144 27.60 -2.69 29.75
N TRP B 145 26.94 -1.57 29.98
CA TRP B 145 26.59 -0.65 28.91
C TRP B 145 27.21 0.72 29.15
N ARG B 146 27.54 1.43 28.08
CA ARG B 146 28.15 2.75 28.24
C ARG B 146 27.62 3.80 27.27
N VAL B 147 27.53 5.03 27.75
CA VAL B 147 27.06 6.15 26.95
C VAL B 147 28.22 7.11 26.69
N LEU B 148 28.49 7.37 25.42
CA LEU B 148 29.57 8.27 25.04
C LEU B 148 29.03 9.63 24.61
N GLY B 149 29.74 10.68 24.97
CA GLY B 149 29.39 12.01 24.53
C GLY B 149 30.31 12.44 23.41
N GLY B 150 29.84 13.35 22.56
CA GLY B 150 30.65 13.87 21.48
C GLY B 150 29.83 14.75 20.56
N ALA B 151 30.06 14.64 19.26
CA ALA B 151 29.32 15.46 18.30
C ALA B 151 29.14 14.80 16.94
N VAL B 152 28.11 15.25 16.24
CA VAL B 152 27.86 14.88 14.85
C VAL B 152 28.36 16.03 13.98
N LEU B 153 29.13 15.70 12.95
CA LEU B 153 29.79 16.72 12.13
C LEU B 153 29.39 16.62 10.67
N ASP B 154 29.70 17.68 9.93
CA ASP B 154 29.60 17.69 8.48
C ASP B 154 30.56 18.71 7.92
N LEU B 155 31.15 18.40 6.76
CA LEU B 155 32.13 19.27 6.14
C LEU B 155 31.76 19.44 4.69
N TRP B 156 31.42 20.67 4.28
CA TRP B 156 31.09 20.89 2.88
C TRP B 156 31.75 22.15 2.33
N VAL B 157 31.58 22.42 1.04
CA VAL B 157 32.20 23.59 0.43
C VAL B 157 31.17 24.68 0.11
N SER B 158 31.45 25.89 0.56
CA SER B 158 30.53 27.02 0.35
C SER B 158 30.58 27.51 -1.09
N ASP B 159 30.06 28.71 -1.30
CA ASP B 159 30.08 29.37 -2.60
C ASP B 159 31.37 30.16 -2.74
N SER B 160 31.77 30.81 -1.64
CA SER B 160 32.98 31.63 -1.62
C SER B 160 34.25 30.80 -1.73
N GLY B 161 34.09 29.50 -1.93
CA GLY B 161 35.22 28.59 -2.04
C GLY B 161 35.89 28.35 -0.70
N ALA B 162 35.09 28.01 0.31
CA ALA B 162 35.61 27.77 1.64
C ALA B 162 35.02 26.52 2.31
N PHE B 163 35.64 26.12 3.42
CA PHE B 163 35.16 24.97 4.18
C PHE B 163 34.11 25.41 5.19
N LEU B 164 32.94 24.79 5.11
CA LEU B 164 31.89 25.01 6.09
C LEU B 164 31.78 23.80 7.00
N LEU B 165 31.90 24.07 8.30
CA LEU B 165 31.81 23.02 9.31
C LEU B 165 30.45 23.11 9.99
N GLU B 166 29.81 21.96 10.15
CA GLU B 166 28.56 21.88 10.90
C GLU B 166 28.75 20.94 12.07
N VAL B 167 28.50 21.43 13.29
CA VAL B 167 28.75 20.65 14.49
C VAL B 167 27.52 20.62 15.40
N ASP B 168 27.19 19.46 15.94
CA ASP B 168 26.11 19.37 16.92
C ASP B 168 26.33 18.28 17.96
N PRO B 169 26.43 18.67 19.25
CA PRO B 169 26.63 17.76 20.37
C PRO B 169 25.65 16.59 20.37
N ALA B 170 26.19 15.37 20.28
CA ALA B 170 25.36 14.17 20.27
C ALA B 170 25.91 13.12 21.22
N TYR B 171 25.08 12.12 21.52
CA TYR B 171 25.48 11.01 22.38
C TYR B 171 25.34 9.67 21.65
N ARG B 172 25.91 8.63 22.24
CA ARG B 172 25.81 7.29 21.67
C ARG B 172 25.64 6.25 22.77
N ILE B 173 24.72 5.31 22.56
CA ILE B 173 24.51 4.22 23.50
C ILE B 173 25.15 2.94 22.98
N LEU B 174 26.18 2.46 23.67
CA LEU B 174 26.93 1.30 23.22
C LEU B 174 26.87 0.14 24.21
N CYS B 175 26.55 -1.04 23.70
CA CYS B 175 26.61 -2.26 24.48
C CYS B 175 27.96 -2.91 24.24
N GLU B 176 28.56 -3.44 25.29
CA GLU B 176 29.87 -4.08 25.17
C GLU B 176 29.79 -5.57 25.50
N MET B 177 28.57 -6.05 25.75
CA MET B 177 28.34 -7.45 26.05
C MET B 177 27.32 -8.08 25.13
N SER B 178 27.49 -9.37 24.84
CA SER B 178 26.52 -10.12 24.06
C SER B 178 25.26 -10.36 24.90
N LEU B 179 24.27 -11.02 24.31
CA LEU B 179 23.03 -11.32 25.04
C LEU B 179 23.29 -12.31 26.17
N GLU B 180 24.31 -13.15 26.00
CA GLU B 180 24.70 -14.12 27.01
C GLU B 180 25.16 -13.43 28.29
N ALA B 181 26.10 -12.50 28.15
CA ALA B 181 26.59 -11.74 29.29
C ALA B 181 25.50 -10.82 29.84
N TRP B 182 24.73 -10.21 28.94
CA TRP B 182 23.67 -9.28 29.32
C TRP B 182 22.59 -9.93 30.18
N LEU B 183 22.11 -11.09 29.76
CA LEU B 183 21.10 -11.82 30.51
C LEU B 183 21.66 -12.38 31.81
N ALA B 184 22.98 -12.39 31.92
CA ALA B 184 23.67 -12.88 33.11
C ALA B 184 23.96 -11.77 34.12
N GLN B 185 23.17 -10.70 34.07
CA GLN B 185 23.33 -9.60 35.02
C GLN B 185 21.99 -9.24 35.68
N GLY B 186 20.93 -9.90 35.26
CA GLY B 186 19.61 -9.64 35.81
C GLY B 186 18.85 -8.60 35.00
N HIS B 187 19.52 -7.99 34.04
CA HIS B 187 18.90 -7.04 33.13
C HIS B 187 17.74 -7.71 32.40
N PRO B 188 16.68 -6.96 32.10
CA PRO B 188 15.51 -7.53 31.42
C PRO B 188 15.82 -7.90 29.96
N LEU B 189 14.79 -8.26 29.20
CA LEU B 189 14.97 -8.64 27.81
C LEU B 189 14.76 -7.46 26.86
N PRO B 190 15.84 -7.01 26.21
CA PRO B 190 15.77 -5.93 25.21
C PRO B 190 14.78 -6.27 24.12
N LYS B 191 14.01 -5.30 23.67
CA LYS B 191 12.98 -5.55 22.65
C LYS B 191 13.61 -6.01 21.33
N ARG B 192 14.62 -5.26 20.87
CA ARG B 192 15.30 -5.57 19.63
C ARG B 192 16.75 -5.98 19.91
N VAL B 193 17.32 -6.78 19.02
CA VAL B 193 18.71 -7.24 19.20
C VAL B 193 19.44 -7.45 17.88
N ARG B 194 20.59 -6.81 17.74
CA ARG B 194 21.40 -6.91 16.53
C ARG B 194 22.23 -8.19 16.54
N ASN B 195 22.74 -8.57 15.37
CA ASN B 195 23.62 -9.73 15.27
C ASN B 195 25.08 -9.38 15.58
N ALA B 196 25.80 -10.34 16.15
CA ALA B 196 27.21 -10.14 16.48
C ALA B 196 28.10 -10.29 15.26
N TYR B 197 27.50 -10.73 14.15
CA TYR B 197 28.26 -10.97 12.92
C TYR B 197 27.86 -10.08 11.74
N ASP B 198 26.86 -9.22 11.94
CA ASP B 198 26.50 -8.25 10.92
C ASP B 198 25.78 -7.01 11.48
N ARG B 199 24.83 -6.47 10.71
CA ARG B 199 24.15 -5.23 11.06
C ARG B 199 22.64 -5.43 11.14
N ARG B 200 22.18 -6.64 10.85
CA ARG B 200 20.75 -6.93 10.86
C ARG B 200 20.21 -7.03 12.28
N THR B 201 19.03 -6.47 12.49
CA THR B 201 18.40 -6.46 13.81
C THR B 201 17.17 -7.36 13.85
N TRP B 202 16.91 -7.96 15.01
CA TRP B 202 15.81 -8.89 15.19
C TRP B 202 14.84 -8.41 16.26
N GLU B 203 13.55 -8.55 16.01
CA GLU B 203 12.56 -8.29 17.04
C GLU B 203 12.52 -9.50 17.97
N LEU B 204 13.27 -9.42 19.07
CA LEU B 204 13.29 -10.48 20.07
C LEU B 204 11.90 -10.70 20.65
N LEU B 205 11.39 -11.92 20.51
CA LEU B 205 10.04 -12.24 20.95
C LEU B 205 10.03 -12.90 22.34
N ARG B 206 10.59 -14.09 22.43
CA ARG B 206 10.56 -14.84 23.68
C ARG B 206 11.93 -15.37 24.07
N LEU B 207 11.97 -16.63 24.49
CA LEU B 207 13.21 -17.29 24.90
C LEU B 207 13.00 -18.81 25.01
N GLU B 210 14.61 -25.03 24.79
CA GLU B 210 15.06 -25.85 23.67
C GLU B 210 16.59 -26.01 23.67
N ASP B 211 17.11 -26.69 22.66
CA ASP B 211 18.53 -26.97 22.57
C ASP B 211 19.09 -26.66 21.18
N PRO B 212 20.29 -26.05 21.11
CA PRO B 212 20.96 -25.69 19.86
C PRO B 212 21.11 -26.86 18.90
N LYS B 213 21.79 -27.92 19.32
CA LYS B 213 22.07 -29.06 18.46
C LYS B 213 20.83 -29.92 18.16
N GLU B 214 19.73 -29.64 18.84
CA GLU B 214 18.51 -30.42 18.67
C GLU B 214 17.39 -29.63 18.01
N LEU B 215 17.73 -28.46 17.48
CA LEU B 215 16.75 -27.60 16.81
C LEU B 215 16.85 -27.71 15.29
N PRO B 216 15.94 -28.48 14.67
CA PRO B 216 15.96 -28.75 13.22
C PRO B 216 15.60 -27.52 12.39
N LEU B 217 16.61 -26.88 11.80
CA LEU B 217 16.38 -25.70 10.99
C LEU B 217 15.69 -26.05 9.67
N PRO B 218 15.04 -25.06 9.04
CA PRO B 218 14.38 -25.31 7.76
C PRO B 218 15.40 -25.69 6.67
N GLY B 219 15.63 -26.98 6.51
CA GLY B 219 16.58 -27.47 5.53
C GLY B 219 17.01 -28.89 5.81
N GLY B 220 17.52 -29.12 7.01
CA GLY B 220 18.01 -30.43 7.41
C GLY B 220 19.01 -30.30 8.53
N LEU B 221 19.68 -29.14 8.58
CA LEU B 221 20.66 -28.85 9.61
C LEU B 221 20.00 -28.56 10.95
N SER B 222 20.82 -28.44 11.98
CA SER B 222 20.38 -27.94 13.27
C SER B 222 20.84 -26.49 13.41
N LEU B 223 20.61 -25.89 14.57
CA LEU B 223 21.01 -24.50 14.80
C LEU B 223 22.52 -24.41 15.00
N LEU B 224 23.01 -25.18 15.97
CA LEU B 224 24.42 -25.21 16.34
C LEU B 224 25.36 -25.45 15.17
N ASP B 225 25.14 -26.53 14.43
CA ASP B 225 26.02 -26.89 13.32
C ASP B 225 25.90 -25.91 12.16
N TYR B 226 24.71 -25.33 11.97
CA TYR B 226 24.52 -24.28 10.98
C TYR B 226 25.43 -23.11 11.29
N HIS B 227 25.21 -22.49 12.45
CA HIS B 227 25.99 -21.32 12.85
C HIS B 227 27.49 -21.62 12.95
N ALA B 228 27.83 -22.85 13.28
CA ALA B 228 29.23 -23.27 13.33
C ALA B 228 29.82 -23.33 11.92
N SER B 229 28.99 -23.75 10.97
CA SER B 229 29.44 -23.96 9.59
C SER B 229 29.83 -22.66 8.86
N LYS B 230 29.31 -21.53 9.34
CA LYS B 230 29.60 -20.25 8.71
C LYS B 230 30.75 -19.49 9.40
N GLY B 231 31.38 -20.14 10.37
CA GLY B 231 32.50 -19.55 11.08
C GLY B 231 32.08 -18.58 12.18
N ARG B 232 30.77 -18.46 12.38
CA ARG B 232 30.22 -17.55 13.36
C ARG B 232 30.42 -18.04 14.79
N LEU B 233 30.77 -19.32 14.92
CA LEU B 233 31.06 -19.90 16.23
C LEU B 233 32.57 -20.01 16.45
N GLN B 234 33.34 -19.37 15.58
CA GLN B 234 34.79 -19.34 15.70
C GLN B 234 35.24 -18.13 16.51
N GLY B 235 35.80 -18.39 17.68
CA GLY B 235 36.26 -17.33 18.56
C GLY B 235 35.31 -17.03 19.69
N ARG B 236 34.07 -17.49 19.57
CA ARG B 236 33.06 -17.20 20.60
C ARG B 236 32.15 -18.38 20.94
N GLU B 237 31.33 -18.20 21.97
CA GLU B 237 30.46 -19.25 22.48
C GLU B 237 29.08 -19.23 21.81
N GLY B 238 28.17 -20.04 22.31
CA GLY B 238 26.82 -20.10 21.79
C GLY B 238 25.80 -19.64 22.82
N GLY B 239 25.43 -20.52 23.74
CA GLY B 239 24.52 -20.16 24.81
C GLY B 239 23.16 -20.82 24.70
N ARG B 240 22.11 -20.04 24.94
CA ARG B 240 20.74 -20.56 24.92
C ARG B 240 20.08 -20.42 23.56
N VAL B 241 18.75 -20.59 23.53
CA VAL B 241 18.00 -20.53 22.29
C VAL B 241 17.03 -19.35 22.26
N ALA B 242 17.55 -18.16 22.00
CA ALA B 242 16.72 -16.97 21.90
C ALA B 242 15.76 -17.07 20.71
N TRP B 243 14.50 -16.76 20.95
CA TRP B 243 13.50 -16.77 19.90
C TRP B 243 13.16 -15.36 19.41
N VAL B 244 13.82 -14.96 18.32
CA VAL B 244 13.65 -13.62 17.76
C VAL B 244 12.72 -13.65 16.55
N ALA B 245 12.59 -12.50 15.89
CA ALA B 245 11.77 -12.39 14.69
C ALA B 245 12.09 -11.10 13.94
N ARG B 251 5.28 -11.86 11.58
CA ARG B 251 4.52 -12.79 12.40
C ARG B 251 5.07 -14.21 12.29
N LYS B 252 6.37 -14.36 12.50
CA LYS B 252 7.02 -15.66 12.47
C LYS B 252 8.27 -15.68 13.35
N PRO B 253 8.23 -16.46 14.43
CA PRO B 253 9.39 -16.62 15.31
C PRO B 253 10.56 -17.28 14.57
N ILE B 254 11.79 -16.95 14.98
CA ILE B 254 12.99 -17.54 14.39
C ILE B 254 14.01 -17.87 15.47
N PRO B 255 14.47 -19.14 15.51
CA PRO B 255 15.46 -19.58 16.49
C PRO B 255 16.82 -18.94 16.26
N HIS B 256 17.53 -18.62 17.34
CA HIS B 256 18.85 -18.00 17.27
C HIS B 256 19.59 -18.30 18.57
N LEU B 257 20.91 -18.08 18.56
CA LEU B 257 21.73 -18.30 19.74
C LEU B 257 21.99 -16.99 20.50
N THR B 258 22.13 -17.10 21.81
CA THR B 258 22.30 -15.91 22.67
C THR B 258 23.67 -15.24 22.52
N GLY B 259 24.73 -16.04 22.54
CA GLY B 259 26.08 -15.53 22.43
C GLY B 259 26.44 -15.04 21.04
N LEU B 260 25.51 -15.18 20.11
CA LEU B 260 25.69 -14.68 18.76
C LEU B 260 24.89 -13.40 18.55
N LEU B 261 24.32 -12.90 19.64
CA LEU B 261 23.49 -11.70 19.58
C LEU B 261 24.07 -10.58 20.45
N VAL B 262 23.82 -9.34 20.04
CA VAL B 262 24.22 -8.17 20.81
C VAL B 262 23.05 -7.20 20.82
N PRO B 263 22.50 -6.92 22.02
CA PRO B 263 21.25 -6.16 22.15
C PRO B 263 21.43 -4.70 21.74
N VAL B 264 20.40 -4.11 21.15
CA VAL B 264 20.44 -2.69 20.83
C VAL B 264 19.75 -1.89 21.94
N LEU B 265 20.57 -1.17 22.71
CA LEU B 265 20.09 -0.48 23.89
C LEU B 265 19.40 0.83 23.58
N THR B 266 18.22 1.02 24.17
CA THR B 266 17.53 2.28 24.11
C THR B 266 17.49 2.89 25.51
N LEU B 267 16.71 3.94 25.69
CA LEU B 267 16.53 4.52 27.02
C LEU B 267 15.76 3.55 27.90
N GLU B 268 14.86 2.79 27.29
CA GLU B 268 13.99 1.84 27.98
C GLU B 268 14.77 0.86 28.85
N ASP B 269 16.00 0.55 28.44
CA ASP B 269 16.86 -0.34 29.19
C ASP B 269 17.62 0.42 30.27
N LEU B 270 17.09 1.59 30.66
CA LEU B 270 17.72 2.42 31.68
C LEU B 270 16.68 3.21 32.47
N SER B 276 18.07 8.09 36.24
CA SER B 276 17.52 8.95 35.20
C SER B 276 18.58 9.85 34.58
N LEU B 277 18.75 9.74 33.26
CA LEU B 277 19.77 10.52 32.56
C LEU B 277 19.16 11.57 31.63
N ALA B 278 19.71 12.77 31.66
CA ALA B 278 19.31 13.83 30.74
C ALA B 278 20.33 13.96 29.61
N LEU B 279 19.98 13.39 28.46
CA LEU B 279 20.85 13.45 27.28
C LEU B 279 20.59 14.71 26.49
N SER B 280 19.53 15.42 26.85
CA SER B 280 19.25 16.73 26.28
C SER B 280 20.09 17.78 26.98
N LEU B 281 20.27 18.94 26.33
CA LEU B 281 21.08 20.01 26.89
C LEU B 281 20.33 21.33 26.89
N PRO B 282 20.45 22.11 27.98
CA PRO B 282 20.03 23.51 27.96
C PRO B 282 20.76 24.21 26.83
N TRP B 283 20.15 25.20 26.20
CA TRP B 283 20.73 25.81 25.00
C TRP B 283 22.11 26.43 25.22
N GLU B 284 22.36 26.98 26.42
CA GLU B 284 23.65 27.57 26.74
C GLU B 284 24.77 26.54 26.63
N GLU B 285 24.61 25.42 27.32
CA GLU B 285 25.63 24.38 27.36
C GLU B 285 25.90 23.78 25.98
N ARG B 286 24.85 23.64 25.18
CA ARG B 286 25.00 23.12 23.82
C ARG B 286 25.72 24.14 22.93
N ARG B 287 25.41 25.41 23.12
CA ARG B 287 26.10 26.47 22.38
C ARG B 287 27.59 26.40 22.67
N ARG B 288 27.91 26.39 23.97
CA ARG B 288 29.28 26.33 24.47
C ARG B 288 30.01 25.11 23.90
N ARG B 289 29.42 23.94 24.09
CA ARG B 289 29.99 22.68 23.60
C ARG B 289 30.20 22.68 22.08
N THR B 290 29.23 23.22 21.34
CA THR B 290 29.34 23.34 19.89
C THR B 290 30.56 24.17 19.51
N ARG B 291 30.71 25.33 20.15
CA ARG B 291 31.87 26.19 19.91
C ARG B 291 33.18 25.46 20.20
N GLU B 292 33.28 24.89 21.39
CA GLU B 292 34.47 24.15 21.81
C GLU B 292 34.85 23.09 20.80
N ILE B 293 33.94 22.15 20.57
CA ILE B 293 34.17 21.05 19.63
C ILE B 293 34.53 21.56 18.23
N ALA B 294 33.90 22.65 17.80
CA ALA B 294 34.23 23.27 16.52
C ALA B 294 35.70 23.69 16.45
N SER B 295 36.14 24.49 17.43
CA SER B 295 37.53 24.93 17.46
C SER B 295 38.50 23.74 17.56
N TRP B 296 38.11 22.71 18.31
CA TRP B 296 38.93 21.52 18.44
C TRP B 296 39.11 20.81 17.10
N ILE B 297 38.01 20.51 16.43
CA ILE B 297 38.04 19.87 15.13
C ILE B 297 38.85 20.69 14.14
N GLY B 298 38.70 22.00 14.18
CA GLY B 298 39.44 22.87 13.26
C GLY B 298 40.95 22.88 13.53
N ARG B 299 41.34 22.88 14.80
CA ARG B 299 42.76 22.89 15.16
C ARG B 299 43.46 21.57 14.84
N ARG B 300 42.93 20.48 15.37
CA ARG B 300 43.56 19.16 15.27
C ARG B 300 43.55 18.54 13.88
N LEU B 301 42.84 19.17 12.94
CA LEU B 301 42.71 18.62 11.60
C LEU B 301 43.29 19.53 10.52
N GLY B 302 43.96 20.60 10.94
CA GLY B 302 44.56 21.54 10.01
C GLY B 302 43.55 22.13 9.04
N LEU B 303 42.40 22.53 9.56
CA LEU B 303 41.31 23.03 8.73
C LEU B 303 41.07 24.52 8.90
N GLY B 304 41.75 25.12 9.87
CA GLY B 304 41.69 26.55 10.07
C GLY B 304 41.13 26.97 11.41
N THR B 305 40.60 28.20 11.45
CA THR B 305 39.98 28.72 12.66
C THR B 305 38.48 28.91 12.45
N PRO B 306 37.68 28.42 13.40
CA PRO B 306 36.22 28.41 13.26
C PRO B 306 35.62 29.80 13.32
N GLU B 307 35.04 30.24 12.20
CA GLU B 307 34.35 31.52 12.17
C GLU B 307 32.85 31.26 12.11
N ALA B 308 32.22 31.25 13.28
CA ALA B 308 30.78 31.04 13.38
C ALA B 308 30.02 31.94 12.42
N VAL B 309 29.27 31.33 11.51
CA VAL B 309 28.48 32.10 10.56
C VAL B 309 27.32 32.78 11.31
N ARG B 310 27.07 34.04 10.96
CA ARG B 310 26.06 34.81 11.68
C ARG B 310 24.98 35.29 10.74
N ALA B 311 23.85 35.68 11.32
CA ALA B 311 22.73 36.18 10.55
C ALA B 311 21.89 37.12 11.40
N GLN B 312 21.18 38.03 10.73
CA GLN B 312 20.25 38.89 11.42
C GLN B 312 18.97 38.11 11.68
N ALA B 313 18.50 38.13 12.93
CA ALA B 313 17.28 37.44 13.31
C ALA B 313 16.27 38.44 13.87
N TYR B 314 15.03 38.32 13.39
CA TYR B 314 13.98 39.26 13.77
C TYR B 314 12.97 38.63 14.73
N ARG B 315 12.58 39.38 15.76
CA ARG B 315 11.52 38.93 16.65
C ARG B 315 10.16 39.16 16.01
N LEU B 316 9.32 38.13 16.00
CA LEU B 316 7.98 38.23 15.43
C LEU B 316 6.94 38.69 16.47
N SER B 317 5.81 39.20 15.98
CA SER B 317 4.75 39.70 16.83
C SER B 317 4.13 38.60 17.68
N ILE B 318 3.71 38.96 18.89
CA ILE B 318 3.06 38.01 19.78
C ILE B 318 1.66 37.66 19.28
N PRO B 319 1.38 36.37 19.11
CA PRO B 319 0.08 35.92 18.61
C PRO B 319 -1.03 36.20 19.62
N LYS B 320 -2.21 36.55 19.13
CA LYS B 320 -3.34 36.76 20.01
C LYS B 320 -4.25 35.56 20.02
N LEU B 321 -4.00 34.64 20.94
CA LEU B 321 -4.90 33.51 21.15
C LEU B 321 -6.19 34.02 21.75
N MET B 322 -7.29 33.36 21.42
CA MET B 322 -8.60 33.81 21.85
C MET B 322 -9.57 32.64 22.01
N GLY B 323 -10.21 32.57 23.17
CA GLY B 323 -11.34 31.67 23.37
C GLY B 323 -12.59 32.52 23.23
N ARG B 324 -13.45 32.51 24.25
CA ARG B 324 -14.52 33.49 24.33
C ARG B 324 -13.89 34.88 24.50
N ARG B 325 -12.74 34.90 25.16
CA ARG B 325 -11.89 36.09 25.21
C ARG B 325 -10.41 35.68 25.25
N ALA B 326 -9.52 36.66 25.42
CA ALA B 326 -8.08 36.41 25.38
C ALA B 326 -7.62 35.29 26.33
N VAL B 327 -6.76 34.42 25.81
CA VAL B 327 -6.17 33.34 26.60
C VAL B 327 -4.67 33.28 26.33
N SER B 328 -3.94 32.62 27.22
CA SER B 328 -2.50 32.44 27.04
C SER B 328 -2.18 31.02 26.58
N LYS B 329 -3.12 30.12 26.86
CA LYS B 329 -3.01 28.71 26.47
C LYS B 329 -4.42 28.15 26.26
N PRO B 330 -4.56 27.15 25.36
CA PRO B 330 -5.89 26.60 25.05
C PRO B 330 -6.62 26.05 26.26
N ALA B 331 -5.88 25.68 27.31
CA ALA B 331 -6.50 25.14 28.52
C ALA B 331 -7.34 26.18 29.25
N ASP B 332 -7.03 27.45 29.02
CA ASP B 332 -7.75 28.55 29.67
C ASP B 332 -9.14 28.77 29.06
N ALA B 333 -9.40 28.12 27.92
CA ALA B 333 -10.72 28.21 27.32
C ALA B 333 -11.76 27.46 28.16
N LEU B 334 -11.28 26.57 29.02
CA LEU B 334 -12.14 25.81 29.92
C LEU B 334 -12.68 26.67 31.07
N ARG B 335 -12.13 27.86 31.23
CA ARG B 335 -12.57 28.80 32.26
C ARG B 335 -13.14 30.06 31.63
N VAL B 336 -12.56 30.44 30.49
CA VAL B 336 -12.90 31.68 29.83
C VAL B 336 -14.04 31.49 28.84
N GLY B 337 -14.08 30.32 28.21
CA GLY B 337 -15.10 30.02 27.23
C GLY B 337 -14.48 29.71 25.88
N PHE B 338 -15.27 29.11 24.99
CA PHE B 338 -14.77 28.69 23.70
C PHE B 338 -14.97 29.75 22.64
N TYR B 339 -14.08 29.77 21.65
CA TYR B 339 -14.15 30.76 20.57
C TYR B 339 -15.47 30.65 19.82
N ARG B 340 -15.96 29.43 19.68
CA ARG B 340 -17.23 29.18 19.05
C ARG B 340 -17.75 27.83 19.50
N ALA B 341 -18.82 27.84 20.29
CA ALA B 341 -19.44 26.62 20.77
C ALA B 341 -20.94 26.68 20.56
N GLN B 342 -21.50 25.57 20.08
CA GLN B 342 -22.94 25.49 19.87
C GLN B 342 -23.57 24.58 20.92
N GLU B 343 -24.81 24.20 20.68
CA GLU B 343 -25.49 23.24 21.55
C GLU B 343 -24.89 21.86 21.28
N THR B 344 -24.18 21.30 22.26
CA THR B 344 -23.49 20.04 22.04
C THR B 344 -23.86 18.91 23.01
N ALA B 345 -23.73 17.68 22.53
CA ALA B 345 -24.02 16.49 23.32
C ALA B 345 -22.82 15.55 23.38
N LEU B 346 -22.32 15.31 24.58
CA LEU B 346 -21.16 14.44 24.77
C LEU B 346 -21.58 13.21 25.57
N ALA B 347 -21.02 12.05 25.24
CA ALA B 347 -21.39 10.83 25.98
C ALA B 347 -20.21 10.26 26.74
N LEU B 348 -20.49 9.52 27.81
CA LEU B 348 -19.44 8.86 28.59
C LEU B 348 -19.53 7.35 28.45
N LEU B 349 -18.37 6.71 28.29
CA LEU B 349 -18.30 5.25 28.27
C LEU B 349 -17.26 4.77 29.27
N ARG B 350 -17.74 4.15 30.34
CA ARG B 350 -16.85 3.60 31.36
C ARG B 350 -16.65 2.10 31.16
N LEU B 351 -15.40 1.70 30.98
CA LEU B 351 -15.07 0.29 30.77
C LEU B 351 -14.52 -0.34 32.05
N ASP B 352 -14.26 0.50 33.05
CA ASP B 352 -13.76 0.05 34.33
C ASP B 352 -14.93 -0.45 35.18
N GLY B 353 -16.13 -0.37 34.64
CA GLY B 353 -17.34 -0.74 35.36
C GLY B 353 -17.55 0.17 36.55
N ALA B 354 -18.23 1.29 36.32
CA ALA B 354 -18.52 2.24 37.40
C ALA B 354 -19.77 3.06 37.13
N GLN B 355 -19.82 4.17 37.81
CA GLN B 355 -20.96 4.98 37.66
C GLN B 355 -20.54 6.26 37.16
N GLY B 356 -21.21 6.61 36.14
CA GLY B 356 -21.20 7.95 35.59
C GLY B 356 -20.03 8.91 35.57
N TRP B 357 -20.33 10.17 35.32
CA TRP B 357 -19.30 11.19 35.26
C TRP B 357 -18.64 11.42 36.60
N PRO B 358 -17.29 11.39 36.62
CA PRO B 358 -16.58 11.97 37.76
C PRO B 358 -17.01 13.41 37.90
N GLU B 359 -17.55 13.79 39.07
CA GLU B 359 -18.20 15.08 39.25
C GLU B 359 -17.34 16.29 38.85
N PHE B 360 -16.03 16.22 39.08
CA PHE B 360 -15.15 17.32 38.71
C PHE B 360 -15.06 17.52 37.18
N LEU B 361 -15.23 16.44 36.44
CA LEU B 361 -15.29 16.53 34.99
C LEU B 361 -16.59 17.18 34.55
N ARG B 362 -17.69 16.80 35.20
CA ARG B 362 -19.00 17.34 34.88
C ARG B 362 -19.02 18.83 35.16
N ARG B 363 -18.44 19.22 36.29
CA ARG B 363 -18.39 20.62 36.67
C ARG B 363 -17.48 21.39 35.74
N ALA B 364 -16.34 20.81 35.40
CA ALA B 364 -15.43 21.45 34.45
C ALA B 364 -16.14 21.76 33.13
N LEU B 365 -16.80 20.76 32.57
CA LEU B 365 -17.53 20.93 31.31
C LEU B 365 -18.70 21.91 31.45
N LEU B 366 -19.35 21.90 32.60
CA LEU B 366 -20.49 22.78 32.83
C LEU B 366 -20.06 24.24 32.89
N ARG B 367 -18.97 24.51 33.60
CA ARG B 367 -18.41 25.85 33.68
C ARG B 367 -17.95 26.32 32.30
N ALA B 368 -17.20 25.44 31.62
CA ALA B 368 -16.75 25.70 30.26
C ALA B 368 -17.90 26.12 29.33
N PHE B 369 -18.94 25.30 29.26
CA PHE B 369 -20.05 25.60 28.37
C PHE B 369 -20.93 26.76 28.86
N GLY B 370 -20.93 26.97 30.16
CA GLY B 370 -21.72 28.05 30.76
C GLY B 370 -21.13 29.40 30.40
N ALA B 371 -19.81 29.49 30.45
CA ALA B 371 -19.12 30.71 30.05
C ALA B 371 -19.34 31.00 28.57
N SER B 372 -19.37 29.94 27.78
CA SER B 372 -19.49 30.08 26.32
C SER B 372 -20.91 30.41 25.89
N GLY B 373 -21.85 30.32 26.82
CA GLY B 373 -23.25 30.57 26.52
C GLY B 373 -23.85 29.48 25.64
N ALA B 374 -23.33 28.27 25.79
CA ALA B 374 -23.80 27.12 25.01
C ALA B 374 -24.37 26.02 25.90
N SER B 375 -25.41 25.36 25.40
CA SER B 375 -26.05 24.27 26.14
C SER B 375 -25.31 22.94 25.99
N LEU B 376 -25.08 22.27 27.11
CA LEU B 376 -24.33 21.02 27.15
C LEU B 376 -25.21 19.88 27.64
N ARG B 377 -25.29 18.82 26.85
CA ARG B 377 -26.07 17.63 27.23
C ARG B 377 -25.17 16.41 27.37
N LEU B 378 -25.06 15.89 28.59
CA LEU B 378 -24.16 14.77 28.89
C LEU B 378 -24.88 13.45 29.06
N HIS B 379 -24.64 12.52 28.14
CA HIS B 379 -25.23 11.18 28.24
C HIS B 379 -24.28 10.20 28.89
N THR B 380 -24.83 9.11 29.41
CA THR B 380 -24.04 7.97 29.88
C THR B 380 -24.39 6.72 29.07
N LEU B 381 -23.36 6.12 28.48
CA LEU B 381 -23.55 4.93 27.64
C LEU B 381 -23.68 3.68 28.49
N HIS B 382 -24.89 3.14 28.57
CA HIS B 382 -25.11 1.87 29.23
C HIS B 382 -24.84 0.75 28.24
N ALA B 383 -23.56 0.50 27.98
CA ALA B 383 -23.14 -0.54 27.05
C ALA B 383 -21.67 -0.87 27.25
N HIS B 384 -21.25 -1.96 26.63
CA HIS B 384 -19.88 -2.45 26.78
C HIS B 384 -19.53 -3.23 25.50
N PRO B 385 -18.25 -3.18 25.09
CA PRO B 385 -17.83 -3.88 23.88
C PRO B 385 -17.93 -5.41 23.96
N SER B 386 -18.17 -5.95 25.16
CA SER B 386 -18.32 -7.39 25.32
C SER B 386 -19.75 -7.86 25.02
N GLN B 387 -20.57 -6.96 24.50
CA GLN B 387 -21.95 -7.29 24.14
C GLN B 387 -22.04 -7.74 22.69
N GLY B 388 -20.99 -7.48 21.92
CA GLY B 388 -21.01 -7.79 20.51
C GLY B 388 -21.70 -6.70 19.73
N LEU B 389 -22.56 -7.09 18.80
CA LEU B 389 -23.23 -6.13 17.92
C LEU B 389 -24.18 -5.20 18.67
N ALA B 390 -24.65 -5.64 19.83
CA ALA B 390 -25.53 -4.82 20.65
C ALA B 390 -24.84 -3.53 21.06
N PHE B 391 -23.50 -3.58 21.14
CA PHE B 391 -22.70 -2.43 21.50
C PHE B 391 -22.69 -1.40 20.38
N ARG B 392 -22.53 -1.89 19.14
CA ARG B 392 -22.58 -1.02 17.97
C ARG B 392 -23.97 -0.44 17.85
N GLU B 393 -24.98 -1.22 18.24
CA GLU B 393 -26.35 -0.73 18.24
C GLU B 393 -26.53 0.40 19.24
N ALA B 394 -25.93 0.22 20.42
CA ALA B 394 -25.92 1.26 21.44
C ALA B 394 -25.29 2.54 20.89
N LEU B 395 -24.16 2.38 20.21
CA LEU B 395 -23.45 3.50 19.60
C LEU B 395 -24.29 4.19 18.54
N ARG B 396 -25.00 3.40 17.74
CA ARG B 396 -25.87 3.94 16.70
C ARG B 396 -26.96 4.80 17.32
N LYS B 397 -27.58 4.28 18.38
CA LYS B 397 -28.62 5.01 19.08
C LYS B 397 -28.08 6.31 19.68
N ALA B 398 -26.86 6.23 20.23
CA ALA B 398 -26.23 7.41 20.80
C ALA B 398 -26.03 8.48 19.73
N LYS B 399 -25.48 8.07 18.59
CA LYS B 399 -25.26 8.96 17.46
C LYS B 399 -26.56 9.60 16.99
N GLU B 400 -27.62 8.80 16.95
CA GLU B 400 -28.91 9.27 16.44
C GLU B 400 -29.57 10.29 17.37
N GLU B 401 -29.16 10.31 18.62
CA GLU B 401 -29.69 11.28 19.57
C GLU B 401 -28.76 12.49 19.71
N GLY B 402 -27.91 12.69 18.71
CA GLY B 402 -27.11 13.89 18.61
C GLY B 402 -25.80 13.92 19.38
N VAL B 403 -25.37 12.77 19.89
CA VAL B 403 -24.09 12.68 20.58
C VAL B 403 -22.94 12.91 19.59
N GLN B 404 -22.05 13.85 19.92
CA GLN B 404 -21.01 14.26 18.99
C GLN B 404 -19.68 13.55 19.21
N ALA B 405 -19.39 13.20 20.45
CA ALA B 405 -18.17 12.47 20.78
C ALA B 405 -18.30 11.75 22.11
N VAL B 406 -17.48 10.73 22.31
CA VAL B 406 -17.53 9.99 23.56
C VAL B 406 -16.20 9.98 24.30
N LEU B 407 -16.29 10.10 25.62
CA LEU B 407 -15.11 10.06 26.48
C LEU B 407 -15.04 8.67 27.10
N VAL B 408 -13.92 7.98 26.91
CA VAL B 408 -13.78 6.60 27.33
C VAL B 408 -12.90 6.49 28.57
N LEU B 409 -13.54 6.28 29.72
CA LEU B 409 -12.81 6.10 30.97
C LEU B 409 -12.37 4.63 31.10
N THR B 410 -11.07 4.39 31.03
CA THR B 410 -10.62 2.99 31.01
C THR B 410 -9.17 2.80 31.45
N PRO B 411 -8.88 1.67 32.12
CA PRO B 411 -7.49 1.31 32.42
C PRO B 411 -6.68 1.26 31.13
N PRO B 412 -5.36 1.43 31.22
CA PRO B 412 -4.46 1.37 30.06
C PRO B 412 -4.79 0.21 29.14
N MET B 413 -5.24 0.52 27.92
CA MET B 413 -5.58 -0.49 26.94
C MET B 413 -4.35 -0.86 26.14
N ALA B 414 -4.36 -2.06 25.54
CA ALA B 414 -3.31 -2.44 24.60
C ALA B 414 -3.59 -1.79 23.26
N TRP B 415 -2.54 -1.64 22.45
CA TRP B 415 -2.67 -1.02 21.13
C TRP B 415 -3.78 -1.65 20.29
N GLU B 416 -3.82 -2.98 20.30
CA GLU B 416 -4.82 -3.72 19.53
C GLU B 416 -6.23 -3.30 19.90
N ASP B 417 -6.57 -3.45 21.18
CA ASP B 417 -7.91 -3.18 21.67
C ASP B 417 -8.30 -1.71 21.58
N ARG B 418 -7.34 -0.84 21.88
CA ARG B 418 -7.53 0.61 21.73
C ARG B 418 -7.90 0.93 20.29
N ASN B 419 -7.12 0.41 19.35
CA ASN B 419 -7.39 0.60 17.93
C ASN B 419 -8.76 0.08 17.50
N ARG B 420 -9.06 -1.17 17.84
CA ARG B 420 -10.34 -1.77 17.53
C ARG B 420 -11.51 -0.94 18.06
N LEU B 421 -11.38 -0.47 19.29
CA LEU B 421 -12.43 0.33 19.94
C LEU B 421 -12.62 1.64 19.20
N LYS B 422 -11.50 2.33 18.98
CA LYS B 422 -11.49 3.60 18.23
C LYS B 422 -12.22 3.46 16.91
N ALA B 423 -11.78 2.51 16.09
CA ALA B 423 -12.35 2.29 14.77
C ALA B 423 -13.83 1.91 14.85
N LEU B 424 -14.18 1.10 15.83
CA LEU B 424 -15.56 0.67 16.03
C LEU B 424 -16.47 1.86 16.30
N LEU B 425 -16.09 2.72 17.25
CA LEU B 425 -16.86 3.93 17.53
C LEU B 425 -16.93 4.78 16.27
N LEU B 426 -15.80 4.88 15.58
CA LEU B 426 -15.65 5.70 14.39
C LEU B 426 -16.62 5.30 13.28
N ARG B 427 -16.89 3.99 13.19
CA ARG B 427 -17.81 3.48 12.16
C ARG B 427 -19.26 3.89 12.42
N GLU B 428 -19.55 4.40 13.61
CA GLU B 428 -20.86 4.96 13.89
C GLU B 428 -20.82 6.49 13.90
N GLY B 429 -19.67 7.04 13.51
CA GLY B 429 -19.53 8.48 13.38
C GLY B 429 -19.15 9.19 14.66
N LEU B 430 -18.71 8.43 15.65
CA LEU B 430 -18.39 8.98 16.96
C LEU B 430 -16.88 8.98 17.24
N PRO B 431 -16.25 10.16 17.24
CA PRO B 431 -14.86 10.25 17.72
C PRO B 431 -14.80 9.97 19.23
N SER B 432 -13.67 9.43 19.67
CA SER B 432 -13.52 9.05 21.07
C SER B 432 -12.24 9.61 21.68
N GLN B 433 -12.34 10.07 22.92
CA GLN B 433 -11.18 10.52 23.67
C GLN B 433 -10.95 9.59 24.85
N ILE B 434 -9.82 8.89 24.88
CA ILE B 434 -9.54 7.98 25.98
C ILE B 434 -8.92 8.71 27.19
N LEU B 435 -9.38 8.36 28.38
CA LEU B 435 -8.81 8.85 29.63
C LEU B 435 -8.59 7.67 30.56
N ASN B 436 -7.34 7.47 30.97
CA ASN B 436 -6.99 6.34 31.81
C ASN B 436 -7.51 6.46 33.24
N VAL B 437 -7.99 5.36 33.80
CA VAL B 437 -8.63 5.40 35.12
C VAL B 437 -7.86 4.73 36.26
N PRO B 438 -6.89 5.48 36.82
CA PRO B 438 -6.56 5.66 38.22
C PRO B 438 -6.48 7.17 38.35
N LEU B 439 -7.64 7.83 38.21
CA LEU B 439 -7.70 9.26 37.98
C LEU B 439 -8.04 10.11 39.20
N ARG B 440 -7.07 10.86 39.69
CA ARG B 440 -7.30 11.79 40.80
C ARG B 440 -7.52 13.20 40.24
N GLU B 441 -8.42 13.96 40.88
CA GLU B 441 -8.75 15.32 40.44
C GLU B 441 -7.53 16.24 40.44
N GLU B 442 -6.50 15.86 41.20
CA GLU B 442 -5.31 16.69 41.36
C GLU B 442 -4.41 16.65 40.14
N GLU B 443 -4.78 15.84 39.15
CA GLU B 443 -4.01 15.74 37.91
C GLU B 443 -4.66 16.59 36.81
N ARG B 444 -4.78 17.89 37.06
CA ARG B 444 -5.51 18.79 36.16
C ARG B 444 -5.02 18.80 34.72
N HIS B 445 -3.71 18.70 34.51
CA HIS B 445 -3.17 18.74 33.16
C HIS B 445 -3.67 17.60 32.29
N ARG B 446 -3.65 16.39 32.84
CA ARG B 446 -4.09 15.20 32.12
C ARG B 446 -5.56 15.27 31.71
N TRP B 447 -6.45 15.48 32.67
CA TRP B 447 -7.88 15.47 32.36
C TRP B 447 -8.37 16.75 31.67
N GLU B 448 -7.66 17.86 31.83
CA GLU B 448 -7.99 19.08 31.09
C GLU B 448 -7.56 18.93 29.64
N ASN B 449 -6.43 18.28 29.41
CA ASN B 449 -6.03 18.00 28.04
C ASN B 449 -6.98 16.99 27.40
N ALA B 450 -7.35 15.96 28.15
CA ALA B 450 -8.33 14.98 27.68
C ALA B 450 -9.65 15.68 27.36
N LEU B 451 -10.00 16.66 28.18
CA LEU B 451 -11.21 17.44 27.96
C LEU B 451 -11.11 18.23 26.67
N LEU B 452 -10.04 18.99 26.52
CA LEU B 452 -9.80 19.79 25.31
C LEU B 452 -9.85 18.94 24.06
N GLY B 453 -9.29 17.73 24.14
CA GLY B 453 -9.28 16.80 23.04
C GLY B 453 -10.69 16.31 22.72
N LEU B 454 -11.44 16.00 23.76
CA LEU B 454 -12.83 15.55 23.60
C LEU B 454 -13.64 16.63 22.89
N LEU B 455 -13.44 17.86 23.33
CA LEU B 455 -14.13 19.01 22.75
C LEU B 455 -13.73 19.24 21.30
N ALA B 456 -12.44 19.03 21.00
CA ALA B 456 -11.94 19.21 19.64
C ALA B 456 -12.46 18.11 18.72
N LYS B 457 -12.72 16.94 19.29
CA LYS B 457 -13.25 15.82 18.55
C LYS B 457 -14.76 15.94 18.37
N ALA B 458 -15.41 16.73 19.21
CA ALA B 458 -16.84 16.97 19.06
C ALA B 458 -17.14 17.98 17.95
N GLY B 459 -16.13 18.76 17.57
CA GLY B 459 -16.27 19.69 16.46
C GLY B 459 -16.32 21.15 16.86
N LEU B 460 -15.91 21.45 18.09
CA LEU B 460 -15.92 22.82 18.59
C LEU B 460 -14.65 23.54 18.20
N GLN B 461 -14.76 24.85 17.97
CA GLN B 461 -13.58 25.70 17.90
C GLN B 461 -13.29 26.29 19.27
N VAL B 462 -12.33 25.69 19.98
CA VAL B 462 -12.03 26.12 21.34
C VAL B 462 -11.22 27.42 21.39
N VAL B 463 -10.23 27.54 20.51
CA VAL B 463 -9.46 28.79 20.40
C VAL B 463 -9.31 29.27 18.95
N ALA B 464 -8.90 30.52 18.78
CA ALA B 464 -8.66 31.10 17.47
C ALA B 464 -7.58 32.18 17.52
N LEU B 465 -7.27 32.77 16.37
CA LEU B 465 -6.28 33.84 16.30
C LEU B 465 -6.95 35.16 15.95
N SER B 466 -6.43 36.26 16.50
CA SER B 466 -7.06 37.57 16.30
C SER B 466 -6.45 38.39 15.16
N GLY B 467 -5.12 38.40 15.07
CA GLY B 467 -4.42 39.28 14.14
C GLY B 467 -4.74 39.18 12.66
N ALA B 468 -4.10 40.04 11.86
CA ALA B 468 -4.30 40.04 10.42
C ALA B 468 -3.27 39.17 9.72
N TYR B 469 -3.74 38.28 8.84
CA TYR B 469 -2.84 37.43 8.06
C TYR B 469 -3.13 37.54 6.56
N PRO B 470 -2.11 37.32 5.73
CA PRO B 470 -2.30 37.39 4.28
C PRO B 470 -3.30 36.33 3.79
N ALA B 471 -3.06 35.06 4.13
CA ALA B 471 -3.94 33.97 3.70
C ALA B 471 -5.10 33.72 4.67
N GLU B 472 -6.29 33.53 4.11
CA GLU B 472 -7.49 33.27 4.93
C GLU B 472 -7.91 31.80 4.85
N LEU B 473 -6.99 30.95 4.39
CA LEU B 473 -7.19 29.51 4.33
C LEU B 473 -5.82 28.84 4.30
N ALA B 474 -5.45 28.17 5.38
CA ALA B 474 -4.12 27.56 5.46
C ALA B 474 -4.21 26.04 5.54
N VAL B 475 -3.64 25.35 4.56
CA VAL B 475 -3.78 23.90 4.51
C VAL B 475 -2.44 23.16 4.45
N GLY B 476 -2.32 22.10 5.25
CA GLY B 476 -1.11 21.32 5.32
C GLY B 476 -1.25 19.92 4.73
N PHE B 477 -0.19 19.45 4.08
CA PHE B 477 -0.14 18.16 3.42
C PHE B 477 0.97 17.29 3.99
N ASP B 478 0.65 16.04 4.32
CA ASP B 478 1.67 15.09 4.76
C ASP B 478 1.44 13.70 4.15
N ALA B 479 2.40 12.81 4.35
CA ALA B 479 2.30 11.44 3.89
C ALA B 479 2.82 10.51 4.98
N GLY B 480 1.99 9.57 5.42
CA GLY B 480 2.33 8.72 6.56
C GLY B 480 1.77 7.32 6.49
N GLY B 481 1.73 6.63 7.63
CA GLY B 481 1.28 5.25 7.68
C GLY B 481 2.20 4.33 6.90
N ARG B 482 3.50 4.57 7.01
CA ARG B 482 4.51 3.92 6.19
C ARG B 482 4.58 2.40 6.34
N GLU B 483 3.59 1.71 5.80
CA GLU B 483 3.67 0.27 5.61
C GLU B 483 4.49 0.01 4.35
N SER B 484 3.92 -0.74 3.40
CA SER B 484 4.54 -0.93 2.10
C SER B 484 3.99 0.11 1.13
N PHE B 485 2.97 0.83 1.59
CA PHE B 485 2.40 1.97 0.90
C PHE B 485 2.17 3.09 1.92
N ARG B 486 1.76 4.26 1.45
CA ARG B 486 1.50 5.38 2.35
C ARG B 486 0.14 6.03 2.13
N PHE B 487 -0.20 6.95 3.03
CA PHE B 487 -1.41 7.76 2.91
C PHE B 487 -1.04 9.23 2.77
N GLY B 488 -1.55 9.87 1.72
CA GLY B 488 -1.38 11.30 1.53
C GLY B 488 -2.60 12.02 2.05
N GLY B 489 -2.40 12.92 3.01
CA GLY B 489 -3.51 13.59 3.64
C GLY B 489 -3.33 15.08 3.82
N ALA B 490 -4.46 15.76 4.00
CA ALA B 490 -4.49 17.21 4.17
C ALA B 490 -5.35 17.61 5.35
N ALA B 491 -4.92 18.63 6.08
CA ALA B 491 -5.71 19.23 7.14
C ALA B 491 -5.76 20.73 6.89
N CYS B 492 -6.81 21.40 7.33
CA CYS B 492 -6.93 22.82 7.03
C CYS B 492 -7.46 23.68 8.18
N ALA B 493 -7.06 24.95 8.14
CA ALA B 493 -7.59 25.97 9.03
C ALA B 493 -8.26 27.00 8.14
N VAL B 494 -9.58 27.14 8.28
CA VAL B 494 -10.35 28.01 7.41
C VAL B 494 -10.75 29.31 8.10
N GLY B 495 -10.70 30.41 7.35
CA GLY B 495 -10.91 31.73 7.92
C GLY B 495 -9.59 32.33 8.37
N GLY B 496 -9.56 33.66 8.49
CA GLY B 496 -8.36 34.34 8.94
C GLY B 496 -8.01 33.97 10.37
N ASP B 497 -9.05 33.86 11.20
CA ASP B 497 -8.89 33.52 12.60
C ASP B 497 -8.37 32.09 12.80
N GLY B 498 -8.49 31.27 11.77
CA GLY B 498 -8.18 29.85 11.89
C GLY B 498 -9.20 29.21 12.80
N GLY B 499 -10.35 29.86 12.92
CA GLY B 499 -11.42 29.38 13.78
C GLY B 499 -12.23 28.29 13.10
N HIS B 500 -11.53 27.41 12.41
CA HIS B 500 -12.10 26.21 11.83
C HIS B 500 -11.13 25.15 11.39
N LEU B 501 -10.91 24.11 12.14
CA LEU B 501 -9.96 23.06 11.76
C LEU B 501 -10.70 21.86 11.17
N LEU B 502 -10.27 21.42 9.98
CA LEU B 502 -10.91 20.30 9.31
C LEU B 502 -9.87 19.31 8.80
N TRP B 503 -10.34 18.10 8.48
CA TRP B 503 -9.51 17.12 7.80
C TRP B 503 -10.22 16.67 6.54
N THR B 504 -9.45 16.13 5.60
CA THR B 504 -10.01 15.57 4.38
C THR B 504 -9.72 14.07 4.36
N LEU B 505 -10.47 13.33 3.54
CA LEU B 505 -10.24 11.90 3.42
C LEU B 505 -8.88 11.65 2.77
N PRO B 506 -7.97 10.96 3.49
CA PRO B 506 -6.64 10.67 2.91
C PRO B 506 -6.72 9.74 1.70
N GLU B 507 -5.62 9.59 0.99
CA GLU B 507 -5.58 8.75 -0.20
C GLU B 507 -4.38 7.81 -0.16
N ALA B 508 -4.62 6.52 -0.42
CA ALA B 508 -3.53 5.55 -0.50
C ALA B 508 -2.68 5.80 -1.75
N GLN B 509 -1.37 5.65 -1.59
CA GLN B 509 -0.41 5.96 -2.64
C GLN B 509 0.85 5.13 -2.44
N ALA B 510 1.65 4.98 -3.50
CA ALA B 510 2.80 4.09 -3.47
C ALA B 510 3.95 4.57 -2.57
N GLY B 511 4.20 5.88 -2.56
CA GLY B 511 5.33 6.41 -1.81
C GLY B 511 5.07 7.69 -1.02
N GLU B 512 6.11 8.49 -0.85
CA GLU B 512 6.04 9.77 -0.13
C GLU B 512 5.45 10.85 -1.02
N ARG B 513 5.63 10.70 -2.32
CA ARG B 513 5.06 11.63 -3.28
C ARG B 513 3.54 11.48 -3.37
N ILE B 514 2.85 12.61 -3.24
CA ILE B 514 1.41 12.65 -3.43
C ILE B 514 1.16 13.02 -4.90
N PRO B 515 0.28 12.26 -5.57
CA PRO B 515 -0.10 12.57 -6.95
C PRO B 515 -0.68 13.98 -7.07
N GLN B 516 -0.47 14.63 -8.21
CA GLN B 516 -0.96 15.98 -8.43
C GLN B 516 -2.48 16.05 -8.31
N GLU B 517 -3.16 15.05 -8.89
CA GLU B 517 -4.61 14.98 -8.83
C GLU B 517 -5.11 14.91 -7.39
N VAL B 518 -4.43 14.12 -6.56
CA VAL B 518 -4.77 14.03 -5.15
C VAL B 518 -4.61 15.39 -4.47
N VAL B 519 -3.45 16.01 -4.64
CA VAL B 519 -3.17 17.33 -4.06
C VAL B 519 -4.30 18.30 -4.41
N TRP B 520 -4.65 18.40 -5.68
CA TRP B 520 -5.71 19.31 -6.07
C TRP B 520 -7.09 18.88 -5.57
N ASP B 521 -7.34 17.58 -5.44
CA ASP B 521 -8.64 17.11 -4.96
C ASP B 521 -8.85 17.49 -3.49
N LEU B 522 -7.85 17.21 -2.67
CA LEU B 522 -7.90 17.55 -1.25
C LEU B 522 -8.01 19.07 -1.10
N LEU B 523 -7.12 19.78 -1.77
CA LEU B 523 -7.13 21.25 -1.74
C LEU B 523 -8.49 21.79 -2.18
N GLU B 524 -9.12 21.09 -3.12
CA GLU B 524 -10.44 21.48 -3.61
C GLU B 524 -11.51 21.25 -2.54
N GLU B 525 -11.37 20.17 -1.78
CA GLU B 525 -12.28 19.92 -0.67
C GLU B 525 -12.17 21.05 0.33
N THR B 526 -10.94 21.44 0.64
CA THR B 526 -10.68 22.55 1.57
C THR B 526 -11.34 23.84 1.06
N LEU B 527 -11.14 24.12 -0.23
CA LEU B 527 -11.79 25.26 -0.86
C LEU B 527 -13.29 25.20 -0.68
N TRP B 528 -13.84 23.99 -0.80
CA TRP B 528 -15.28 23.80 -0.74
C TRP B 528 -15.82 24.03 0.66
N ALA B 529 -15.04 23.59 1.64
CA ALA B 529 -15.35 23.86 3.04
C ALA B 529 -15.39 25.36 3.28
N PHE B 530 -14.39 26.06 2.74
CA PHE B 530 -14.35 27.52 2.85
C PHE B 530 -15.60 28.14 2.23
N ARG B 531 -15.96 27.62 1.06
CA ARG B 531 -17.12 28.10 0.32
C ARG B 531 -18.38 27.90 1.15
N ARG B 532 -18.38 26.85 1.95
CA ARG B 532 -19.51 26.54 2.82
C ARG B 532 -19.61 27.47 4.02
N LYS B 533 -18.49 27.74 4.65
CA LYS B 533 -18.50 28.58 5.86
C LYS B 533 -18.69 30.07 5.53
N ALA B 534 -17.93 30.56 4.56
CA ALA B 534 -17.83 32.00 4.30
C ALA B 534 -18.75 32.49 3.17
N GLY B 535 -19.20 31.57 2.34
CA GLY B 535 -20.10 31.93 1.25
C GLY B 535 -19.38 32.53 0.07
N ARG B 536 -18.09 32.21 -0.04
CA ARG B 536 -17.23 32.76 -1.10
C ARG B 536 -15.95 31.95 -1.21
N LEU B 537 -15.14 32.24 -2.22
CA LEU B 537 -13.84 31.62 -2.37
C LEU B 537 -12.79 32.42 -1.61
N PRO B 538 -11.73 31.74 -1.11
CA PRO B 538 -10.69 32.43 -0.35
C PRO B 538 -9.89 33.39 -1.24
N SER B 539 -9.60 34.57 -0.70
CA SER B 539 -8.76 35.55 -1.38
C SER B 539 -7.38 34.98 -1.64
N ARG B 540 -6.83 34.30 -0.63
CA ARG B 540 -5.48 33.76 -0.71
C ARG B 540 -5.32 32.53 0.18
N VAL B 541 -4.70 31.48 -0.34
CA VAL B 541 -4.44 30.29 0.47
C VAL B 541 -2.95 30.06 0.72
N LEU B 542 -2.66 29.40 1.83
CA LEU B 542 -1.29 29.06 2.18
C LEU B 542 -1.12 27.55 2.16
N LEU B 543 -0.37 27.06 1.18
CA LEU B 543 -0.09 25.64 1.10
C LEU B 543 1.19 25.30 1.87
N LEU B 544 1.05 24.43 2.86
CA LEU B 544 2.19 23.96 3.64
C LEU B 544 2.44 22.48 3.37
N ARG B 545 3.68 22.12 3.06
CA ARG B 545 4.04 20.73 2.80
C ARG B 545 5.03 20.20 3.84
N ASP B 546 4.72 19.07 4.46
CA ASP B 546 5.67 18.45 5.37
C ASP B 546 6.83 17.82 4.62
N GLY B 547 8.00 18.44 4.73
CA GLY B 547 9.19 17.95 4.06
C GLY B 547 9.38 18.62 2.71
N ARG B 548 10.41 18.18 1.98
CA ARG B 548 10.69 18.73 0.66
C ARG B 548 9.55 18.44 -0.30
N VAL B 549 9.26 19.38 -1.19
CA VAL B 549 8.21 19.22 -2.18
C VAL B 549 8.77 18.60 -3.45
N PRO B 550 8.39 17.34 -3.73
CA PRO B 550 8.80 16.66 -4.96
C PRO B 550 8.43 17.46 -6.19
N GLN B 551 9.19 17.30 -7.28
CA GLN B 551 8.98 18.07 -8.50
C GLN B 551 7.56 18.04 -9.03
N ASP B 552 7.00 19.22 -9.27
CA ASP B 552 5.71 19.38 -9.95
C ASP B 552 4.51 18.76 -9.21
N GLU B 553 4.71 18.41 -7.94
CA GLU B 553 3.66 17.82 -7.12
C GLU B 553 2.46 18.76 -6.98
N PHE B 554 2.74 20.06 -6.94
CA PHE B 554 1.70 21.08 -6.77
C PHE B 554 1.39 21.85 -8.06
N ALA B 555 1.91 21.36 -9.18
CA ALA B 555 1.71 22.00 -10.47
C ALA B 555 0.22 22.17 -10.79
N LEU B 556 -0.47 21.04 -10.89
CA LEU B 556 -1.89 21.00 -11.19
C LEU B 556 -2.69 21.91 -10.26
N ALA B 557 -2.48 21.75 -8.96
CA ALA B 557 -3.19 22.53 -7.95
C ALA B 557 -2.97 24.02 -8.14
N LEU B 558 -1.71 24.40 -8.35
CA LEU B 558 -1.37 25.82 -8.51
C LEU B 558 -2.03 26.40 -9.76
N GLU B 559 -2.04 25.62 -10.83
CA GLU B 559 -2.71 26.04 -12.07
C GLU B 559 -4.19 26.28 -11.82
N ALA B 560 -4.84 25.33 -11.16
CA ALA B 560 -6.27 25.45 -10.86
C ALA B 560 -6.57 26.68 -10.03
N LEU B 561 -5.80 26.85 -8.94
CA LEU B 561 -5.92 28.02 -8.08
C LEU B 561 -5.77 29.31 -8.90
N ALA B 562 -4.78 29.30 -9.80
CA ALA B 562 -4.51 30.45 -10.66
C ALA B 562 -5.71 30.79 -11.54
N ARG B 563 -6.34 29.75 -12.10
CA ARG B 563 -7.52 29.95 -12.94
C ARG B 563 -8.70 30.52 -12.16
N GLU B 564 -8.91 30.02 -10.95
CA GLU B 564 -10.08 30.45 -10.19
C GLU B 564 -9.96 31.87 -9.62
N GLY B 565 -8.75 32.43 -9.69
CA GLY B 565 -8.53 33.78 -9.18
C GLY B 565 -8.12 33.77 -7.72
N ILE B 566 -7.46 32.69 -7.31
CA ILE B 566 -7.04 32.51 -5.93
C ILE B 566 -5.53 32.63 -5.81
N ALA B 567 -5.06 33.61 -5.04
CA ALA B 567 -3.63 33.79 -4.80
C ALA B 567 -3.12 32.72 -3.84
N TYR B 568 -1.90 32.24 -4.07
CA TYR B 568 -1.37 31.16 -3.25
C TYR B 568 0.05 31.40 -2.77
N ASP B 569 0.47 30.59 -1.82
CA ASP B 569 1.86 30.53 -1.40
C ASP B 569 2.17 29.09 -1.04
N LEU B 570 3.16 28.51 -1.71
CA LEU B 570 3.58 27.16 -1.40
C LEU B 570 4.81 27.27 -0.53
N VAL B 571 4.77 26.64 0.65
CA VAL B 571 5.93 26.67 1.53
C VAL B 571 6.31 25.26 2.01
N SER B 572 7.56 24.88 1.75
CA SER B 572 8.06 23.60 2.21
C SER B 572 8.62 23.74 3.62
N VAL B 573 8.09 22.94 4.54
CA VAL B 573 8.50 23.00 5.94
C VAL B 573 9.31 21.76 6.33
N ARG B 574 10.61 21.94 6.47
CA ARG B 574 11.50 20.85 6.85
C ARG B 574 11.84 20.92 8.34
N LYS B 575 11.55 19.82 9.04
CA LYS B 575 11.68 19.75 10.50
C LYS B 575 13.11 19.53 10.97
N SER B 576 14.01 19.31 10.03
CA SER B 576 15.41 19.04 10.36
C SER B 576 16.35 19.59 9.29
N GLY B 577 17.63 19.72 9.63
CA GLY B 577 18.59 20.28 8.71
C GLY B 577 18.60 21.79 8.75
N GLY B 578 17.84 22.35 9.68
CA GLY B 578 17.86 23.77 9.93
C GLY B 578 18.98 24.12 10.88
N GLY B 579 19.61 23.07 11.43
CA GLY B 579 20.69 23.24 12.38
C GLY B 579 20.21 23.88 13.65
N ARG B 580 21.13 24.55 14.36
CA ARG B 580 20.78 25.23 15.58
C ARG B 580 20.90 26.75 15.44
N VAL B 581 20.21 27.47 16.32
CA VAL B 581 20.29 28.92 16.33
C VAL B 581 20.58 29.41 17.75
N TYR B 582 21.63 30.23 17.90
CA TYR B 582 21.96 30.75 19.21
C TYR B 582 22.01 32.27 19.25
N PRO B 583 21.57 32.87 20.38
CA PRO B 583 21.67 34.31 20.53
C PRO B 583 23.15 34.74 20.66
N VAL B 584 23.59 35.64 19.79
CA VAL B 584 24.95 36.17 19.82
C VAL B 584 25.27 36.76 21.20
N GLN B 585 24.22 37.26 21.86
CA GLN B 585 24.31 37.80 23.21
C GLN B 585 22.91 37.95 23.77
N GLY B 586 22.72 37.56 25.03
CA GLY B 586 21.44 37.70 25.67
C GLY B 586 20.65 36.40 25.73
N ARG B 587 19.36 36.50 26.00
CA ARG B 587 18.52 35.32 26.15
C ARG B 587 18.00 34.81 24.82
N LEU B 588 17.74 33.50 24.74
CA LEU B 588 17.18 32.88 23.56
C LEU B 588 15.66 33.03 23.56
N ALA B 589 15.13 33.70 22.55
CA ALA B 589 13.70 33.99 22.51
C ALA B 589 12.90 32.91 21.79
N ASP B 590 11.63 33.20 21.57
CA ASP B 590 10.70 32.25 20.98
C ASP B 590 9.81 32.97 19.99
N GLY B 591 9.98 32.63 18.71
CA GLY B 591 9.33 33.37 17.65
C GLY B 591 10.38 34.06 16.82
N LEU B 592 11.44 33.33 16.47
CA LEU B 592 12.54 33.91 15.70
C LEU B 592 12.39 33.68 14.21
N TYR B 593 12.54 34.73 13.44
CA TYR B 593 12.57 34.64 11.98
C TYR B 593 13.98 34.97 11.48
N VAL B 594 14.67 33.97 10.94
CA VAL B 594 16.04 34.16 10.49
C VAL B 594 16.14 33.97 8.98
N PRO B 595 15.94 35.05 8.21
CA PRO B 595 16.06 34.92 6.75
C PRO B 595 17.50 34.61 6.36
N LEU B 596 17.71 33.45 5.75
CA LEU B 596 19.03 33.06 5.28
C LEU B 596 19.23 33.53 3.85
N GLU B 597 19.39 32.58 2.93
CA GLU B 597 19.48 32.90 1.51
C GLU B 597 18.12 33.39 1.00
N ASP B 598 18.01 33.56 -0.32
CA ASP B 598 16.76 33.99 -0.93
C ASP B 598 15.71 32.87 -0.87
N LYS B 599 14.49 33.25 -0.50
CA LYS B 599 13.34 32.34 -0.48
C LYS B 599 13.38 31.23 0.58
N THR B 600 14.48 31.13 1.31
CA THR B 600 14.58 30.19 2.43
C THR B 600 14.90 30.92 3.73
N PHE B 601 14.40 30.38 4.85
CA PHE B 601 14.60 31.01 6.15
C PHE B 601 14.42 30.03 7.30
N LEU B 602 14.94 30.38 8.46
CA LEU B 602 14.74 29.59 9.67
C LEU B 602 13.63 30.19 10.52
N LEU B 603 12.98 29.36 11.33
CA LEU B 603 11.88 29.81 12.15
C LEU B 603 11.86 29.06 13.46
N LEU B 604 12.19 29.76 14.54
CA LEU B 604 12.12 29.19 15.88
C LEU B 604 10.72 29.46 16.42
N THR B 605 9.89 28.42 16.43
CA THR B 605 8.46 28.56 16.75
C THR B 605 8.12 28.28 18.22
N VAL B 606 8.86 27.36 18.83
CA VAL B 606 8.61 27.00 20.22
C VAL B 606 9.91 26.84 20.99
N HIS B 607 9.93 27.35 22.22
CA HIS B 607 11.08 27.17 23.09
C HIS B 607 10.68 27.25 24.55
N ARG B 608 11.10 26.25 25.31
CA ARG B 608 10.93 26.22 26.75
C ARG B 608 12.21 25.70 27.38
N ASP B 609 12.71 26.44 28.36
CA ASP B 609 13.80 25.97 29.20
C ASP B 609 13.39 24.69 29.90
N PHE B 610 14.37 23.88 30.29
CA PHE B 610 14.14 22.57 30.91
C PHE B 610 13.53 21.55 29.93
N ARG B 611 13.42 21.95 28.67
CA ARG B 611 13.09 21.02 27.59
C ARG B 611 14.40 20.58 26.96
N GLY B 612 15.27 21.55 26.71
CA GLY B 612 16.53 21.32 26.03
C GLY B 612 16.88 22.48 25.12
N THR B 613 17.40 22.16 23.94
CA THR B 613 17.78 23.17 22.96
C THR B 613 16.85 23.12 21.76
N PRO B 614 16.18 24.25 21.45
CA PRO B 614 15.20 24.26 20.36
C PRO B 614 15.82 23.96 18.99
N ARG B 615 15.08 23.23 18.17
CA ARG B 615 15.49 22.95 16.80
C ARG B 615 14.59 23.75 15.86
N PRO B 616 15.14 24.81 15.25
CA PRO B 616 14.35 25.66 14.35
C PRO B 616 13.90 24.91 13.10
N LEU B 617 12.80 25.37 12.51
CA LEU B 617 12.30 24.80 11.27
C LEU B 617 12.99 25.47 10.09
N LYS B 618 13.25 24.71 9.03
CA LYS B 618 13.81 25.29 7.81
C LYS B 618 12.69 25.39 6.79
N LEU B 619 12.35 26.60 6.38
CA LEU B 619 11.23 26.81 5.47
C LEU B 619 11.65 27.42 4.14
N VAL B 620 11.11 26.87 3.06
CA VAL B 620 11.42 27.37 1.72
C VAL B 620 10.16 27.86 1.02
N HIS B 621 10.21 29.12 0.59
CA HIS B 621 9.14 29.69 -0.23
C HIS B 621 9.28 29.09 -1.63
N GLU B 622 8.47 28.08 -1.92
CA GLU B 622 8.60 27.33 -3.16
C GLU B 622 7.87 27.98 -4.33
N ALA B 623 6.80 28.70 -4.01
CA ALA B 623 5.99 29.39 -5.03
C ALA B 623 5.08 30.41 -4.35
N GLY B 624 4.90 31.56 -5.01
CA GLY B 624 4.07 32.62 -4.46
C GLY B 624 4.73 33.99 -4.51
N ASP B 625 3.98 35.02 -4.11
CA ASP B 625 4.47 36.40 -4.19
C ASP B 625 4.42 37.12 -2.84
N THR B 626 4.04 36.39 -1.80
CA THR B 626 3.95 36.97 -0.46
C THR B 626 5.36 37.12 0.13
N PRO B 627 5.62 38.25 0.79
CA PRO B 627 6.89 38.50 1.48
C PRO B 627 7.19 37.47 2.57
N LEU B 628 8.45 37.04 2.65
CA LEU B 628 8.90 36.03 3.60
C LEU B 628 8.54 36.32 5.06
N GLU B 629 8.68 37.58 5.49
CA GLU B 629 8.40 37.96 6.87
C GLU B 629 6.92 37.73 7.19
N ALA B 630 6.07 37.96 6.21
CA ALA B 630 4.63 37.77 6.37
C ALA B 630 4.27 36.30 6.53
N LEU B 631 4.94 35.45 5.75
CA LEU B 631 4.74 34.01 5.82
C LEU B 631 5.23 33.46 7.15
N ALA B 632 6.41 33.90 7.58
CA ALA B 632 6.96 33.49 8.87
C ALA B 632 5.99 33.88 9.97
N HIS B 633 5.47 35.11 9.86
CA HIS B 633 4.46 35.62 10.78
C HIS B 633 3.26 34.67 10.87
N GLN B 634 2.64 34.42 9.73
CA GLN B 634 1.45 33.57 9.68
C GLN B 634 1.68 32.15 10.21
N ILE B 635 2.78 31.54 9.79
CA ILE B 635 3.11 30.17 10.21
C ILE B 635 3.33 30.11 11.73
N PHE B 636 4.19 31.00 12.22
CA PHE B 636 4.47 31.08 13.65
C PHE B 636 3.18 31.24 14.46
N HIS B 637 2.28 32.10 14.00
CA HIS B 637 1.00 32.24 14.68
C HIS B 637 0.11 31.00 14.55
N LEU B 638 0.20 30.32 13.41
CA LEU B 638 -0.55 29.09 13.18
C LEU B 638 -0.08 28.00 14.13
N THR B 639 1.11 28.15 14.66
CA THR B 639 1.64 27.21 15.64
C THR B 639 0.82 27.16 16.95
N ARG B 640 0.12 28.24 17.28
CA ARG B 640 -0.66 28.32 18.51
C ARG B 640 -2.10 27.82 18.42
N LEU B 641 -2.54 27.49 17.20
CA LEU B 641 -3.94 27.11 16.96
C LEU B 641 -4.33 25.74 17.51
N TYR B 642 -3.35 24.86 17.70
CA TYR B 642 -3.62 23.48 18.07
C TYR B 642 -4.30 23.36 19.45
N PRO B 643 -5.57 22.90 19.46
CA PRO B 643 -6.44 22.91 20.63
C PRO B 643 -6.30 21.71 21.57
N ALA B 644 -5.77 20.59 21.09
CA ALA B 644 -5.69 19.37 21.90
C ALA B 644 -4.52 19.37 22.88
N SER B 645 -3.59 20.30 22.70
CA SER B 645 -2.49 20.49 23.65
C SER B 645 -2.71 21.78 24.42
N GLY B 646 -3.05 21.66 25.69
CA GLY B 646 -3.52 22.80 26.46
C GLY B 646 -2.48 23.65 27.17
N PHE B 647 -1.28 23.11 27.36
CA PHE B 647 -0.25 23.81 28.12
C PHE B 647 1.07 23.92 27.37
N ALA B 648 1.07 23.47 26.13
CA ALA B 648 2.28 23.52 25.31
C ALA B 648 1.92 23.60 23.82
N PHE B 649 2.57 24.50 23.09
CA PHE B 649 2.31 24.63 21.67
C PHE B 649 3.24 23.72 20.86
N PRO B 650 2.70 23.13 19.78
CA PRO B 650 3.50 22.27 18.89
C PRO B 650 4.48 23.08 18.07
N ARG B 651 5.55 22.45 17.60
CA ARG B 651 6.58 23.11 16.82
C ARG B 651 6.11 23.46 15.41
N LEU B 652 5.26 22.60 14.86
CA LEU B 652 4.73 22.79 13.50
C LEU B 652 3.48 23.66 13.52
N PRO B 653 3.18 24.30 12.38
CA PRO B 653 1.90 25.01 12.28
C PRO B 653 0.75 24.00 12.38
N ALA B 654 -0.36 24.41 13.01
CA ALA B 654 -1.50 23.51 13.28
C ALA B 654 -1.96 22.60 12.12
N PRO B 655 -2.08 23.14 10.89
CA PRO B 655 -2.51 22.24 9.81
C PRO B 655 -1.54 21.09 9.56
N LEU B 656 -0.24 21.33 9.66
CA LEU B 656 0.76 20.27 9.45
C LEU B 656 0.76 19.25 10.58
N HIS B 657 0.63 19.74 11.82
CA HIS B 657 0.57 18.87 12.98
C HIS B 657 -0.65 17.95 12.84
N LEU B 658 -1.78 18.57 12.51
CA LEU B 658 -3.03 17.85 12.29
C LEU B 658 -2.91 16.84 11.15
N ALA B 659 -2.24 17.22 10.07
CA ALA B 659 -2.05 16.34 8.92
C ALA B 659 -1.20 15.13 9.30
N ASP B 660 -0.19 15.39 10.12
CA ASP B 660 0.70 14.36 10.62
C ASP B 660 -0.10 13.33 11.44
N ARG B 661 -0.77 13.81 12.48
CA ARG B 661 -1.53 12.91 13.35
C ARG B 661 -2.67 12.23 12.57
N LEU B 662 -3.16 12.89 11.54
CA LEU B 662 -4.21 12.35 10.66
C LEU B 662 -3.72 11.15 9.88
N VAL B 663 -2.70 11.34 9.05
CA VAL B 663 -2.16 10.22 8.28
C VAL B 663 -1.64 9.10 9.18
N LYS B 664 -1.14 9.46 10.36
CA LYS B 664 -0.73 8.43 11.32
C LYS B 664 -1.92 7.59 11.78
N GLU B 665 -2.99 8.26 12.23
CA GLU B 665 -4.15 7.54 12.74
C GLU B 665 -4.90 6.77 11.67
N VAL B 666 -4.89 7.27 10.44
CA VAL B 666 -5.55 6.59 9.33
C VAL B 666 -4.74 5.38 8.91
N GLY B 667 -3.43 5.55 8.85
CA GLY B 667 -2.55 4.42 8.53
C GLY B 667 -2.61 3.37 9.62
N ARG B 668 -2.92 3.80 10.83
CA ARG B 668 -2.93 2.91 11.99
C ARG B 668 -4.25 2.14 12.13
N LEU B 669 -5.36 2.83 11.92
CA LEU B 669 -6.68 2.24 12.08
C LEU B 669 -7.20 1.67 10.77
N GLY B 670 -7.04 2.43 9.69
CA GLY B 670 -7.59 2.06 8.42
C GLY B 670 -8.57 3.13 7.96
N ILE B 671 -8.69 3.29 6.65
CA ILE B 671 -9.51 4.36 6.09
C ILE B 671 -10.99 4.00 6.06
N ARG B 672 -11.28 2.71 6.18
CA ARG B 672 -12.64 2.18 5.98
C ARG B 672 -13.67 2.66 7.02
N HIS B 673 -13.19 3.29 8.09
CA HIS B 673 -14.07 3.69 9.18
C HIS B 673 -14.55 5.15 9.06
N LEU B 674 -13.94 5.89 8.13
CA LEU B 674 -14.09 7.35 8.11
C LEU B 674 -15.24 7.84 7.23
N LYS B 675 -16.09 6.94 6.78
CA LYS B 675 -17.12 7.32 5.81
C LYS B 675 -18.25 8.15 6.41
N GLU B 676 -18.57 7.88 7.68
CA GLU B 676 -19.64 8.61 8.37
C GLU B 676 -19.12 9.55 9.45
N VAL B 677 -17.87 9.98 9.34
CA VAL B 677 -17.29 10.87 10.34
C VAL B 677 -17.25 12.29 9.81
N ASP B 678 -17.71 13.25 10.60
CA ASP B 678 -17.71 14.66 10.19
C ASP B 678 -16.28 15.19 10.06
N ARG B 679 -16.05 16.04 9.08
CA ARG B 679 -14.72 16.60 8.84
C ARG B 679 -14.37 17.73 9.80
N GLU B 680 -15.39 18.30 10.45
CA GLU B 680 -15.16 19.35 11.45
C GLU B 680 -14.60 18.74 12.73
N LYS B 681 -14.75 17.44 12.86
CA LYS B 681 -14.34 16.70 14.05
C LYS B 681 -12.93 16.14 13.92
N LEU B 682 -12.05 16.52 14.84
CA LEU B 682 -10.65 16.09 14.79
C LEU B 682 -10.43 14.75 15.49
N PHE B 683 -10.97 13.67 14.90
CA PHE B 683 -10.99 12.35 15.53
C PHE B 683 -9.62 11.77 15.88
N PHE B 684 -8.56 12.39 15.36
CA PHE B 684 -7.23 11.80 15.37
C PHE B 684 -6.26 12.44 16.37
N VAL B 685 -6.67 13.52 17.01
CA VAL B 685 -5.82 14.22 17.97
C VAL B 685 -5.71 13.48 19.30
#